data_1XOK
# 
_entry.id   1XOK 
# 
_audit_conform.dict_name       mmcif_pdbx.dic 
_audit_conform.dict_version    5.386 
_audit_conform.dict_location   http://mmcif.pdb.org/dictionaries/ascii/mmcif_pdbx.dic 
# 
loop_
_database_2.database_id 
_database_2.database_code 
_database_2.pdbx_database_accession 
_database_2.pdbx_DOI 
PDB   1XOK         pdb_00001xok 10.2210/pdb1xok/pdb 
NDB   PR0141       ?            ?                   
RCSB  RCSB030582   ?            ?                   
WWPDB D_1000030582 ?            ?                   
# 
loop_
_pdbx_audit_revision_history.ordinal 
_pdbx_audit_revision_history.data_content_type 
_pdbx_audit_revision_history.major_revision 
_pdbx_audit_revision_history.minor_revision 
_pdbx_audit_revision_history.revision_date 
1 'Structure model' 1 0 2005-01-04 
2 'Structure model' 1 1 2008-04-30 
3 'Structure model' 1 2 2011-07-13 
4 'Structure model' 1 3 2024-02-14 
# 
_pdbx_audit_revision_details.ordinal             1 
_pdbx_audit_revision_details.revision_ordinal    1 
_pdbx_audit_revision_details.data_content_type   'Structure model' 
_pdbx_audit_revision_details.provider            repository 
_pdbx_audit_revision_details.type                'Initial release' 
_pdbx_audit_revision_details.description         ? 
_pdbx_audit_revision_details.details             ? 
# 
loop_
_pdbx_audit_revision_group.ordinal 
_pdbx_audit_revision_group.revision_ordinal 
_pdbx_audit_revision_group.data_content_type 
_pdbx_audit_revision_group.group 
1 2 'Structure model' 'Version format compliance' 
2 3 'Structure model' Advisory                    
3 3 'Structure model' 'Refinement description'    
4 3 'Structure model' 'Version format compliance' 
5 4 'Structure model' 'Data collection'           
6 4 'Structure model' 'Database references'       
7 4 'Structure model' 'Derived calculations'      
# 
loop_
_pdbx_audit_revision_category.ordinal 
_pdbx_audit_revision_category.revision_ordinal 
_pdbx_audit_revision_category.data_content_type 
_pdbx_audit_revision_category.category 
1 4 'Structure model' chem_comp_atom 
2 4 'Structure model' chem_comp_bond 
3 4 'Structure model' database_2     
4 4 'Structure model' struct_conn    
5 4 'Structure model' struct_site    
# 
loop_
_pdbx_audit_revision_item.ordinal 
_pdbx_audit_revision_item.revision_ordinal 
_pdbx_audit_revision_item.data_content_type 
_pdbx_audit_revision_item.item 
1 4 'Structure model' '_database_2.pdbx_DOI'                
2 4 'Structure model' '_database_2.pdbx_database_accession' 
3 4 'Structure model' '_struct_conn.pdbx_leaving_atom_flag' 
4 4 'Structure model' '_struct_site.pdbx_auth_asym_id'      
5 4 'Structure model' '_struct_site.pdbx_auth_comp_id'      
6 4 'Structure model' '_struct_site.pdbx_auth_seq_id'       
# 
_pdbx_database_status.status_code                     REL 
_pdbx_database_status.entry_id                        1XOK 
_pdbx_database_status.recvd_initial_deposition_date   2004-10-06 
_pdbx_database_status.deposit_site                    RCSB 
_pdbx_database_status.process_site                    RCSB 
_pdbx_database_status.status_code_sf                  REL 
_pdbx_database_status.status_code_mr                  ? 
_pdbx_database_status.SG_entry                        ? 
_pdbx_database_status.pdb_format_compatible           Y 
_pdbx_database_status.status_code_cs                  ? 
_pdbx_database_status.status_code_nmr_data            ? 
_pdbx_database_status.methods_development_category    ? 
# 
loop_
_audit_author.name 
_audit_author.pdbx_ordinal 
'Guogas, L.M.' 1 
'Filman, D.J.' 2 
'Hogle, J.M.'  3 
'Gehrke, L.'   4 
# 
_citation.id                        primary 
_citation.title                     'Cofolding organizes alfalfa mosaic virus RNA and coat protein for replication.' 
_citation.journal_abbrev            Science 
_citation.journal_volume            306 
_citation.page_first                2108 
_citation.page_last                 2111 
_citation.year                      2004 
_citation.journal_id_ASTM           SCIEAS 
_citation.country                   US 
_citation.journal_id_ISSN           0036-8075 
_citation.journal_id_CSD            0038 
_citation.book_publisher            ? 
_citation.pdbx_database_id_PubMed   15604410 
_citation.pdbx_database_id_DOI      10.1126/science.1103399 
# 
loop_
_citation_author.citation_id 
_citation_author.name 
_citation_author.ordinal 
_citation_author.identifier_ORCID 
primary 'Guogas, L.M.' 1 ? 
primary 'Filman, D.J.' 2 ? 
primary 'Hogle, J.M.'  3 ? 
primary 'Gehrke, L.'   4 ? 
# 
loop_
_entity.id 
_entity.type 
_entity.src_method 
_entity.pdbx_description 
_entity.formula_weight 
_entity.pdbx_number_of_molecules 
_entity.pdbx_ec 
_entity.pdbx_mutation 
_entity.pdbx_fragment 
_entity.details 
1 polymer     syn 
;alfalfa mosaic virus RNA 3' UTR
;
9533.723 1 ? ? 'amv rna bases 843-872'          ? 
2 polymer     syn 
;alfalfa mosaic virus RNA 3' UTR
;
2934.831 1 ? ? 'amv rna bases 873-881'          ? 
3 polymer     syn 'Coat protein'                    2756.170 2 ? ? 'amv coat protein residues 1-26' ? 
4 non-polymer syn 'BROMIDE ION'                     79.904   1 ? ? ?                                ? 
5 water       nat water                             18.015   7 ? ? ?                                ? 
# 
loop_
_entity_poly.entity_id 
_entity_poly.type 
_entity_poly.nstd_linkage 
_entity_poly.nstd_monomer 
_entity_poly.pdbx_seq_one_letter_code 
_entity_poly.pdbx_seq_one_letter_code_can 
_entity_poly.pdbx_strand_id 
_entity_poly.pdbx_target_identifier 
1 polyribonucleotide no no AUGCUCAUGCAAAACUGCAUGAAUGCCCCU AUGCUCAUGCAAAACUGCAUGAAUGCCCCU A   ? 
2 polyribonucleotide no no AAGGGAUGC                      AAGGGAUGC                      B   ? 
3 'polypeptide(L)'   no no SSSQKKAGGKAGKPTKRSQNYAALRK     SSSQKKAGGKAGKPTKRSQNYAALRK     C,D ? 
# 
loop_
_pdbx_entity_nonpoly.entity_id 
_pdbx_entity_nonpoly.name 
_pdbx_entity_nonpoly.comp_id 
4 'BROMIDE ION' BR  
5 water         HOH 
# 
loop_
_entity_poly_seq.entity_id 
_entity_poly_seq.num 
_entity_poly_seq.mon_id 
_entity_poly_seq.hetero 
1 1  A   n 
1 2  U   n 
1 3  G   n 
1 4  C   n 
1 5  U   n 
1 6  C   n 
1 7  A   n 
1 8  U   n 
1 9  G   n 
1 10 C   n 
1 11 A   n 
1 12 A   n 
1 13 A   n 
1 14 A   n 
1 15 C   n 
1 16 U   n 
1 17 G   n 
1 18 C   n 
1 19 A   n 
1 20 U   n 
1 21 G   n 
1 22 A   n 
1 23 A   n 
1 24 U   n 
1 25 G   n 
1 26 C   n 
1 27 C   n 
1 28 C   n 
1 29 C   n 
1 30 U   n 
2 1  A   n 
2 2  A   n 
2 3  G   n 
2 4  G   n 
2 5  G   n 
2 6  A   n 
2 7  U   n 
2 8  G   n 
2 9  C   n 
3 1  SER n 
3 2  SER n 
3 3  SER n 
3 4  GLN n 
3 5  LYS n 
3 6  LYS n 
3 7  ALA n 
3 8  GLY n 
3 9  GLY n 
3 10 LYS n 
3 11 ALA n 
3 12 GLY n 
3 13 LYS n 
3 14 PRO n 
3 15 THR n 
3 16 LYS n 
3 17 ARG n 
3 18 SER n 
3 19 GLN n 
3 20 ASN n 
3 21 TYR n 
3 22 ALA n 
3 23 ALA n 
3 24 LEU n 
3 25 ARG n 
3 26 LYS n 
# 
loop_
_pdbx_entity_src_syn.entity_id 
_pdbx_entity_src_syn.pdbx_src_id 
_pdbx_entity_src_syn.pdbx_alt_source_flag 
_pdbx_entity_src_syn.pdbx_beg_seq_num 
_pdbx_entity_src_syn.pdbx_end_seq_num 
_pdbx_entity_src_syn.organism_scientific 
_pdbx_entity_src_syn.organism_common_name 
_pdbx_entity_src_syn.ncbi_taxonomy_id 
_pdbx_entity_src_syn.details 
1 1 sample ? ? ? ? ? 'rna synthesis dharmacon research'                
2 1 sample ? ? ? ? ? 'rna synthesis dharmacon research'                
3 1 sample ? ? ? ? ? 'peptide synthesis by mit biopolymers laboratory' 
# 
loop_
_chem_comp.id 
_chem_comp.type 
_chem_comp.mon_nstd_flag 
_chem_comp.name 
_chem_comp.pdbx_synonyms 
_chem_comp.formula 
_chem_comp.formula_weight 
A   'RNA linking'       y "ADENOSINE-5'-MONOPHOSPHATE" ? 'C10 H14 N5 O7 P' 347.221 
ALA 'L-peptide linking' y ALANINE                      ? 'C3 H7 N O2'      89.093  
ARG 'L-peptide linking' y ARGININE                     ? 'C6 H15 N4 O2 1'  175.209 
ASN 'L-peptide linking' y ASPARAGINE                   ? 'C4 H8 N2 O3'     132.118 
BR  non-polymer         . 'BROMIDE ION'                ? 'Br -1'           79.904  
C   'RNA linking'       y "CYTIDINE-5'-MONOPHOSPHATE"  ? 'C9 H14 N3 O8 P'  323.197 
G   'RNA linking'       y "GUANOSINE-5'-MONOPHOSPHATE" ? 'C10 H14 N5 O8 P' 363.221 
GLN 'L-peptide linking' y GLUTAMINE                    ? 'C5 H10 N2 O3'    146.144 
GLY 'peptide linking'   y GLYCINE                      ? 'C2 H5 N O2'      75.067  
HOH non-polymer         . WATER                        ? 'H2 O'            18.015  
LEU 'L-peptide linking' y LEUCINE                      ? 'C6 H13 N O2'     131.173 
LYS 'L-peptide linking' y LYSINE                       ? 'C6 H15 N2 O2 1'  147.195 
PRO 'L-peptide linking' y PROLINE                      ? 'C5 H9 N O2'      115.130 
SER 'L-peptide linking' y SERINE                       ? 'C3 H7 N O3'      105.093 
THR 'L-peptide linking' y THREONINE                    ? 'C4 H9 N O3'      119.119 
TYR 'L-peptide linking' y TYROSINE                     ? 'C9 H11 N O3'     181.189 
U   'RNA linking'       y "URIDINE-5'-MONOPHOSPHATE"   ? 'C9 H13 N2 O9 P'  324.181 
# 
loop_
_pdbx_poly_seq_scheme.asym_id 
_pdbx_poly_seq_scheme.entity_id 
_pdbx_poly_seq_scheme.seq_id 
_pdbx_poly_seq_scheme.mon_id 
_pdbx_poly_seq_scheme.ndb_seq_num 
_pdbx_poly_seq_scheme.pdb_seq_num 
_pdbx_poly_seq_scheme.auth_seq_num 
_pdbx_poly_seq_scheme.pdb_mon_id 
_pdbx_poly_seq_scheme.auth_mon_id 
_pdbx_poly_seq_scheme.pdb_strand_id 
_pdbx_poly_seq_scheme.pdb_ins_code 
_pdbx_poly_seq_scheme.hetero 
A 1 1  A   1  843 843 A   A   A . n 
A 1 2  U   2  844 844 U   U   A . n 
A 1 3  G   3  845 845 G   G   A . n 
A 1 4  C   4  846 846 C   C   A . n 
A 1 5  U   5  847 847 U   U   A . n 
A 1 6  C   6  848 848 C   C   A . n 
A 1 7  A   7  849 849 A   A   A . n 
A 1 8  U   8  850 850 U   U   A . n 
A 1 9  G   9  851 851 G   G   A . n 
A 1 10 C   10 852 852 C   C   A . n 
A 1 11 A   11 853 ?   ?   ?   A . n 
A 1 12 A   12 854 ?   ?   ?   A . n 
A 1 13 A   13 855 ?   ?   ?   A . n 
A 1 14 A   14 856 856 A   A   A . n 
A 1 15 C   15 857 857 C   C   A . n 
A 1 16 U   16 858 858 U   U   A . n 
A 1 17 G   17 859 859 G   G   A . n 
A 1 18 C   18 860 860 C   C   A . n 
A 1 19 A   19 861 861 A   A   A . n 
A 1 20 U   20 862 862 U   U   A . n 
A 1 21 G   21 863 863 G   G   A . n 
A 1 22 A   22 864 864 A   A   A . n 
A 1 23 A   23 865 865 A   A   A . n 
A 1 24 U   24 866 866 U   U   A . n 
A 1 25 G   25 867 867 G   G   A . n 
A 1 26 C   26 868 868 C   C   A . n 
A 1 27 C   27 869 869 C   C   A . n 
A 1 28 C   28 870 870 C   C   A . n 
A 1 29 C   29 871 871 C   C   A . n 
A 1 30 U   30 872 872 U   U   A . n 
B 2 1  A   1  873 873 A   A   B . n 
B 2 2  A   2  874 874 A   A   B . n 
B 2 3  G   3  875 875 G   G   B . n 
B 2 4  G   4  876 876 G   G   B . n 
B 2 5  G   5  877 877 G   G   B . n 
B 2 6  A   6  878 878 A   A   B . n 
B 2 7  U   7  879 879 U   U   B . n 
B 2 8  G   8  880 880 G   G   B . n 
B 2 9  C   9  881 881 C   C   B . n 
C 3 1  SER 1  1   ?   ?   ?   C . n 
C 3 2  SER 2  2   ?   ?   ?   C . n 
C 3 3  SER 3  3   ?   ?   ?   C . n 
C 3 4  GLN 4  4   ?   ?   ?   C . n 
C 3 5  LYS 5  5   ?   ?   ?   C . n 
C 3 6  LYS 6  6   ?   ?   ?   C . n 
C 3 7  ALA 7  7   ?   ?   ?   C . n 
C 3 8  GLY 8  8   ?   ?   ?   C . n 
C 3 9  GLY 9  9   ?   ?   ?   C . n 
C 3 10 LYS 10 10  ?   ?   ?   C . n 
C 3 11 ALA 11 11  ?   ?   ?   C . n 
C 3 12 GLY 12 12  12  GLY GLY C . n 
C 3 13 LYS 13 13  13  LYS LYS C . n 
C 3 14 PRO 14 14  14  PRO PRO C . n 
C 3 15 THR 15 15  15  THR THR C . n 
C 3 16 LYS 16 16  16  LYS LYS C . n 
C 3 17 ARG 17 17  17  ARG ARG C . n 
C 3 18 SER 18 18  18  SER SER C . n 
C 3 19 GLN 19 19  19  GLN GLN C . n 
C 3 20 ASN 20 20  20  ASN ASN C . n 
C 3 21 TYR 21 21  21  TYR TYR C . n 
C 3 22 ALA 22 22  22  ALA ALA C . n 
C 3 23 ALA 23 23  23  ALA ALA C . n 
C 3 24 LEU 24 24  24  LEU LEU C . n 
C 3 25 ARG 25 25  25  ARG ARG C . n 
C 3 26 LYS 26 26  26  LYS LYS C . n 
D 3 1  SER 1  1   ?   ?   ?   D . n 
D 3 2  SER 2  2   ?   ?   ?   D . n 
D 3 3  SER 3  3   ?   ?   ?   D . n 
D 3 4  GLN 4  4   ?   ?   ?   D . n 
D 3 5  LYS 5  5   ?   ?   ?   D . n 
D 3 6  LYS 6  6   ?   ?   ?   D . n 
D 3 7  ALA 7  7   ?   ?   ?   D . n 
D 3 8  GLY 8  8   ?   ?   ?   D . n 
D 3 9  GLY 9  9   9   GLY GLY D . n 
D 3 10 LYS 10 10  10  LYS LYS D . n 
D 3 11 ALA 11 11  11  ALA ALA D . n 
D 3 12 GLY 12 12  12  GLY GLY D . n 
D 3 13 LYS 13 13  13  LYS LYS D . n 
D 3 14 PRO 14 14  14  PRO PRO D . n 
D 3 15 THR 15 15  15  THR THR D . n 
D 3 16 LYS 16 16  16  LYS LYS D . n 
D 3 17 ARG 17 17  17  ARG ARG D . n 
D 3 18 SER 18 18  18  SER SER D . n 
D 3 19 GLN 19 19  19  GLN GLN D . n 
D 3 20 ASN 20 20  20  ASN ASN D . n 
D 3 21 TYR 21 21  21  TYR TYR D . n 
D 3 22 ALA 22 22  22  ALA ALA D . n 
D 3 23 ALA 23 23  23  ALA ALA D . n 
D 3 24 LEU 24 24  24  LEU LEU D . n 
D 3 25 ARG 25 25  25  ARG ARG D . n 
D 3 26 LYS 26 26  26  LYS LYS D . n 
# 
loop_
_pdbx_nonpoly_scheme.asym_id 
_pdbx_nonpoly_scheme.entity_id 
_pdbx_nonpoly_scheme.mon_id 
_pdbx_nonpoly_scheme.ndb_seq_num 
_pdbx_nonpoly_scheme.pdb_seq_num 
_pdbx_nonpoly_scheme.auth_seq_num 
_pdbx_nonpoly_scheme.pdb_mon_id 
_pdbx_nonpoly_scheme.auth_mon_id 
_pdbx_nonpoly_scheme.pdb_strand_id 
_pdbx_nonpoly_scheme.pdb_ins_code 
E 4 BR  1 1  1 BR  BR  A . 
F 5 HOH 1 2  2 HOH HOH A . 
F 5 HOH 2 3  3 HOH HOH A . 
F 5 HOH 3 4  4 HOH HOH A . 
F 5 HOH 4 5  5 HOH HOH A . 
G 5 HOH 1 8  8 HOH HOH B . 
H 5 HOH 1 27 6 HOH HOH D . 
H 5 HOH 2 28 7 HOH HOH D . 
# 
loop_
_pdbx_unobs_or_zero_occ_atoms.id 
_pdbx_unobs_or_zero_occ_atoms.PDB_model_num 
_pdbx_unobs_or_zero_occ_atoms.polymer_flag 
_pdbx_unobs_or_zero_occ_atoms.occupancy_flag 
_pdbx_unobs_or_zero_occ_atoms.auth_asym_id 
_pdbx_unobs_or_zero_occ_atoms.auth_comp_id 
_pdbx_unobs_or_zero_occ_atoms.auth_seq_id 
_pdbx_unobs_or_zero_occ_atoms.PDB_ins_code 
_pdbx_unobs_or_zero_occ_atoms.auth_atom_id 
_pdbx_unobs_or_zero_occ_atoms.label_alt_id 
_pdbx_unobs_or_zero_occ_atoms.label_asym_id 
_pdbx_unobs_or_zero_occ_atoms.label_comp_id 
_pdbx_unobs_or_zero_occ_atoms.label_seq_id 
_pdbx_unobs_or_zero_occ_atoms.label_atom_id 
1  1 Y 1 C LYS 13 ? CG ? C LYS 13 CG 
2  1 Y 1 C LYS 13 ? CD ? C LYS 13 CD 
3  1 Y 1 C LYS 13 ? CE ? C LYS 13 CE 
4  1 Y 1 C LYS 13 ? NZ ? C LYS 13 NZ 
5  1 Y 1 D LYS 10 ? CG ? D LYS 10 CG 
6  1 Y 1 D LYS 10 ? CD ? D LYS 10 CD 
7  1 Y 1 D LYS 10 ? CE ? D LYS 10 CE 
8  1 Y 1 D LYS 10 ? NZ ? D LYS 10 NZ 
9  1 Y 1 D LYS 16 ? CG ? D LYS 16 CG 
10 1 Y 1 D LYS 16 ? CD ? D LYS 16 CD 
11 1 Y 1 D LYS 16 ? CE ? D LYS 16 CE 
12 1 Y 1 D LYS 16 ? NZ ? D LYS 16 NZ 
13 1 Y 1 D LYS 26 ? CG ? D LYS 26 CG 
14 1 Y 1 D LYS 26 ? CD ? D LYS 26 CD 
15 1 Y 1 D LYS 26 ? CE ? D LYS 26 CE 
16 1 Y 1 D LYS 26 ? NZ ? D LYS 26 NZ 
# 
loop_
_software.name 
_software.classification 
_software.version 
_software.citation_id 
_software.pdbx_ordinal 
REFMAC    refinement       5.1.19 ? 1 
HKL-2000  'data reduction' .      ? 2 
SCALEPACK 'data scaling'   .      ? 3 
SHARP     phasing          .      ? 4 
# 
_cell.entry_id           1XOK 
_cell.length_a           50.1 
_cell.length_b           123.0 
_cell.length_c           53.6 
_cell.angle_alpha        90.00 
_cell.angle_beta         90.00 
_cell.angle_gamma        90.00 
_cell.Z_PDB              16 
_cell.pdbx_unique_axis   ? 
_cell.length_a_esd       ? 
_cell.length_b_esd       ? 
_cell.length_c_esd       ? 
_cell.angle_alpha_esd    ? 
_cell.angle_beta_esd     ? 
_cell.angle_gamma_esd    ? 
# 
_symmetry.entry_id                         1XOK 
_symmetry.space_group_name_H-M             'C 2 2 21' 
_symmetry.pdbx_full_space_group_name_H-M   ? 
_symmetry.cell_setting                     ? 
_symmetry.Int_Tables_number                20 
_symmetry.space_group_name_Hall            ? 
# 
_exptl.entry_id          1XOK 
_exptl.method            'X-RAY DIFFRACTION' 
_exptl.crystals_number   2 
# 
_exptl_crystal.id                    1 
_exptl_crystal.density_meas          ? 
_exptl_crystal.density_Matthews      2.3 
_exptl_crystal.density_percent_sol   46 
_exptl_crystal.description           ? 
_exptl_crystal.F_000                 ? 
_exptl_crystal.preparation           ? 
# 
_exptl_crystal_grow.crystal_id      1 
_exptl_crystal_grow.method          'VAPOR DIFFUSION, HANGING DROP' 
_exptl_crystal_grow.temp            295 
_exptl_crystal_grow.temp_details    ? 
_exptl_crystal_grow.pH              5.6 
_exptl_crystal_grow.pdbx_details    
;2.45M ammonium sulfate, 0.01M magnesium acetate, 0.01M mes, 0.001M samarium chloride, pH 5.6, VAPOR DIFFUSION, HANGING DROP, temperature 295K
;
_exptl_crystal_grow.pdbx_pH_range   . 
# 
loop_
_diffrn.id 
_diffrn.ambient_temp 
_diffrn.ambient_temp_details 
_diffrn.crystal_id 
1   100 ? 1 
2   100 ? 1 
1,2 ?   ? 1 
# 
loop_
_diffrn_detector.diffrn_id 
_diffrn_detector.detector 
_diffrn_detector.type 
_diffrn_detector.pdbx_collection_date 
_diffrn_detector.details 
1 CCD CUSTOM-MADE 2003-08-10 ? 
2 CCD CUSTOM-MADE 2003-08-10 ? 
# 
loop_
_diffrn_radiation.diffrn_id 
_diffrn_radiation.wavelength_id 
_diffrn_radiation.pdbx_monochromatic_or_laue_m_l 
_diffrn_radiation.monochromator 
_diffrn_radiation.pdbx_diffrn_protocol 
_diffrn_radiation.pdbx_scattering_type 
1 1 M monochromator MAD                 x-ray 
2 1 M monochromator 'SINGLE WAVELENGTH' x-ray 
# 
loop_
_diffrn_radiation_wavelength.id 
_diffrn_radiation_wavelength.wavelength 
_diffrn_radiation_wavelength.wt 
1 0.91942 1.0 
2 0.91997 1.0 
3 0.92181 1.0 
# 
loop_
_diffrn_source.diffrn_id 
_diffrn_source.source 
_diffrn_source.type 
_diffrn_source.pdbx_synchrotron_site 
_diffrn_source.pdbx_synchrotron_beamline 
_diffrn_source.pdbx_wavelength 
_diffrn_source.pdbx_wavelength_list 
1 SYNCHROTRON 'APS BEAMLINE 19-ID' APS 19-ID ? '0.91942, 0.91997, 0.92181' 
2 SYNCHROTRON 'APS BEAMLINE 19-ID' APS 19-ID ? 0.91942                     
# 
_reflns.entry_id                     1XOK 
_reflns.observed_criterion_sigma_F   0.0 
_reflns.observed_criterion_sigma_I   0.0 
_reflns.d_resolution_high            3.0 
_reflns.d_resolution_low             99.0 
_reflns.number_all                   3508 
_reflns.number_obs                   3487 
_reflns.percent_possible_obs         99.4 
_reflns.pdbx_Rmerge_I_obs            ? 
_reflns.pdbx_Rsym_value              0.085 
_reflns.pdbx_netI_over_sigmaI        25.0 
_reflns.B_iso_Wilson_estimate        ? 
_reflns.pdbx_redundancy              11.9 
_reflns.R_free_details               ? 
_reflns.pdbx_chi_squared             ? 
_reflns.pdbx_scaling_rejects         ? 
_reflns.pdbx_ordinal                 1 
_reflns.pdbx_diffrn_id               1,2 
# 
_reflns_shell.d_res_high             3.0 
_reflns_shell.d_res_low              3.19 
_reflns_shell.percent_possible_all   98.1 
_reflns_shell.Rmerge_I_obs           ? 
_reflns_shell.pdbx_Rsym_value        0.405 
_reflns_shell.meanI_over_sigI_obs    4.4 
_reflns_shell.pdbx_redundancy        ? 
_reflns_shell.percent_possible_obs   ? 
_reflns_shell.number_unique_all      ? 
_reflns_shell.number_measured_all    ? 
_reflns_shell.number_measured_obs    ? 
_reflns_shell.number_unique_obs      ? 
_reflns_shell.pdbx_chi_squared       ? 
_reflns_shell.pdbx_ordinal           1 
_reflns_shell.pdbx_diffrn_id         1,2 
# 
_refine.entry_id                                 1XOK 
_refine.ls_number_reflns_obs                     3236 
_refine.ls_number_reflns_all                     3237 
_refine.pdbx_ls_sigma_I                          ? 
_refine.pdbx_ls_sigma_F                          0.001 
_refine.pdbx_data_cutoff_high_absF               ? 
_refine.pdbx_data_cutoff_low_absF                ? 
_refine.pdbx_data_cutoff_high_rms_absF           ? 
_refine.ls_d_res_low                             20.00 
_refine.ls_d_res_high                            3.00 
_refine.ls_percent_reflns_obs                    99.97 
_refine.ls_R_factor_obs                          0.251 
_refine.ls_R_factor_all                          0.251 
_refine.ls_R_factor_R_work                       0.249 
_refine.ls_R_factor_R_free                       0.26888 
_refine.ls_R_factor_R_free_error                 ? 
_refine.ls_R_factor_R_free_error_details         ? 
_refine.ls_percent_reflns_R_free                 9.2 
_refine.ls_number_reflns_R_free                  326 
_refine.ls_number_parameters                     ? 
_refine.ls_number_restraints                     ? 
_refine.occupancy_min                            ? 
_refine.occupancy_max                            ? 
_refine.correlation_coeff_Fo_to_Fc               0.910 
_refine.correlation_coeff_Fo_to_Fc_free          0.903 
_refine.B_iso_mean                               45.218 
_refine.aniso_B[1][1]                            -3.42 
_refine.aniso_B[2][2]                            6.93 
_refine.aniso_B[3][3]                            -3.51 
_refine.aniso_B[1][2]                            0.00 
_refine.aniso_B[1][3]                            0.00 
_refine.aniso_B[2][3]                            0.00 
_refine.solvent_model_details                    'BABINET MODEL WITH MASK' 
_refine.solvent_model_param_ksol                 ? 
_refine.solvent_model_param_bsol                 ? 
_refine.pdbx_solvent_vdw_probe_radii             1.40 
_refine.pdbx_solvent_ion_probe_radii             0.80 
_refine.pdbx_solvent_shrinkage_radii             0.80 
_refine.pdbx_ls_cross_valid_method               THROUGHOUT 
_refine.details                                  ? 
_refine.pdbx_starting_model                      ? 
_refine.pdbx_method_to_determine_struct          MAD 
_refine.pdbx_isotropic_thermal_model             ? 
_refine.pdbx_stereochemistry_target_values       'MAXIMUM LIKELIHOOD WITH PHASES' 
_refine.pdbx_stereochem_target_val_spec_case     ? 
_refine.pdbx_R_Free_selection_details            RANDOM 
_refine.pdbx_overall_ESU_R                       ? 
_refine.pdbx_overall_ESU_R_Free                  0.467 
_refine.overall_SU_ML                            0.332 
_refine.overall_SU_B                             18.921 
_refine.ls_redundancy_reflns_obs                 ? 
_refine.overall_SU_R_Cruickshank_DPI             ? 
_refine.overall_SU_R_free                        ? 
_refine.ls_wR_factor_R_free                      ? 
_refine.ls_wR_factor_R_work                      ? 
_refine.overall_FOM_free_R_set                   ? 
_refine.overall_FOM_work_R_set                   ? 
_refine.pdbx_refine_id                           'X-RAY DIFFRACTION' 
_refine.pdbx_overall_phase_error                 ? 
_refine.pdbx_TLS_residual_ADP_flag               'LIKELY RESIDUAL' 
_refine.pdbx_diffrn_id                           1 
_refine.pdbx_overall_SU_R_free_Cruickshank_DPI   ? 
_refine.pdbx_overall_SU_R_Blow_DPI               ? 
_refine.pdbx_overall_SU_R_free_Blow_DPI          ? 
# 
_refine_hist.pdbx_refine_id                   'X-RAY DIFFRACTION' 
_refine_hist.cycle_id                         LAST 
_refine_hist.pdbx_number_atoms_protein        244 
_refine_hist.pdbx_number_atoms_nucleic_acid   765 
_refine_hist.pdbx_number_atoms_ligand         1 
_refine_hist.number_atoms_solvent             7 
_refine_hist.number_atoms_total               1017 
_refine_hist.d_res_high                       3.00 
_refine_hist.d_res_low                        20.00 
# 
loop_
_refine_ls_restr.type 
_refine_ls_restr.dev_ideal 
_refine_ls_restr.dev_ideal_target 
_refine_ls_restr.weight 
_refine_ls_restr.number 
_refine_ls_restr.pdbx_refine_id 
_refine_ls_restr.pdbx_restraint_function 
r_bond_refined_d         0.013 0.021 ? 1098 'X-RAY DIFFRACTION' ? 
r_angle_refined_deg      2.118 2.797 ? 1647 'X-RAY DIFFRACTION' ? 
r_dihedral_angle_1_deg   0.027 5.000 ? 31   'X-RAY DIFFRACTION' ? 
r_chiral_restr           0.091 0.200 ? 178  'X-RAY DIFFRACTION' ? 
r_gen_planes_refined     0.006 0.020 ? 561  'X-RAY DIFFRACTION' ? 
r_nbd_refined            0.237 0.200 ? 472  'X-RAY DIFFRACTION' ? 
r_xyhbond_nbd_refined    0.202 0.200 ? 45   'X-RAY DIFFRACTION' ? 
r_symmetry_vdw_refined   0.313 0.200 ? 47   'X-RAY DIFFRACTION' ? 
r_symmetry_hbond_refined 0.307 0.200 ? 10   'X-RAY DIFFRACTION' ? 
r_mcbond_it              0.849 2.000 ? 164  'X-RAY DIFFRACTION' ? 
r_mcangle_it             1.761 4.000 ? 250  'X-RAY DIFFRACTION' ? 
r_scbond_it              1.392 4.000 ? 934  'X-RAY DIFFRACTION' ? 
r_scangle_it             2.229 6.000 ? 1397 'X-RAY DIFFRACTION' ? 
# 
_refine_ls_shell.pdbx_total_number_of_bins_used   10 
_refine_ls_shell.d_res_high                       3.00 
_refine_ls_shell.d_res_low                        ? 
_refine_ls_shell.number_reflns_R_work             453 
_refine_ls_shell.R_factor_R_work                  ? 
_refine_ls_shell.percent_reflns_obs               ? 
_refine_ls_shell.R_factor_R_free                  ? 
_refine_ls_shell.R_factor_R_free_error            ? 
_refine_ls_shell.percent_reflns_R_free            ? 
_refine_ls_shell.number_reflns_R_free             ? 
_refine_ls_shell.redundancy_reflns_obs            ? 
_refine_ls_shell.pdbx_refine_id                   'X-RAY DIFFRACTION' 
_refine_ls_shell.number_reflns_all                ? 
_refine_ls_shell.number_reflns_obs                ? 
_refine_ls_shell.R_factor_all                     ? 
# 
_struct.entry_id                  1XOK 
_struct.title                     
;crystal structure of alfalfa mosaic virus RNA 3'UTR in complex with coat protein N terminal peptide
;
_struct.pdbx_model_details        ? 
_struct.pdbx_CASP_flag            ? 
_struct.pdbx_model_type_details   ? 
# 
_struct_keywords.entry_id        1XOK 
_struct_keywords.pdbx_keywords   'Viral protein/RNA' 
_struct_keywords.text            'protein-rna complex, alpha helix, atypical rna duplex, Viral protein-RNA COMPLEX' 
# 
loop_
_struct_asym.id 
_struct_asym.pdbx_blank_PDB_chainid_flag 
_struct_asym.pdbx_modified 
_struct_asym.entity_id 
_struct_asym.details 
A N N 1 ? 
B N N 2 ? 
C N N 3 ? 
D N N 3 ? 
E N N 4 ? 
F N N 5 ? 
G N N 5 ? 
H N N 5 ? 
# 
loop_
_struct_ref.id 
_struct_ref.db_name 
_struct_ref.db_code 
_struct_ref.pdbx_db_accession 
_struct_ref.entity_id 
_struct_ref.pdbx_align_begin 
_struct_ref.pdbx_seq_one_letter_code 
_struct_ref.pdbx_db_isoform 
1 UNP COAT_AMVYS P24264 3 1 ? ? 
2 PDB 1XOK       1XOK   1 ? ? ? 
3 PDB 1XOK       1XOK   2 ? ? ? 
# 
loop_
_struct_ref_seq.align_id 
_struct_ref_seq.ref_id 
_struct_ref_seq.pdbx_PDB_id_code 
_struct_ref_seq.pdbx_strand_id 
_struct_ref_seq.seq_align_beg 
_struct_ref_seq.pdbx_seq_align_beg_ins_code 
_struct_ref_seq.seq_align_end 
_struct_ref_seq.pdbx_seq_align_end_ins_code 
_struct_ref_seq.pdbx_db_accession 
_struct_ref_seq.db_align_beg 
_struct_ref_seq.pdbx_db_align_beg_ins_code 
_struct_ref_seq.db_align_end 
_struct_ref_seq.pdbx_db_align_end_ins_code 
_struct_ref_seq.pdbx_auth_seq_align_beg 
_struct_ref_seq.pdbx_auth_seq_align_end 
1 1 1XOK C 1 ? 26 ? P24264 1   ? 26  ? 1   26  
2 1 1XOK D 1 ? 26 ? P24264 1   ? 26  ? 1   26  
3 2 1XOK A 1 ? 30 ? 1XOK   843 ? 872 ? 843 872 
4 3 1XOK B 1 ? 9  ? 1XOK   873 ? 881 ? 873 881 
# 
_pdbx_struct_assembly.id                   1 
_pdbx_struct_assembly.details              author_defined_assembly 
_pdbx_struct_assembly.method_details       ? 
_pdbx_struct_assembly.oligomeric_details   tetrameric 
_pdbx_struct_assembly.oligomeric_count     4 
# 
_pdbx_struct_assembly_gen.assembly_id       1 
_pdbx_struct_assembly_gen.oper_expression   1 
_pdbx_struct_assembly_gen.asym_id_list      A,B,C,D,E,F,G,H 
# 
_pdbx_struct_oper_list.id                   1 
_pdbx_struct_oper_list.type                 'identity operation' 
_pdbx_struct_oper_list.name                 1_555 
_pdbx_struct_oper_list.symmetry_operation   x,y,z 
_pdbx_struct_oper_list.matrix[1][1]         1.0000000000 
_pdbx_struct_oper_list.matrix[1][2]         0.0000000000 
_pdbx_struct_oper_list.matrix[1][3]         0.0000000000 
_pdbx_struct_oper_list.vector[1]            0.0000000000 
_pdbx_struct_oper_list.matrix[2][1]         0.0000000000 
_pdbx_struct_oper_list.matrix[2][2]         1.0000000000 
_pdbx_struct_oper_list.matrix[2][3]         0.0000000000 
_pdbx_struct_oper_list.vector[2]            0.0000000000 
_pdbx_struct_oper_list.matrix[3][1]         0.0000000000 
_pdbx_struct_oper_list.matrix[3][2]         0.0000000000 
_pdbx_struct_oper_list.matrix[3][3]         1.0000000000 
_pdbx_struct_oper_list.vector[3]            0.0000000000 
# 
_struct_biol.id                    1 
_struct_biol.pdbx_parent_biol_id   ? 
_struct_biol.details               ? 
# 
loop_
_struct_conf.conf_type_id 
_struct_conf.id 
_struct_conf.pdbx_PDB_helix_id 
_struct_conf.beg_label_comp_id 
_struct_conf.beg_label_asym_id 
_struct_conf.beg_label_seq_id 
_struct_conf.pdbx_beg_PDB_ins_code 
_struct_conf.end_label_comp_id 
_struct_conf.end_label_asym_id 
_struct_conf.end_label_seq_id 
_struct_conf.pdbx_end_PDB_ins_code 
_struct_conf.beg_auth_comp_id 
_struct_conf.beg_auth_asym_id 
_struct_conf.beg_auth_seq_id 
_struct_conf.end_auth_comp_id 
_struct_conf.end_auth_asym_id 
_struct_conf.end_auth_seq_id 
_struct_conf.pdbx_PDB_helix_class 
_struct_conf.details 
_struct_conf.pdbx_PDB_helix_length 
HELX_P HELX_P1 1 THR C 15 ? LYS C 26 ? THR C 15 LYS C 26 1 ? 12 
HELX_P HELX_P2 2 THR D 15 ? ARG D 25 ? THR D 15 ARG D 25 1 ? 11 
# 
_struct_conf_type.id          HELX_P 
_struct_conf_type.criteria    ? 
_struct_conf_type.reference   ? 
# 
loop_
_struct_conn.id 
_struct_conn.conn_type_id 
_struct_conn.pdbx_leaving_atom_flag 
_struct_conn.pdbx_PDB_id 
_struct_conn.ptnr1_label_asym_id 
_struct_conn.ptnr1_label_comp_id 
_struct_conn.ptnr1_label_seq_id 
_struct_conn.ptnr1_label_atom_id 
_struct_conn.pdbx_ptnr1_label_alt_id 
_struct_conn.pdbx_ptnr1_PDB_ins_code 
_struct_conn.pdbx_ptnr1_standard_comp_id 
_struct_conn.ptnr1_symmetry 
_struct_conn.ptnr2_label_asym_id 
_struct_conn.ptnr2_label_comp_id 
_struct_conn.ptnr2_label_seq_id 
_struct_conn.ptnr2_label_atom_id 
_struct_conn.pdbx_ptnr2_label_alt_id 
_struct_conn.pdbx_ptnr2_PDB_ins_code 
_struct_conn.ptnr1_auth_asym_id 
_struct_conn.ptnr1_auth_comp_id 
_struct_conn.ptnr1_auth_seq_id 
_struct_conn.ptnr2_auth_asym_id 
_struct_conn.ptnr2_auth_comp_id 
_struct_conn.ptnr2_auth_seq_id 
_struct_conn.ptnr2_symmetry 
_struct_conn.pdbx_ptnr3_label_atom_id 
_struct_conn.pdbx_ptnr3_label_seq_id 
_struct_conn.pdbx_ptnr3_label_comp_id 
_struct_conn.pdbx_ptnr3_label_asym_id 
_struct_conn.pdbx_ptnr3_label_alt_id 
_struct_conn.pdbx_ptnr3_PDB_ins_code 
_struct_conn.details 
_struct_conn.pdbx_dist_value 
_struct_conn.pdbx_value_order 
_struct_conn.pdbx_role 
covale1  covale one ? E BR .  BR ? ? ? 1_555 A U 30 C5 ? ? A BR 1   A U 872 1_555 ? ? ? ? ? ? ?                       2.043 ? ? 
hydrog1  hydrog ?   ? A U  2  N3 ? ? ? 1_555 A A 23 N1 ? ? A U  844 A A 865 1_555 ? ? ? ? ? ? 'REVERSED WATSON-CRICK' ?     ? ? 
hydrog2  hydrog ?   ? A U  2  O2 ? ? ? 1_555 A A 23 N6 ? ? A U  844 A A 865 1_555 ? ? ? ? ? ? 'REVERSED WATSON-CRICK' ?     ? ? 
hydrog3  hydrog ?   ? A C  4  N3 ? ? ? 1_555 A G 25 N1 ? ? A C  846 A G 867 1_555 ? ? ? ? ? ? WATSON-CRICK            ?     ? ? 
hydrog4  hydrog ?   ? A C  4  N4 ? ? ? 1_555 A G 25 O6 ? ? A C  846 A G 867 1_555 ? ? ? ? ? ? WATSON-CRICK            ?     ? ? 
hydrog5  hydrog ?   ? A C  4  O2 ? ? ? 1_555 A G 25 N2 ? ? A C  846 A G 867 1_555 ? ? ? ? ? ? WATSON-CRICK            ?     ? ? 
hydrog6  hydrog ?   ? A U  5  N3 ? ? ? 1_555 A A 22 N1 ? ? A U  847 A A 864 1_555 ? ? ? ? ? ? WATSON-CRICK            ?     ? ? 
hydrog7  hydrog ?   ? A U  5  O4 ? ? ? 1_555 A A 22 N6 ? ? A U  847 A A 864 1_555 ? ? ? ? ? ? WATSON-CRICK            ?     ? ? 
hydrog8  hydrog ?   ? A C  6  N3 ? ? ? 1_555 A G 21 N1 ? ? A C  848 A G 863 1_555 ? ? ? ? ? ? WATSON-CRICK            ?     ? ? 
hydrog9  hydrog ?   ? A C  6  N4 ? ? ? 1_555 A G 21 O6 ? ? A C  848 A G 863 1_555 ? ? ? ? ? ? WATSON-CRICK            ?     ? ? 
hydrog10 hydrog ?   ? A C  6  O2 ? ? ? 1_555 A G 21 N2 ? ? A C  848 A G 863 1_555 ? ? ? ? ? ? WATSON-CRICK            ?     ? ? 
hydrog11 hydrog ?   ? A A  7  N1 ? ? ? 1_555 A U 20 N3 ? ? A A  849 A U 862 1_555 ? ? ? ? ? ? WATSON-CRICK            ?     ? ? 
hydrog12 hydrog ?   ? A A  7  N6 ? ? ? 1_555 A U 20 O4 ? ? A A  849 A U 862 1_555 ? ? ? ? ? ? WATSON-CRICK            ?     ? ? 
hydrog13 hydrog ?   ? A U  8  N3 ? ? ? 1_555 A A 19 N1 ? ? A U  850 A A 861 1_555 ? ? ? ? ? ? WATSON-CRICK            ?     ? ? 
hydrog14 hydrog ?   ? A U  8  O4 ? ? ? 1_555 A A 19 N6 ? ? A U  850 A A 861 1_555 ? ? ? ? ? ? WATSON-CRICK            ?     ? ? 
hydrog15 hydrog ?   ? A G  9  N1 ? ? ? 1_555 A C 18 N3 ? ? A G  851 A C 860 1_555 ? ? ? ? ? ? WATSON-CRICK            ?     ? ? 
hydrog16 hydrog ?   ? A G  9  N2 ? ? ? 1_555 A C 18 O2 ? ? A G  851 A C 860 1_555 ? ? ? ? ? ? WATSON-CRICK            ?     ? ? 
hydrog17 hydrog ?   ? A G  9  O6 ? ? ? 1_555 A C 18 N4 ? ? A G  851 A C 860 1_555 ? ? ? ? ? ? WATSON-CRICK            ?     ? ? 
hydrog18 hydrog ?   ? A U  24 N3 ? ? ? 1_555 B A 6  N1 ? ? A U  866 B A 878 1_555 ? ? ? ? ? ? 'REVERSED WATSON-CRICK' ?     ? ? 
hydrog19 hydrog ?   ? A U  24 O2 ? ? ? 1_555 B A 6  N6 ? ? A U  866 B A 878 1_555 ? ? ? ? ? ? 'REVERSED WATSON-CRICK' ?     ? ? 
hydrog20 hydrog ?   ? A C  26 N3 ? ? ? 1_555 B G 8  N1 ? ? A C  868 B G 880 1_555 ? ? ? ? ? ? WATSON-CRICK            ?     ? ? 
hydrog21 hydrog ?   ? A C  26 N4 ? ? ? 1_555 B G 8  O6 ? ? A C  868 B G 880 1_555 ? ? ? ? ? ? WATSON-CRICK            ?     ? ? 
hydrog22 hydrog ?   ? A C  26 O2 ? ? ? 1_555 B G 8  N2 ? ? A C  868 B G 880 1_555 ? ? ? ? ? ? WATSON-CRICK            ?     ? ? 
hydrog23 hydrog ?   ? A C  27 N3 ? ? ? 1_555 B G 5  N1 ? ? A C  869 B G 877 1_555 ? ? ? ? ? ? WATSON-CRICK            ?     ? ? 
hydrog24 hydrog ?   ? A C  27 N4 ? ? ? 1_555 B G 5  O6 ? ? A C  869 B G 877 1_555 ? ? ? ? ? ? WATSON-CRICK            ?     ? ? 
hydrog25 hydrog ?   ? A C  27 O2 ? ? ? 1_555 B G 5  N2 ? ? A C  869 B G 877 1_555 ? ? ? ? ? ? WATSON-CRICK            ?     ? ? 
hydrog26 hydrog ?   ? A C  28 N3 ? ? ? 1_555 B G 4  N1 ? ? A C  870 B G 876 1_555 ? ? ? ? ? ? WATSON-CRICK            ?     ? ? 
hydrog27 hydrog ?   ? A C  28 N4 ? ? ? 1_555 B G 4  O6 ? ? A C  870 B G 876 1_555 ? ? ? ? ? ? WATSON-CRICK            ?     ? ? 
hydrog28 hydrog ?   ? A C  28 O2 ? ? ? 1_555 B G 4  N2 ? ? A C  870 B G 876 1_555 ? ? ? ? ? ? WATSON-CRICK            ?     ? ? 
hydrog29 hydrog ?   ? A C  29 N3 ? ? ? 1_555 B G 3  N1 ? ? A C  871 B G 875 1_555 ? ? ? ? ? ? WATSON-CRICK            ?     ? ? 
hydrog30 hydrog ?   ? A C  29 N4 ? ? ? 1_555 B G 3  O6 ? ? A C  871 B G 875 1_555 ? ? ? ? ? ? WATSON-CRICK            ?     ? ? 
hydrog31 hydrog ?   ? A C  29 O2 ? ? ? 1_555 B G 3  N2 ? ? A C  871 B G 875 1_555 ? ? ? ? ? ? WATSON-CRICK            ?     ? ? 
hydrog32 hydrog ?   ? A U  30 N3 ? ? ? 1_555 B A 2  N1 ? ? A U  872 B A 874 1_555 ? ? ? ? ? ? WATSON-CRICK            ?     ? ? 
hydrog33 hydrog ?   ? A U  30 O4 ? ? ? 1_555 B A 2  N6 ? ? A U  872 B A 874 1_555 ? ? ? ? ? ? WATSON-CRICK            ?     ? ? 
# 
loop_
_struct_conn_type.id 
_struct_conn_type.criteria 
_struct_conn_type.reference 
covale ? ? 
hydrog ? ? 
# 
_struct_site.id                   AC1 
_struct_site.pdbx_evidence_code   Software 
_struct_site.pdbx_auth_asym_id    A 
_struct_site.pdbx_auth_comp_id    BR 
_struct_site.pdbx_auth_seq_id     1 
_struct_site.pdbx_auth_ins_code   ? 
_struct_site.pdbx_num_residues    2 
_struct_site.details              'BINDING SITE FOR RESIDUE BR A 1' 
# 
loop_
_struct_site_gen.id 
_struct_site_gen.site_id 
_struct_site_gen.pdbx_num_res 
_struct_site_gen.label_comp_id 
_struct_site_gen.label_asym_id 
_struct_site_gen.label_seq_id 
_struct_site_gen.pdbx_auth_ins_code 
_struct_site_gen.auth_comp_id 
_struct_site_gen.auth_asym_id 
_struct_site_gen.auth_seq_id 
_struct_site_gen.label_atom_id 
_struct_site_gen.label_alt_id 
_struct_site_gen.symmetry 
_struct_site_gen.details 
1 AC1 2 C A 29 ? C A 871 . ? 1_555 ? 
2 AC1 2 U A 30 ? U A 872 . ? 1_555 ? 
# 
_pdbx_validate_symm_contact.id                1 
_pdbx_validate_symm_contact.PDB_model_num     1 
_pdbx_validate_symm_contact.auth_atom_id_1    "O3'" 
_pdbx_validate_symm_contact.auth_asym_id_1    A 
_pdbx_validate_symm_contact.auth_comp_id_1    U 
_pdbx_validate_symm_contact.auth_seq_id_1     872 
_pdbx_validate_symm_contact.PDB_ins_code_1    ? 
_pdbx_validate_symm_contact.label_alt_id_1    ? 
_pdbx_validate_symm_contact.site_symmetry_1   1_555 
_pdbx_validate_symm_contact.auth_atom_id_2    "O5'" 
_pdbx_validate_symm_contact.auth_asym_id_2    B 
_pdbx_validate_symm_contact.auth_comp_id_2    A 
_pdbx_validate_symm_contact.auth_seq_id_2     873 
_pdbx_validate_symm_contact.PDB_ins_code_2    ? 
_pdbx_validate_symm_contact.label_alt_id_2    ? 
_pdbx_validate_symm_contact.site_symmetry_2   3_755 
_pdbx_validate_symm_contact.dist              2.17 
# 
loop_
_pdbx_validate_rmsd_bond.id 
_pdbx_validate_rmsd_bond.PDB_model_num 
_pdbx_validate_rmsd_bond.auth_atom_id_1 
_pdbx_validate_rmsd_bond.auth_asym_id_1 
_pdbx_validate_rmsd_bond.auth_comp_id_1 
_pdbx_validate_rmsd_bond.auth_seq_id_1 
_pdbx_validate_rmsd_bond.PDB_ins_code_1 
_pdbx_validate_rmsd_bond.label_alt_id_1 
_pdbx_validate_rmsd_bond.auth_atom_id_2 
_pdbx_validate_rmsd_bond.auth_asym_id_2 
_pdbx_validate_rmsd_bond.auth_comp_id_2 
_pdbx_validate_rmsd_bond.auth_seq_id_2 
_pdbx_validate_rmsd_bond.PDB_ins_code_2 
_pdbx_validate_rmsd_bond.label_alt_id_2 
_pdbx_validate_rmsd_bond.bond_value 
_pdbx_validate_rmsd_bond.bond_target_value 
_pdbx_validate_rmsd_bond.bond_deviation 
_pdbx_validate_rmsd_bond.bond_standard_deviation 
_pdbx_validate_rmsd_bond.linker_flag 
1 1 "O5'" A G 867 ? ? "C5'" A G 867 ? ? 1.340 1.420 -0.080 0.009 N 
2 1 "O5'" A C 868 ? ? "C5'" A C 868 ? ? 1.362 1.420 -0.058 0.009 N 
# 
loop_
_pdbx_validate_rmsd_angle.id 
_pdbx_validate_rmsd_angle.PDB_model_num 
_pdbx_validate_rmsd_angle.auth_atom_id_1 
_pdbx_validate_rmsd_angle.auth_asym_id_1 
_pdbx_validate_rmsd_angle.auth_comp_id_1 
_pdbx_validate_rmsd_angle.auth_seq_id_1 
_pdbx_validate_rmsd_angle.PDB_ins_code_1 
_pdbx_validate_rmsd_angle.label_alt_id_1 
_pdbx_validate_rmsd_angle.auth_atom_id_2 
_pdbx_validate_rmsd_angle.auth_asym_id_2 
_pdbx_validate_rmsd_angle.auth_comp_id_2 
_pdbx_validate_rmsd_angle.auth_seq_id_2 
_pdbx_validate_rmsd_angle.PDB_ins_code_2 
_pdbx_validate_rmsd_angle.label_alt_id_2 
_pdbx_validate_rmsd_angle.auth_atom_id_3 
_pdbx_validate_rmsd_angle.auth_asym_id_3 
_pdbx_validate_rmsd_angle.auth_comp_id_3 
_pdbx_validate_rmsd_angle.auth_seq_id_3 
_pdbx_validate_rmsd_angle.PDB_ins_code_3 
_pdbx_validate_rmsd_angle.label_alt_id_3 
_pdbx_validate_rmsd_angle.angle_value 
_pdbx_validate_rmsd_angle.angle_target_value 
_pdbx_validate_rmsd_angle.angle_deviation 
_pdbx_validate_rmsd_angle.angle_standard_deviation 
_pdbx_validate_rmsd_angle.linker_flag 
1  1 N3    A U 844 ? ? C4    A U 844 ? ? C5    A U 844 ? ? 118.25 114.60 3.65  0.60 N 
2  1 "O5'" A U 847 ? ? "C5'" A U 847 ? ? "C4'" A U 847 ? ? 101.34 109.40 -8.06 0.80 N 
3  1 "O4'" A U 847 ? ? "C1'" A U 847 ? ? N1    A U 847 ? ? 112.99 108.50 4.49  0.70 N 
4  1 "O5'" A C 848 ? ? P     A C 848 ? ? OP2   A C 848 ? ? 99.75  105.70 -5.95 0.90 N 
5  1 "O5'" A C 848 ? ? "C5'" A C 848 ? ? "C4'" A C 848 ? ? 102.62 109.40 -6.78 0.80 N 
6  1 "C4'" A C 848 ? ? "C3'" A C 848 ? ? "C2'" A C 848 ? ? 96.21  102.60 -6.39 1.00 N 
7  1 "C4'" A U 862 ? ? "C3'" A U 862 ? ? "C2'" A U 862 ? ? 95.95  102.60 -6.65 1.00 N 
8  1 "C1'" A G 863 ? ? "O4'" A G 863 ? ? "C4'" A G 863 ? ? 104.96 109.70 -4.74 0.70 N 
9  1 N1    A G 863 ? ? C6    A G 863 ? ? O6    A G 863 ? ? 116.29 119.90 -3.61 0.60 N 
10 1 "C3'" A C 871 ? ? "C2'" A C 871 ? ? "C1'" A C 871 ? ? 96.75  101.30 -4.55 0.70 N 
11 1 "O4'" B G 875 ? ? "C1'" B G 875 ? ? N9    B G 875 ? ? 113.16 108.50 4.66  0.70 N 
12 1 "C3'" B A 878 ? ? "O3'" B A 878 ? ? P     B U 879 ? ? 127.27 119.70 7.57  1.20 Y 
13 1 "C3'" B U 879 ? ? "O3'" B U 879 ? ? P     B G 880 ? ? 128.45 119.70 8.75  1.20 Y 
# 
loop_
_pdbx_validate_torsion.id 
_pdbx_validate_torsion.PDB_model_num 
_pdbx_validate_torsion.auth_comp_id 
_pdbx_validate_torsion.auth_asym_id 
_pdbx_validate_torsion.auth_seq_id 
_pdbx_validate_torsion.PDB_ins_code 
_pdbx_validate_torsion.label_alt_id 
_pdbx_validate_torsion.phi 
_pdbx_validate_torsion.psi 
1 1 ALA C 23 ? ? -65.18  -70.22 
2 1 ALA D 11 ? ? -106.55 -68.14 
# 
_pdbx_refine_tls.pdbx_refine_id   'X-RAY DIFFRACTION' 
_pdbx_refine_tls.id               1 
_pdbx_refine_tls.details          ? 
_pdbx_refine_tls.method           refined 
_pdbx_refine_tls.origin_x         -1.5435 
_pdbx_refine_tls.origin_y         -3.3201 
_pdbx_refine_tls.origin_z         4.5204 
_pdbx_refine_tls.T[1][1]          0.1296 
_pdbx_refine_tls.T[2][2]          0.0990 
_pdbx_refine_tls.T[3][3]          0.3763 
_pdbx_refine_tls.T[1][2]          -0.0191 
_pdbx_refine_tls.T[1][3]          -0.0292 
_pdbx_refine_tls.T[2][3]          0.1566 
_pdbx_refine_tls.L[1][1]          9.5651 
_pdbx_refine_tls.L[2][2]          2.1303 
_pdbx_refine_tls.L[3][3]          15.2891 
_pdbx_refine_tls.L[1][2]          -1.7183 
_pdbx_refine_tls.L[1][3]          -3.5133 
_pdbx_refine_tls.L[2][3]          3.1579 
_pdbx_refine_tls.S[1][1]          0.2527 
_pdbx_refine_tls.S[2][2]          0.0603 
_pdbx_refine_tls.S[3][3]          -0.3131 
_pdbx_refine_tls.S[1][2]          -0.4483 
_pdbx_refine_tls.S[1][3]          -0.3587 
_pdbx_refine_tls.S[2][3]          -0.4339 
_pdbx_refine_tls.S[2][1]          -0.0325 
_pdbx_refine_tls.S[3][1]          0.4004 
_pdbx_refine_tls.S[3][2]          -0.5719 
# 
loop_
_pdbx_refine_tls_group.pdbx_refine_id 
_pdbx_refine_tls_group.id 
_pdbx_refine_tls_group.refine_tls_id 
_pdbx_refine_tls_group.beg_auth_asym_id 
_pdbx_refine_tls_group.beg_auth_seq_id 
_pdbx_refine_tls_group.end_auth_asym_id 
_pdbx_refine_tls_group.end_auth_seq_id 
_pdbx_refine_tls_group.selection_details 
_pdbx_refine_tls_group.beg_label_asym_id 
_pdbx_refine_tls_group.beg_label_seq_id 
_pdbx_refine_tls_group.end_label_asym_id 
_pdbx_refine_tls_group.end_label_seq_id 
_pdbx_refine_tls_group.selection 
'X-RAY DIFFRACTION' 1 1 D 27  D 28  ? . . . . ? 
'X-RAY DIFFRACTION' 2 1 B 8   B 8   ? . . . . ? 
'X-RAY DIFFRACTION' 3 1 A 2   A 5   ? . . . . ? 
'X-RAY DIFFRACTION' 4 1 A 1   A 1   ? . . . . ? 
'X-RAY DIFFRACTION' 5 1 D 9   D 26  ? . . . . ? 
'X-RAY DIFFRACTION' 6 1 B 873 B 881 ? . . . . ? 
'X-RAY DIFFRACTION' 7 1 C 12  C 26  ? . . . . ? 
'X-RAY DIFFRACTION' 8 1 A 843 A 872 ? . . . . ? 
# 
loop_
_pdbx_unobs_or_zero_occ_residues.id 
_pdbx_unobs_or_zero_occ_residues.PDB_model_num 
_pdbx_unobs_or_zero_occ_residues.polymer_flag 
_pdbx_unobs_or_zero_occ_residues.occupancy_flag 
_pdbx_unobs_or_zero_occ_residues.auth_asym_id 
_pdbx_unobs_or_zero_occ_residues.auth_comp_id 
_pdbx_unobs_or_zero_occ_residues.auth_seq_id 
_pdbx_unobs_or_zero_occ_residues.PDB_ins_code 
_pdbx_unobs_or_zero_occ_residues.label_asym_id 
_pdbx_unobs_or_zero_occ_residues.label_comp_id 
_pdbx_unobs_or_zero_occ_residues.label_seq_id 
1  1 Y 1 A A   853 ? A A   11 
2  1 Y 1 A A   854 ? A A   12 
3  1 Y 1 A A   855 ? A A   13 
4  1 Y 1 C SER 1   ? C SER 1  
5  1 Y 1 C SER 2   ? C SER 2  
6  1 Y 1 C SER 3   ? C SER 3  
7  1 Y 1 C GLN 4   ? C GLN 4  
8  1 Y 1 C LYS 5   ? C LYS 5  
9  1 Y 1 C LYS 6   ? C LYS 6  
10 1 Y 1 C ALA 7   ? C ALA 7  
11 1 Y 1 C GLY 8   ? C GLY 8  
12 1 Y 1 C GLY 9   ? C GLY 9  
13 1 Y 1 C LYS 10  ? C LYS 10 
14 1 Y 1 C ALA 11  ? C ALA 11 
15 1 Y 1 D SER 1   ? D SER 1  
16 1 Y 1 D SER 2   ? D SER 2  
17 1 Y 1 D SER 3   ? D SER 3  
18 1 Y 1 D GLN 4   ? D GLN 4  
19 1 Y 1 D LYS 5   ? D LYS 5  
20 1 Y 1 D LYS 6   ? D LYS 6  
21 1 Y 1 D ALA 7   ? D ALA 7  
22 1 Y 1 D GLY 8   ? D GLY 8  
# 
loop_
_chem_comp_atom.comp_id 
_chem_comp_atom.atom_id 
_chem_comp_atom.type_symbol 
_chem_comp_atom.pdbx_aromatic_flag 
_chem_comp_atom.pdbx_stereo_config 
_chem_comp_atom.pdbx_ordinal 
A   OP3    O  N N 1   
A   P      P  N N 2   
A   OP1    O  N N 3   
A   OP2    O  N N 4   
A   "O5'"  O  N N 5   
A   "C5'"  C  N N 6   
A   "C4'"  C  N R 7   
A   "O4'"  O  N N 8   
A   "C3'"  C  N S 9   
A   "O3'"  O  N N 10  
A   "C2'"  C  N R 11  
A   "O2'"  O  N N 12  
A   "C1'"  C  N R 13  
A   N9     N  Y N 14  
A   C8     C  Y N 15  
A   N7     N  Y N 16  
A   C5     C  Y N 17  
A   C6     C  Y N 18  
A   N6     N  N N 19  
A   N1     N  Y N 20  
A   C2     C  Y N 21  
A   N3     N  Y N 22  
A   C4     C  Y N 23  
A   HOP3   H  N N 24  
A   HOP2   H  N N 25  
A   "H5'"  H  N N 26  
A   "H5''" H  N N 27  
A   "H4'"  H  N N 28  
A   "H3'"  H  N N 29  
A   "HO3'" H  N N 30  
A   "H2'"  H  N N 31  
A   "HO2'" H  N N 32  
A   "H1'"  H  N N 33  
A   H8     H  N N 34  
A   H61    H  N N 35  
A   H62    H  N N 36  
A   H2     H  N N 37  
ALA N      N  N N 38  
ALA CA     C  N S 39  
ALA C      C  N N 40  
ALA O      O  N N 41  
ALA CB     C  N N 42  
ALA OXT    O  N N 43  
ALA H      H  N N 44  
ALA H2     H  N N 45  
ALA HA     H  N N 46  
ALA HB1    H  N N 47  
ALA HB2    H  N N 48  
ALA HB3    H  N N 49  
ALA HXT    H  N N 50  
ARG N      N  N N 51  
ARG CA     C  N S 52  
ARG C      C  N N 53  
ARG O      O  N N 54  
ARG CB     C  N N 55  
ARG CG     C  N N 56  
ARG CD     C  N N 57  
ARG NE     N  N N 58  
ARG CZ     C  N N 59  
ARG NH1    N  N N 60  
ARG NH2    N  N N 61  
ARG OXT    O  N N 62  
ARG H      H  N N 63  
ARG H2     H  N N 64  
ARG HA     H  N N 65  
ARG HB2    H  N N 66  
ARG HB3    H  N N 67  
ARG HG2    H  N N 68  
ARG HG3    H  N N 69  
ARG HD2    H  N N 70  
ARG HD3    H  N N 71  
ARG HE     H  N N 72  
ARG HH11   H  N N 73  
ARG HH12   H  N N 74  
ARG HH21   H  N N 75  
ARG HH22   H  N N 76  
ARG HXT    H  N N 77  
ASN N      N  N N 78  
ASN CA     C  N S 79  
ASN C      C  N N 80  
ASN O      O  N N 81  
ASN CB     C  N N 82  
ASN CG     C  N N 83  
ASN OD1    O  N N 84  
ASN ND2    N  N N 85  
ASN OXT    O  N N 86  
ASN H      H  N N 87  
ASN H2     H  N N 88  
ASN HA     H  N N 89  
ASN HB2    H  N N 90  
ASN HB3    H  N N 91  
ASN HD21   H  N N 92  
ASN HD22   H  N N 93  
ASN HXT    H  N N 94  
BR  BR     BR N N 95  
C   OP3    O  N N 96  
C   P      P  N N 97  
C   OP1    O  N N 98  
C   OP2    O  N N 99  
C   "O5'"  O  N N 100 
C   "C5'"  C  N N 101 
C   "C4'"  C  N R 102 
C   "O4'"  O  N N 103 
C   "C3'"  C  N S 104 
C   "O3'"  O  N N 105 
C   "C2'"  C  N R 106 
C   "O2'"  O  N N 107 
C   "C1'"  C  N R 108 
C   N1     N  N N 109 
C   C2     C  N N 110 
C   O2     O  N N 111 
C   N3     N  N N 112 
C   C4     C  N N 113 
C   N4     N  N N 114 
C   C5     C  N N 115 
C   C6     C  N N 116 
C   HOP3   H  N N 117 
C   HOP2   H  N N 118 
C   "H5'"  H  N N 119 
C   "H5''" H  N N 120 
C   "H4'"  H  N N 121 
C   "H3'"  H  N N 122 
C   "HO3'" H  N N 123 
C   "H2'"  H  N N 124 
C   "HO2'" H  N N 125 
C   "H1'"  H  N N 126 
C   H41    H  N N 127 
C   H42    H  N N 128 
C   H5     H  N N 129 
C   H6     H  N N 130 
G   OP3    O  N N 131 
G   P      P  N N 132 
G   OP1    O  N N 133 
G   OP2    O  N N 134 
G   "O5'"  O  N N 135 
G   "C5'"  C  N N 136 
G   "C4'"  C  N R 137 
G   "O4'"  O  N N 138 
G   "C3'"  C  N S 139 
G   "O3'"  O  N N 140 
G   "C2'"  C  N R 141 
G   "O2'"  O  N N 142 
G   "C1'"  C  N R 143 
G   N9     N  Y N 144 
G   C8     C  Y N 145 
G   N7     N  Y N 146 
G   C5     C  Y N 147 
G   C6     C  N N 148 
G   O6     O  N N 149 
G   N1     N  N N 150 
G   C2     C  N N 151 
G   N2     N  N N 152 
G   N3     N  N N 153 
G   C4     C  Y N 154 
G   HOP3   H  N N 155 
G   HOP2   H  N N 156 
G   "H5'"  H  N N 157 
G   "H5''" H  N N 158 
G   "H4'"  H  N N 159 
G   "H3'"  H  N N 160 
G   "HO3'" H  N N 161 
G   "H2'"  H  N N 162 
G   "HO2'" H  N N 163 
G   "H1'"  H  N N 164 
G   H8     H  N N 165 
G   H1     H  N N 166 
G   H21    H  N N 167 
G   H22    H  N N 168 
GLN N      N  N N 169 
GLN CA     C  N S 170 
GLN C      C  N N 171 
GLN O      O  N N 172 
GLN CB     C  N N 173 
GLN CG     C  N N 174 
GLN CD     C  N N 175 
GLN OE1    O  N N 176 
GLN NE2    N  N N 177 
GLN OXT    O  N N 178 
GLN H      H  N N 179 
GLN H2     H  N N 180 
GLN HA     H  N N 181 
GLN HB2    H  N N 182 
GLN HB3    H  N N 183 
GLN HG2    H  N N 184 
GLN HG3    H  N N 185 
GLN HE21   H  N N 186 
GLN HE22   H  N N 187 
GLN HXT    H  N N 188 
GLY N      N  N N 189 
GLY CA     C  N N 190 
GLY C      C  N N 191 
GLY O      O  N N 192 
GLY OXT    O  N N 193 
GLY H      H  N N 194 
GLY H2     H  N N 195 
GLY HA2    H  N N 196 
GLY HA3    H  N N 197 
GLY HXT    H  N N 198 
HOH O      O  N N 199 
HOH H1     H  N N 200 
HOH H2     H  N N 201 
LEU N      N  N N 202 
LEU CA     C  N S 203 
LEU C      C  N N 204 
LEU O      O  N N 205 
LEU CB     C  N N 206 
LEU CG     C  N N 207 
LEU CD1    C  N N 208 
LEU CD2    C  N N 209 
LEU OXT    O  N N 210 
LEU H      H  N N 211 
LEU H2     H  N N 212 
LEU HA     H  N N 213 
LEU HB2    H  N N 214 
LEU HB3    H  N N 215 
LEU HG     H  N N 216 
LEU HD11   H  N N 217 
LEU HD12   H  N N 218 
LEU HD13   H  N N 219 
LEU HD21   H  N N 220 
LEU HD22   H  N N 221 
LEU HD23   H  N N 222 
LEU HXT    H  N N 223 
LYS N      N  N N 224 
LYS CA     C  N S 225 
LYS C      C  N N 226 
LYS O      O  N N 227 
LYS CB     C  N N 228 
LYS CG     C  N N 229 
LYS CD     C  N N 230 
LYS CE     C  N N 231 
LYS NZ     N  N N 232 
LYS OXT    O  N N 233 
LYS H      H  N N 234 
LYS H2     H  N N 235 
LYS HA     H  N N 236 
LYS HB2    H  N N 237 
LYS HB3    H  N N 238 
LYS HG2    H  N N 239 
LYS HG3    H  N N 240 
LYS HD2    H  N N 241 
LYS HD3    H  N N 242 
LYS HE2    H  N N 243 
LYS HE3    H  N N 244 
LYS HZ1    H  N N 245 
LYS HZ2    H  N N 246 
LYS HZ3    H  N N 247 
LYS HXT    H  N N 248 
PRO N      N  N N 249 
PRO CA     C  N S 250 
PRO C      C  N N 251 
PRO O      O  N N 252 
PRO CB     C  N N 253 
PRO CG     C  N N 254 
PRO CD     C  N N 255 
PRO OXT    O  N N 256 
PRO H      H  N N 257 
PRO HA     H  N N 258 
PRO HB2    H  N N 259 
PRO HB3    H  N N 260 
PRO HG2    H  N N 261 
PRO HG3    H  N N 262 
PRO HD2    H  N N 263 
PRO HD3    H  N N 264 
PRO HXT    H  N N 265 
SER N      N  N N 266 
SER CA     C  N S 267 
SER C      C  N N 268 
SER O      O  N N 269 
SER CB     C  N N 270 
SER OG     O  N N 271 
SER OXT    O  N N 272 
SER H      H  N N 273 
SER H2     H  N N 274 
SER HA     H  N N 275 
SER HB2    H  N N 276 
SER HB3    H  N N 277 
SER HG     H  N N 278 
SER HXT    H  N N 279 
THR N      N  N N 280 
THR CA     C  N S 281 
THR C      C  N N 282 
THR O      O  N N 283 
THR CB     C  N R 284 
THR OG1    O  N N 285 
THR CG2    C  N N 286 
THR OXT    O  N N 287 
THR H      H  N N 288 
THR H2     H  N N 289 
THR HA     H  N N 290 
THR HB     H  N N 291 
THR HG1    H  N N 292 
THR HG21   H  N N 293 
THR HG22   H  N N 294 
THR HG23   H  N N 295 
THR HXT    H  N N 296 
TYR N      N  N N 297 
TYR CA     C  N S 298 
TYR C      C  N N 299 
TYR O      O  N N 300 
TYR CB     C  N N 301 
TYR CG     C  Y N 302 
TYR CD1    C  Y N 303 
TYR CD2    C  Y N 304 
TYR CE1    C  Y N 305 
TYR CE2    C  Y N 306 
TYR CZ     C  Y N 307 
TYR OH     O  N N 308 
TYR OXT    O  N N 309 
TYR H      H  N N 310 
TYR H2     H  N N 311 
TYR HA     H  N N 312 
TYR HB2    H  N N 313 
TYR HB3    H  N N 314 
TYR HD1    H  N N 315 
TYR HD2    H  N N 316 
TYR HE1    H  N N 317 
TYR HE2    H  N N 318 
TYR HH     H  N N 319 
TYR HXT    H  N N 320 
U   OP3    O  N N 321 
U   P      P  N N 322 
U   OP1    O  N N 323 
U   OP2    O  N N 324 
U   "O5'"  O  N N 325 
U   "C5'"  C  N N 326 
U   "C4'"  C  N R 327 
U   "O4'"  O  N N 328 
U   "C3'"  C  N S 329 
U   "O3'"  O  N N 330 
U   "C2'"  C  N R 331 
U   "O2'"  O  N N 332 
U   "C1'"  C  N R 333 
U   N1     N  N N 334 
U   C2     C  N N 335 
U   O2     O  N N 336 
U   N3     N  N N 337 
U   C4     C  N N 338 
U   O4     O  N N 339 
U   C5     C  N N 340 
U   C6     C  N N 341 
U   HOP3   H  N N 342 
U   HOP2   H  N N 343 
U   "H5'"  H  N N 344 
U   "H5''" H  N N 345 
U   "H4'"  H  N N 346 
U   "H3'"  H  N N 347 
U   "HO3'" H  N N 348 
U   "H2'"  H  N N 349 
U   "HO2'" H  N N 350 
U   "H1'"  H  N N 351 
U   H3     H  N N 352 
U   H5     H  N N 353 
U   H6     H  N N 354 
# 
loop_
_chem_comp_bond.comp_id 
_chem_comp_bond.atom_id_1 
_chem_comp_bond.atom_id_2 
_chem_comp_bond.value_order 
_chem_comp_bond.pdbx_aromatic_flag 
_chem_comp_bond.pdbx_stereo_config 
_chem_comp_bond.pdbx_ordinal 
A   OP3   P      sing N N 1   
A   OP3   HOP3   sing N N 2   
A   P     OP1    doub N N 3   
A   P     OP2    sing N N 4   
A   P     "O5'"  sing N N 5   
A   OP2   HOP2   sing N N 6   
A   "O5'" "C5'"  sing N N 7   
A   "C5'" "C4'"  sing N N 8   
A   "C5'" "H5'"  sing N N 9   
A   "C5'" "H5''" sing N N 10  
A   "C4'" "O4'"  sing N N 11  
A   "C4'" "C3'"  sing N N 12  
A   "C4'" "H4'"  sing N N 13  
A   "O4'" "C1'"  sing N N 14  
A   "C3'" "O3'"  sing N N 15  
A   "C3'" "C2'"  sing N N 16  
A   "C3'" "H3'"  sing N N 17  
A   "O3'" "HO3'" sing N N 18  
A   "C2'" "O2'"  sing N N 19  
A   "C2'" "C1'"  sing N N 20  
A   "C2'" "H2'"  sing N N 21  
A   "O2'" "HO2'" sing N N 22  
A   "C1'" N9     sing N N 23  
A   "C1'" "H1'"  sing N N 24  
A   N9    C8     sing Y N 25  
A   N9    C4     sing Y N 26  
A   C8    N7     doub Y N 27  
A   C8    H8     sing N N 28  
A   N7    C5     sing Y N 29  
A   C5    C6     sing Y N 30  
A   C5    C4     doub Y N 31  
A   C6    N6     sing N N 32  
A   C6    N1     doub Y N 33  
A   N6    H61    sing N N 34  
A   N6    H62    sing N N 35  
A   N1    C2     sing Y N 36  
A   C2    N3     doub Y N 37  
A   C2    H2     sing N N 38  
A   N3    C4     sing Y N 39  
ALA N     CA     sing N N 40  
ALA N     H      sing N N 41  
ALA N     H2     sing N N 42  
ALA CA    C      sing N N 43  
ALA CA    CB     sing N N 44  
ALA CA    HA     sing N N 45  
ALA C     O      doub N N 46  
ALA C     OXT    sing N N 47  
ALA CB    HB1    sing N N 48  
ALA CB    HB2    sing N N 49  
ALA CB    HB3    sing N N 50  
ALA OXT   HXT    sing N N 51  
ARG N     CA     sing N N 52  
ARG N     H      sing N N 53  
ARG N     H2     sing N N 54  
ARG CA    C      sing N N 55  
ARG CA    CB     sing N N 56  
ARG CA    HA     sing N N 57  
ARG C     O      doub N N 58  
ARG C     OXT    sing N N 59  
ARG CB    CG     sing N N 60  
ARG CB    HB2    sing N N 61  
ARG CB    HB3    sing N N 62  
ARG CG    CD     sing N N 63  
ARG CG    HG2    sing N N 64  
ARG CG    HG3    sing N N 65  
ARG CD    NE     sing N N 66  
ARG CD    HD2    sing N N 67  
ARG CD    HD3    sing N N 68  
ARG NE    CZ     sing N N 69  
ARG NE    HE     sing N N 70  
ARG CZ    NH1    sing N N 71  
ARG CZ    NH2    doub N N 72  
ARG NH1   HH11   sing N N 73  
ARG NH1   HH12   sing N N 74  
ARG NH2   HH21   sing N N 75  
ARG NH2   HH22   sing N N 76  
ARG OXT   HXT    sing N N 77  
ASN N     CA     sing N N 78  
ASN N     H      sing N N 79  
ASN N     H2     sing N N 80  
ASN CA    C      sing N N 81  
ASN CA    CB     sing N N 82  
ASN CA    HA     sing N N 83  
ASN C     O      doub N N 84  
ASN C     OXT    sing N N 85  
ASN CB    CG     sing N N 86  
ASN CB    HB2    sing N N 87  
ASN CB    HB3    sing N N 88  
ASN CG    OD1    doub N N 89  
ASN CG    ND2    sing N N 90  
ASN ND2   HD21   sing N N 91  
ASN ND2   HD22   sing N N 92  
ASN OXT   HXT    sing N N 93  
C   OP3   P      sing N N 94  
C   OP3   HOP3   sing N N 95  
C   P     OP1    doub N N 96  
C   P     OP2    sing N N 97  
C   P     "O5'"  sing N N 98  
C   OP2   HOP2   sing N N 99  
C   "O5'" "C5'"  sing N N 100 
C   "C5'" "C4'"  sing N N 101 
C   "C5'" "H5'"  sing N N 102 
C   "C5'" "H5''" sing N N 103 
C   "C4'" "O4'"  sing N N 104 
C   "C4'" "C3'"  sing N N 105 
C   "C4'" "H4'"  sing N N 106 
C   "O4'" "C1'"  sing N N 107 
C   "C3'" "O3'"  sing N N 108 
C   "C3'" "C2'"  sing N N 109 
C   "C3'" "H3'"  sing N N 110 
C   "O3'" "HO3'" sing N N 111 
C   "C2'" "O2'"  sing N N 112 
C   "C2'" "C1'"  sing N N 113 
C   "C2'" "H2'"  sing N N 114 
C   "O2'" "HO2'" sing N N 115 
C   "C1'" N1     sing N N 116 
C   "C1'" "H1'"  sing N N 117 
C   N1    C2     sing N N 118 
C   N1    C6     sing N N 119 
C   C2    O2     doub N N 120 
C   C2    N3     sing N N 121 
C   N3    C4     doub N N 122 
C   C4    N4     sing N N 123 
C   C4    C5     sing N N 124 
C   N4    H41    sing N N 125 
C   N4    H42    sing N N 126 
C   C5    C6     doub N N 127 
C   C5    H5     sing N N 128 
C   C6    H6     sing N N 129 
G   OP3   P      sing N N 130 
G   OP3   HOP3   sing N N 131 
G   P     OP1    doub N N 132 
G   P     OP2    sing N N 133 
G   P     "O5'"  sing N N 134 
G   OP2   HOP2   sing N N 135 
G   "O5'" "C5'"  sing N N 136 
G   "C5'" "C4'"  sing N N 137 
G   "C5'" "H5'"  sing N N 138 
G   "C5'" "H5''" sing N N 139 
G   "C4'" "O4'"  sing N N 140 
G   "C4'" "C3'"  sing N N 141 
G   "C4'" "H4'"  sing N N 142 
G   "O4'" "C1'"  sing N N 143 
G   "C3'" "O3'"  sing N N 144 
G   "C3'" "C2'"  sing N N 145 
G   "C3'" "H3'"  sing N N 146 
G   "O3'" "HO3'" sing N N 147 
G   "C2'" "O2'"  sing N N 148 
G   "C2'" "C1'"  sing N N 149 
G   "C2'" "H2'"  sing N N 150 
G   "O2'" "HO2'" sing N N 151 
G   "C1'" N9     sing N N 152 
G   "C1'" "H1'"  sing N N 153 
G   N9    C8     sing Y N 154 
G   N9    C4     sing Y N 155 
G   C8    N7     doub Y N 156 
G   C8    H8     sing N N 157 
G   N7    C5     sing Y N 158 
G   C5    C6     sing N N 159 
G   C5    C4     doub Y N 160 
G   C6    O6     doub N N 161 
G   C6    N1     sing N N 162 
G   N1    C2     sing N N 163 
G   N1    H1     sing N N 164 
G   C2    N2     sing N N 165 
G   C2    N3     doub N N 166 
G   N2    H21    sing N N 167 
G   N2    H22    sing N N 168 
G   N3    C4     sing N N 169 
GLN N     CA     sing N N 170 
GLN N     H      sing N N 171 
GLN N     H2     sing N N 172 
GLN CA    C      sing N N 173 
GLN CA    CB     sing N N 174 
GLN CA    HA     sing N N 175 
GLN C     O      doub N N 176 
GLN C     OXT    sing N N 177 
GLN CB    CG     sing N N 178 
GLN CB    HB2    sing N N 179 
GLN CB    HB3    sing N N 180 
GLN CG    CD     sing N N 181 
GLN CG    HG2    sing N N 182 
GLN CG    HG3    sing N N 183 
GLN CD    OE1    doub N N 184 
GLN CD    NE2    sing N N 185 
GLN NE2   HE21   sing N N 186 
GLN NE2   HE22   sing N N 187 
GLN OXT   HXT    sing N N 188 
GLY N     CA     sing N N 189 
GLY N     H      sing N N 190 
GLY N     H2     sing N N 191 
GLY CA    C      sing N N 192 
GLY CA    HA2    sing N N 193 
GLY CA    HA3    sing N N 194 
GLY C     O      doub N N 195 
GLY C     OXT    sing N N 196 
GLY OXT   HXT    sing N N 197 
HOH O     H1     sing N N 198 
HOH O     H2     sing N N 199 
LEU N     CA     sing N N 200 
LEU N     H      sing N N 201 
LEU N     H2     sing N N 202 
LEU CA    C      sing N N 203 
LEU CA    CB     sing N N 204 
LEU CA    HA     sing N N 205 
LEU C     O      doub N N 206 
LEU C     OXT    sing N N 207 
LEU CB    CG     sing N N 208 
LEU CB    HB2    sing N N 209 
LEU CB    HB3    sing N N 210 
LEU CG    CD1    sing N N 211 
LEU CG    CD2    sing N N 212 
LEU CG    HG     sing N N 213 
LEU CD1   HD11   sing N N 214 
LEU CD1   HD12   sing N N 215 
LEU CD1   HD13   sing N N 216 
LEU CD2   HD21   sing N N 217 
LEU CD2   HD22   sing N N 218 
LEU CD2   HD23   sing N N 219 
LEU OXT   HXT    sing N N 220 
LYS N     CA     sing N N 221 
LYS N     H      sing N N 222 
LYS N     H2     sing N N 223 
LYS CA    C      sing N N 224 
LYS CA    CB     sing N N 225 
LYS CA    HA     sing N N 226 
LYS C     O      doub N N 227 
LYS C     OXT    sing N N 228 
LYS CB    CG     sing N N 229 
LYS CB    HB2    sing N N 230 
LYS CB    HB3    sing N N 231 
LYS CG    CD     sing N N 232 
LYS CG    HG2    sing N N 233 
LYS CG    HG3    sing N N 234 
LYS CD    CE     sing N N 235 
LYS CD    HD2    sing N N 236 
LYS CD    HD3    sing N N 237 
LYS CE    NZ     sing N N 238 
LYS CE    HE2    sing N N 239 
LYS CE    HE3    sing N N 240 
LYS NZ    HZ1    sing N N 241 
LYS NZ    HZ2    sing N N 242 
LYS NZ    HZ3    sing N N 243 
LYS OXT   HXT    sing N N 244 
PRO N     CA     sing N N 245 
PRO N     CD     sing N N 246 
PRO N     H      sing N N 247 
PRO CA    C      sing N N 248 
PRO CA    CB     sing N N 249 
PRO CA    HA     sing N N 250 
PRO C     O      doub N N 251 
PRO C     OXT    sing N N 252 
PRO CB    CG     sing N N 253 
PRO CB    HB2    sing N N 254 
PRO CB    HB3    sing N N 255 
PRO CG    CD     sing N N 256 
PRO CG    HG2    sing N N 257 
PRO CG    HG3    sing N N 258 
PRO CD    HD2    sing N N 259 
PRO CD    HD3    sing N N 260 
PRO OXT   HXT    sing N N 261 
SER N     CA     sing N N 262 
SER N     H      sing N N 263 
SER N     H2     sing N N 264 
SER CA    C      sing N N 265 
SER CA    CB     sing N N 266 
SER CA    HA     sing N N 267 
SER C     O      doub N N 268 
SER C     OXT    sing N N 269 
SER CB    OG     sing N N 270 
SER CB    HB2    sing N N 271 
SER CB    HB3    sing N N 272 
SER OG    HG     sing N N 273 
SER OXT   HXT    sing N N 274 
THR N     CA     sing N N 275 
THR N     H      sing N N 276 
THR N     H2     sing N N 277 
THR CA    C      sing N N 278 
THR CA    CB     sing N N 279 
THR CA    HA     sing N N 280 
THR C     O      doub N N 281 
THR C     OXT    sing N N 282 
THR CB    OG1    sing N N 283 
THR CB    CG2    sing N N 284 
THR CB    HB     sing N N 285 
THR OG1   HG1    sing N N 286 
THR CG2   HG21   sing N N 287 
THR CG2   HG22   sing N N 288 
THR CG2   HG23   sing N N 289 
THR OXT   HXT    sing N N 290 
TYR N     CA     sing N N 291 
TYR N     H      sing N N 292 
TYR N     H2     sing N N 293 
TYR CA    C      sing N N 294 
TYR CA    CB     sing N N 295 
TYR CA    HA     sing N N 296 
TYR C     O      doub N N 297 
TYR C     OXT    sing N N 298 
TYR CB    CG     sing N N 299 
TYR CB    HB2    sing N N 300 
TYR CB    HB3    sing N N 301 
TYR CG    CD1    doub Y N 302 
TYR CG    CD2    sing Y N 303 
TYR CD1   CE1    sing Y N 304 
TYR CD1   HD1    sing N N 305 
TYR CD2   CE2    doub Y N 306 
TYR CD2   HD2    sing N N 307 
TYR CE1   CZ     doub Y N 308 
TYR CE1   HE1    sing N N 309 
TYR CE2   CZ     sing Y N 310 
TYR CE2   HE2    sing N N 311 
TYR CZ    OH     sing N N 312 
TYR OH    HH     sing N N 313 
TYR OXT   HXT    sing N N 314 
U   OP3   P      sing N N 315 
U   OP3   HOP3   sing N N 316 
U   P     OP1    doub N N 317 
U   P     OP2    sing N N 318 
U   P     "O5'"  sing N N 319 
U   OP2   HOP2   sing N N 320 
U   "O5'" "C5'"  sing N N 321 
U   "C5'" "C4'"  sing N N 322 
U   "C5'" "H5'"  sing N N 323 
U   "C5'" "H5''" sing N N 324 
U   "C4'" "O4'"  sing N N 325 
U   "C4'" "C3'"  sing N N 326 
U   "C4'" "H4'"  sing N N 327 
U   "O4'" "C1'"  sing N N 328 
U   "C3'" "O3'"  sing N N 329 
U   "C3'" "C2'"  sing N N 330 
U   "C3'" "H3'"  sing N N 331 
U   "O3'" "HO3'" sing N N 332 
U   "C2'" "O2'"  sing N N 333 
U   "C2'" "C1'"  sing N N 334 
U   "C2'" "H2'"  sing N N 335 
U   "O2'" "HO2'" sing N N 336 
U   "C1'" N1     sing N N 337 
U   "C1'" "H1'"  sing N N 338 
U   N1    C2     sing N N 339 
U   N1    C6     sing N N 340 
U   C2    O2     doub N N 341 
U   C2    N3     sing N N 342 
U   N3    C4     sing N N 343 
U   N3    H3     sing N N 344 
U   C4    O4     doub N N 345 
U   C4    C5     sing N N 346 
U   C5    C6     doub N N 347 
U   C5    H5     sing N N 348 
U   C6    H6     sing N N 349 
# 
loop_
_ndb_struct_conf_na.entry_id 
_ndb_struct_conf_na.feature 
1XOK 'double helix' 
1XOK 'hairpin loop' 
# 
loop_
_ndb_struct_na_base_pair.model_number 
_ndb_struct_na_base_pair.i_label_asym_id 
_ndb_struct_na_base_pair.i_label_comp_id 
_ndb_struct_na_base_pair.i_label_seq_id 
_ndb_struct_na_base_pair.i_symmetry 
_ndb_struct_na_base_pair.j_label_asym_id 
_ndb_struct_na_base_pair.j_label_comp_id 
_ndb_struct_na_base_pair.j_label_seq_id 
_ndb_struct_na_base_pair.j_symmetry 
_ndb_struct_na_base_pair.shear 
_ndb_struct_na_base_pair.stretch 
_ndb_struct_na_base_pair.stagger 
_ndb_struct_na_base_pair.buckle 
_ndb_struct_na_base_pair.propeller 
_ndb_struct_na_base_pair.opening 
_ndb_struct_na_base_pair.pair_number 
_ndb_struct_na_base_pair.pair_name 
_ndb_struct_na_base_pair.i_auth_asym_id 
_ndb_struct_na_base_pair.i_auth_seq_id 
_ndb_struct_na_base_pair.i_PDB_ins_code 
_ndb_struct_na_base_pair.j_auth_asym_id 
_ndb_struct_na_base_pair.j_auth_seq_id 
_ndb_struct_na_base_pair.j_PDB_ins_code 
_ndb_struct_na_base_pair.hbond_type_28 
_ndb_struct_na_base_pair.hbond_type_12 
1 A U 2  1_555 A A 23 1_555 -0.216 -1.070 0.180  -8.757  -12.050 -159.818 1  A_U844:A865_A A 844 ? A 865 ? 21 2 
1 A C 4  1_555 A G 25 1_555 -0.040 -0.257 -0.949 18.013  -14.217 1.246    2  A_C846:G867_A A 846 ? A 867 ? 19 1 
1 A U 5  1_555 A A 22 1_555 0.009  -0.251 0.071  0.326   -9.746  -5.957   3  A_U847:A864_A A 847 ? A 864 ? 20 1 
1 A C 6  1_555 A G 21 1_555 0.497  -0.518 0.009  0.712   -15.112 -3.778   4  A_C848:G863_A A 848 ? A 863 ? 19 1 
1 A A 7  1_555 A U 20 1_555 0.328  -0.366 -0.018 -5.797  -20.293 2.056    5  A_A849:U862_A A 849 ? A 862 ? 20 1 
1 A U 8  1_555 A A 19 1_555 0.315  -0.371 0.789  -1.694  -4.072  3.792    6  A_U850:A861_A A 850 ? A 861 ? 20 1 
1 A G 9  1_555 A C 18 1_555 -0.286 -0.326 0.202  -0.323  -12.730 1.089    7  A_G851:C860_A A 851 ? A 860 ? 19 1 
1 A U 24 1_555 B A 6  1_555 -0.099 -1.417 -0.239 -16.552 -17.173 -164.150 8  A_U866:A878_B A 866 ? B 878 ? 21 2 
1 A C 26 1_555 B G 8  1_555 -0.162 -0.029 -0.756 26.357  -7.702  1.917    9  A_C868:G880_B A 868 ? B 880 ? 19 1 
1 A C 27 1_555 B G 5  1_555 0.516  -0.439 -0.235 8.617   -13.104 -3.075   10 A_C869:G877_B A 869 ? B 877 ? 19 1 
1 A C 28 1_555 B G 4  1_555 0.526  -0.144 0.040  2.623   -6.469  4.184    11 A_C870:G876_B A 870 ? B 876 ? 19 1 
1 A C 29 1_555 B G 3  1_555 0.859  -0.131 -0.709 14.449  -25.093 10.995   12 A_C871:G875_B A 871 ? B 875 ? 19 1 
1 A U 30 1_555 B A 2  1_555 -0.149 -0.157 0.726  -12.957 -2.288  0.692    13 A_U872:A874_B A 872 ? B 874 ? 20 1 
# 
loop_
_ndb_struct_na_base_pair_step.model_number 
_ndb_struct_na_base_pair_step.i_label_asym_id_1 
_ndb_struct_na_base_pair_step.i_label_comp_id_1 
_ndb_struct_na_base_pair_step.i_label_seq_id_1 
_ndb_struct_na_base_pair_step.i_symmetry_1 
_ndb_struct_na_base_pair_step.j_label_asym_id_1 
_ndb_struct_na_base_pair_step.j_label_comp_id_1 
_ndb_struct_na_base_pair_step.j_label_seq_id_1 
_ndb_struct_na_base_pair_step.j_symmetry_1 
_ndb_struct_na_base_pair_step.i_label_asym_id_2 
_ndb_struct_na_base_pair_step.i_label_comp_id_2 
_ndb_struct_na_base_pair_step.i_label_seq_id_2 
_ndb_struct_na_base_pair_step.i_symmetry_2 
_ndb_struct_na_base_pair_step.j_label_asym_id_2 
_ndb_struct_na_base_pair_step.j_label_comp_id_2 
_ndb_struct_na_base_pair_step.j_label_seq_id_2 
_ndb_struct_na_base_pair_step.j_symmetry_2 
_ndb_struct_na_base_pair_step.shift 
_ndb_struct_na_base_pair_step.slide 
_ndb_struct_na_base_pair_step.rise 
_ndb_struct_na_base_pair_step.tilt 
_ndb_struct_na_base_pair_step.roll 
_ndb_struct_na_base_pair_step.twist 
_ndb_struct_na_base_pair_step.x_displacement 
_ndb_struct_na_base_pair_step.y_displacement 
_ndb_struct_na_base_pair_step.helical_rise 
_ndb_struct_na_base_pair_step.inclination 
_ndb_struct_na_base_pair_step.tip 
_ndb_struct_na_base_pair_step.helical_twist 
_ndb_struct_na_base_pair_step.step_number 
_ndb_struct_na_base_pair_step.step_name 
_ndb_struct_na_base_pair_step.i_auth_asym_id_1 
_ndb_struct_na_base_pair_step.i_auth_seq_id_1 
_ndb_struct_na_base_pair_step.i_PDB_ins_code_1 
_ndb_struct_na_base_pair_step.j_auth_asym_id_1 
_ndb_struct_na_base_pair_step.j_auth_seq_id_1 
_ndb_struct_na_base_pair_step.j_PDB_ins_code_1 
_ndb_struct_na_base_pair_step.i_auth_asym_id_2 
_ndb_struct_na_base_pair_step.i_auth_seq_id_2 
_ndb_struct_na_base_pair_step.i_PDB_ins_code_2 
_ndb_struct_na_base_pair_step.j_auth_asym_id_2 
_ndb_struct_na_base_pair_step.j_auth_seq_id_2 
_ndb_struct_na_base_pair_step.j_PDB_ins_code_2 
1 A U 2  1_555 A A 23 1_555 A C 4  1_555 A G 25 1_555 2.649  -0.953 -1.849 76.147  146.101 -139.196 0.771  1.172  -1.867 -73.470 
38.292  -174.699 1  AA_U844C846:G867A865_AA A 844 ? A 865 ? A 846 ? A 867 ? 
1 A C 4  1_555 A G 25 1_555 A U 5  1_555 A A 22 1_555 1.867  -1.424 3.403  -2.312  14.107  50.408   -2.528 -2.269 2.854  16.192  
2.654   52.268   2  AA_C846U847:A864G867_AA A 846 ? A 867 ? A 847 ? A 864 ? 
1 A U 5  1_555 A A 22 1_555 A C 6  1_555 A G 21 1_555 0.709  -1.331 3.102  2.693   10.644  33.363   -3.642 -0.814 2.616  17.945  
-4.540  35.074   3  AA_U847C848:G863A864_AA A 847 ? A 864 ? A 848 ? A 863 ? 
1 A C 6  1_555 A G 21 1_555 A A 7  1_555 A U 20 1_555 -0.126 -1.351 3.248  -1.213  14.633  32.358   -4.176 0.044  2.434  24.730  
2.050   35.453   4  AA_C848A849:U862G863_AA A 848 ? A 863 ? A 849 ? A 862 ? 
1 A A 7  1_555 A U 20 1_555 A U 8  1_555 A A 19 1_555 -0.229 -1.554 3.159  -9.876  3.582   33.709   -3.073 -1.019 2.933  5.998   
16.538  35.263   5  AA_A849U850:A861U862_AA A 849 ? A 862 ? A 850 ? A 861 ? 
1 A U 8  1_555 A A 19 1_555 A G 9  1_555 A C 18 1_555 -0.125 -1.501 2.821  5.156   13.552  25.731   -5.124 1.073  1.769  27.797  
-10.576 29.475   6  AA_U850G851:C860A861_AA A 850 ? A 861 ? A 851 ? A 860 ? 
1 A U 24 1_555 B A 6  1_555 A C 26 1_555 B G 8  1_555 2.174  -0.972 -1.595 82.920  144.187 -153.902 0.644  0.996  -1.609 -72.245 
41.547  -176.920 7  AA_U866C868:G880A878_BB A 866 ? B 878 ? A 868 ? B 880 ? 
1 A C 26 1_555 B G 8  1_555 A C 27 1_555 B G 5  1_555 1.488  -1.238 3.418  0.099   14.025  53.306   -2.178 -1.605 3.031  15.334  
-0.108  54.989   8  AA_C868C869:G877G880_BB A 868 ? B 880 ? A 869 ? B 877 ? 
1 A C 27 1_555 B G 5  1_555 A C 28 1_555 B G 4  1_555 0.303  -1.909 3.324  -1.659  6.029   34.901   -3.991 -0.733 2.947  9.954   
2.739   35.440   9  AA_C869C870:G876G877_BB A 869 ? B 877 ? A 870 ? B 876 ? 
1 A C 28 1_555 B G 4  1_555 A C 29 1_555 B G 3  1_555 0.741  -1.741 2.956  12.460  4.423   26.194   -4.318 1.002  2.701  9.062   
-25.528 29.290   10 AA_C870C871:G875G876_BB A 870 ? B 876 ? A 871 ? B 875 ? 
1 A C 29 1_555 B G 3  1_555 A U 30 1_555 B A 2  1_555 -0.694 -2.221 3.785  -15.322 17.176  25.745   -6.523 -1.297 2.065  31.659  
28.242  34.403   11 AA_C871U872:A874G875_BB A 871 ? B 875 ? A 872 ? B 874 ? 
# 
_atom_sites.entry_id                    1XOK 
_atom_sites.fract_transf_matrix[1][1]   0.01880814 
_atom_sites.fract_transf_matrix[1][2]   0.00324524 
_atom_sites.fract_transf_matrix[1][3]   0.00584838 
_atom_sites.fract_transf_matrix[2][1]   0.00022634 
_atom_sites.fract_transf_matrix[2][2]   -0.00739137 
_atom_sites.fract_transf_matrix[2][3]   0.00337353 
_atom_sites.fract_transf_matrix[3][1]   0.00622922 
_atom_sites.fract_transf_matrix[3][2]   -0.00714341 
_atom_sites.fract_transf_matrix[3][3]   -0.01606907 
_atom_sites.fract_transf_vector[1]      0.745168 
_atom_sites.fract_transf_vector[2]      0.066582 
_atom_sites.fract_transf_vector[3]      0.486610 
# 
loop_
_atom_type.symbol 
BR 
C  
N  
O  
P  
# 
loop_
_atom_site.group_PDB 
_atom_site.id 
_atom_site.type_symbol 
_atom_site.label_atom_id 
_atom_site.label_alt_id 
_atom_site.label_comp_id 
_atom_site.label_asym_id 
_atom_site.label_entity_id 
_atom_site.label_seq_id 
_atom_site.pdbx_PDB_ins_code 
_atom_site.Cartn_x 
_atom_site.Cartn_y 
_atom_site.Cartn_z 
_atom_site.occupancy 
_atom_site.B_iso_or_equiv 
_atom_site.pdbx_formal_charge 
_atom_site.auth_seq_id 
_atom_site.auth_comp_id 
_atom_site.auth_asym_id 
_atom_site.auth_atom_id 
_atom_site.pdbx_PDB_model_num 
ATOM   1    P  P     . A   A 1 1  ? 17.825  -3.583  1.177   0.81 56.17 ? 843 A   A P     1 
ATOM   2    O  OP1   . A   A 1 1  ? 19.161  -2.960  1.392   0.81 53.40 ? 843 A   A OP1   1 
ATOM   3    O  OP2   . A   A 1 1  ? 16.559  -2.975  1.700   0.81 56.93 ? 843 A   A OP2   1 
ATOM   4    O  "O5'" . A   A 1 1  ? 17.600  -4.091  -0.354  1.00 54.35 ? 843 A   A "O5'" 1 
ATOM   5    C  "C5'" . A   A 1 1  ? 16.345  -4.649  -0.899  1.00 48.94 ? 843 A   A "C5'" 1 
ATOM   6    C  "C4'" . A   A 1 1  ? 15.679  -3.631  -1.822  1.00 44.71 ? 843 A   A "C4'" 1 
ATOM   7    O  "O4'" . A   A 1 1  ? 16.538  -3.304  -2.938  1.00 42.64 ? 843 A   A "O4'" 1 
ATOM   8    C  "C3'" . A   A 1 1  ? 14.336  -3.995  -2.435  1.00 41.70 ? 843 A   A "C3'" 1 
ATOM   9    O  "O3'" . A   A 1 1  ? 13.532  -2.865  -2.259  1.00 39.32 ? 843 A   A "O3'" 1 
ATOM   10   C  "C2'" . A   A 1 1  ? 14.587  -4.195  -3.921  1.00 40.35 ? 843 A   A "C2'" 1 
ATOM   11   O  "O2'" . A   A 1 1  ? 13.557  -3.695  -4.754  1.00 38.25 ? 843 A   A "O2'" 1 
ATOM   12   C  "C1'" . A   A 1 1  ? 15.812  -3.330  -4.140  1.00 40.47 ? 843 A   A "C1'" 1 
ATOM   13   N  N9    . A   A 1 1  ? 16.699  -3.908  -5.124  1.00 38.42 ? 843 A   A N9    1 
ATOM   14   C  C8    . A   A 1 1  ? 17.180  -5.189  -5.165  1.00 37.90 ? 843 A   A C8    1 
ATOM   15   N  N7    . A   A 1 1  ? 17.978  -5.436  -6.171  1.00 37.47 ? 843 A   A N7    1 
ATOM   16   C  C5    . A   A 1 1  ? 18.019  -4.221  -6.830  1.00 38.33 ? 843 A   A C5    1 
ATOM   17   C  C6    . A   A 1 1  ? 18.695  -3.814  -8.003  1.00 38.39 ? 843 A   A C6    1 
ATOM   18   N  N6    . A   A 1 1  ? 19.474  -4.630  -8.713  1.00 37.39 ? 843 A   A N6    1 
ATOM   19   N  N1    . A   A 1 1  ? 18.525  -2.529  -8.397  1.00 39.24 ? 843 A   A N1    1 
ATOM   20   C  C2    . A   A 1 1  ? 17.722  -1.732  -7.649  1.00 39.97 ? 843 A   A C2    1 
ATOM   21   N  N3    . A   A 1 1  ? 17.020  -1.999  -6.535  1.00 37.13 ? 843 A   A N3    1 
ATOM   22   C  C4    . A   A 1 1  ? 17.229  -3.271  -6.190  1.00 37.52 ? 843 A   A C4    1 
ATOM   23   P  P     . U   A 1 2  ? 12.321  -2.872  -1.219  1.00 35.92 ? 844 U   A P     1 
ATOM   24   O  OP1   . U   A 1 2  ? 12.461  -1.593  -0.516  1.00 37.52 ? 844 U   A OP1   1 
ATOM   25   O  OP2   . U   A 1 2  ? 12.279  -4.155  -0.498  1.00 37.59 ? 844 U   A OP2   1 
ATOM   26   O  "O5'" . U   A 1 2  ? 10.983  -2.770  -2.079  1.00 31.72 ? 844 U   A "O5'" 1 
ATOM   27   C  "C5'" . U   A 1 2  ? 10.285  -3.901  -2.462  1.00 30.48 ? 844 U   A "C5'" 1 
ATOM   28   C  "C4'" . U   A 1 2  ? 9.115   -3.423  -3.294  1.00 33.09 ? 844 U   A "C4'" 1 
ATOM   29   O  "O4'" . U   A 1 2  ? 8.027   -3.070  -2.402  1.00 34.88 ? 844 U   A "O4'" 1 
ATOM   30   C  "C3'" . U   A 1 2  ? 9.367   -2.198  -4.185  1.00 32.53 ? 844 U   A "C3'" 1 
ATOM   31   O  "O3'" . U   A 1 2  ? 8.647   -2.310  -5.414  1.00 31.17 ? 844 U   A "O3'" 1 
ATOM   32   C  "C2'" . U   A 1 2  ? 8.776   -1.063  -3.380  1.00 34.21 ? 844 U   A "C2'" 1 
ATOM   33   O  "O2'" . U   A 1 2  ? 8.436   0.065   -4.184  1.00 32.30 ? 844 U   A "O2'" 1 
ATOM   34   C  "C1'" . U   A 1 2  ? 7.557   -1.799  -2.785  1.00 36.15 ? 844 U   A "C1'" 1 
ATOM   35   N  N1    . U   A 1 2  ? 7.044   -1.154  -1.576  1.00 37.09 ? 844 U   A N1    1 
ATOM   36   C  C2    . U   A 1 2  ? 5.778   -0.582  -1.513  1.00 38.38 ? 844 U   A C2    1 
ATOM   37   O  O2    . U   A 1 2  ? 4.946   -0.575  -2.397  1.00 39.10 ? 844 U   A O2    1 
ATOM   38   N  N3    . U   A 1 2  ? 5.466   -0.019  -0.322  1.00 39.11 ? 844 U   A N3    1 
ATOM   39   C  C4    . U   A 1 2  ? 6.308   0.025   0.753   1.00 40.93 ? 844 U   A C4    1 
ATOM   40   O  O4    . U   A 1 2  ? 5.925   0.550   1.761   1.00 45.99 ? 844 U   A O4    1 
ATOM   41   C  C5    . U   A 1 2  ? 7.604   -0.557  0.621   1.00 40.27 ? 844 U   A C5    1 
ATOM   42   C  C6    . U   A 1 2  ? 7.917   -1.132  -0.524  1.00 37.88 ? 844 U   A C6    1 
ATOM   43   P  P     . G   A 1 3  ? 9.367   -2.757  -6.772  1.00 28.98 ? 845 G   A P     1 
ATOM   44   O  OP1   . G   A 1 3  ? 10.664  -2.055  -6.900  1.00 28.06 ? 845 G   A OP1   1 
ATOM   45   O  OP2   . G   A 1 3  ? 8.314   -2.636  -7.785  1.00 28.03 ? 845 G   A OP2   1 
ATOM   46   O  "O5'" . G   A 1 3  ? 9.695   -4.302  -6.529  1.00 29.92 ? 845 G   A "O5'" 1 
ATOM   47   C  "C5'" . G   A 1 3  ? 8.730   -5.320  -6.708  1.00 33.36 ? 845 G   A "C5'" 1 
ATOM   48   C  "C4'" . G   A 1 3  ? 9.424   -6.674  -6.724  1.00 36.37 ? 845 G   A "C4'" 1 
ATOM   49   O  "O4'" . G   A 1 3  ? 9.978   -6.934  -8.030  1.00 36.73 ? 845 G   A "O4'" 1 
ATOM   50   C  "C3'" . G   A 1 3  ? 10.603  -6.819  -5.771  1.00 38.51 ? 845 G   A "C3'" 1 
ATOM   51   O  "O3'" . G   A 1 3  ? 10.746  -8.159  -5.354  1.00 40.76 ? 845 G   A "O3'" 1 
ATOM   52   C  "C2'" . G   A 1 3  ? 11.786  -6.399  -6.630  1.00 39.25 ? 845 G   A "C2'" 1 
ATOM   53   O  "O2'" . G   A 1 3  ? 13.047  -6.886  -6.208  1.00 39.93 ? 845 G   A "O2'" 1 
ATOM   54   C  "C1'" . G   A 1 3  ? 11.386  -6.965  -7.981  1.00 37.85 ? 845 G   A "C1'" 1 
ATOM   55   N  N9    . G   A 1 3  ? 11.868  -6.086  -9.031  1.00 38.30 ? 845 G   A N9    1 
ATOM   56   C  C8    . G   A 1 3  ? 11.636  -4.739  -9.156  1.00 38.15 ? 845 G   A C8    1 
ATOM   57   N  N7    . G   A 1 3  ? 12.194  -4.181  -10.185 1.00 37.58 ? 845 G   A N7    1 
ATOM   58   C  C5    . G   A 1 3  ? 12.842  -5.238  -10.794 1.00 39.07 ? 845 G   A C5    1 
ATOM   59   C  C6    . G   A 1 3  ? 13.621  -5.245  -11.969 1.00 39.68 ? 845 G   A C6    1 
ATOM   60   O  O6    . G   A 1 3  ? 13.891  -4.277  -12.704 1.00 39.03 ? 845 G   A O6    1 
ATOM   61   N  N1    . G   A 1 3  ? 14.105  -6.528  -12.235 1.00 39.99 ? 845 G   A N1    1 
ATOM   62   C  C2    . G   A 1 3  ? 13.855  -7.644  -11.465 1.00 39.29 ? 845 G   A C2    1 
ATOM   63   N  N2    . G   A 1 3  ? 14.390  -8.794  -11.861 1.00 40.31 ? 845 G   A N2    1 
ATOM   64   N  N3    . G   A 1 3  ? 13.130  -7.651  -10.367 1.00 39.11 ? 845 G   A N3    1 
ATOM   65   C  C4    . G   A 1 3  ? 12.659  -6.414  -10.093 1.00 39.01 ? 845 G   A C4    1 
ATOM   66   P  P     . C   A 1 4  ? 10.369  -8.572  -3.854  1.00 42.80 ? 846 C   A P     1 
ATOM   67   O  OP1   . C   A 1 4  ? 11.056  -7.591  -2.988  1.00 42.50 ? 846 C   A OP1   1 
ATOM   68   O  OP2   . C   A 1 4  ? 10.572  -10.031 -3.586  1.00 42.37 ? 846 C   A OP2   1 
ATOM   69   O  "O5'" . C   A 1 4  ? 8.777   -8.339  -3.918  1.00 43.13 ? 846 C   A "O5'" 1 
ATOM   70   C  "C5'" . C   A 1 4  ? 7.922   -8.703  -2.845  1.00 43.29 ? 846 C   A "C5'" 1 
ATOM   71   C  "C4'" . C   A 1 4  ? 8.020   -7.704  -1.711  1.00 42.05 ? 846 C   A "C4'" 1 
ATOM   72   O  "O4'" . C   A 1 4  ? 7.712   -6.395  -2.222  1.00 42.90 ? 846 C   A "O4'" 1 
ATOM   73   C  "C3'" . C   A 1 4  ? 6.971   -7.868  -0.650  1.00 40.97 ? 846 C   A "C3'" 1 
ATOM   74   O  "O3'" . C   A 1 4  ? 7.379   -8.825  0.256   1.00 38.11 ? 846 C   A "O3'" 1 
ATOM   75   C  "C2'" . C   A 1 4  ? 6.960   -6.503  -0.001  1.00 41.94 ? 846 C   A "C2'" 1 
ATOM   76   O  "O2'" . C   A 1 4  ? 8.045   -6.299  0.877   1.00 43.18 ? 846 C   A "O2'" 1 
ATOM   77   C  "C1'" . C   A 1 4  ? 7.090   -5.628  -1.225  1.00 42.27 ? 846 C   A "C1'" 1 
ATOM   78   N  N1    . C   A 1 4  ? 5.779   -5.159  -1.716  1.00 42.23 ? 846 C   A N1    1 
ATOM   79   C  C2    . C   A 1 4  ? 5.215   -4.057  -1.074  1.00 41.75 ? 846 C   A C2    1 
ATOM   80   O  O2    . C   A 1 4  ? 5.833   -3.534  -0.147  1.00 43.45 ? 846 C   A O2    1 
ATOM   81   N  N3    . C   A 1 4  ? 4.005   -3.602  -1.472  1.00 41.05 ? 846 C   A N3    1 
ATOM   82   C  C4    . C   A 1 4  ? 3.372   -4.187  -2.484  1.00 40.30 ? 846 C   A C4    1 
ATOM   83   N  N4    . C   A 1 4  ? 2.186   -3.671  -2.840  1.00 39.32 ? 846 C   A N4    1 
ATOM   84   C  C5    . C   A 1 4  ? 3.935   -5.328  -3.156  1.00 40.90 ? 846 C   A C5    1 
ATOM   85   C  C6    . C   A 1 4  ? 5.131   -5.779  -2.750  1.00 41.16 ? 846 C   A C6    1 
ATOM   86   P  P     . U   A 1 5  ? 6.232   -9.758  0.824   1.00 35.79 ? 847 U   A P     1 
ATOM   87   O  OP1   . U   A 1 5  ? 6.872   -10.806 1.640   1.00 37.19 ? 847 U   A OP1   1 
ATOM   88   O  OP2   . U   A 1 5  ? 5.183   -10.038 -0.183  1.00 34.67 ? 847 U   A OP2   1 
ATOM   89   O  "O5'" . U   A 1 5  ? 5.522   -8.782  1.833   1.00 38.25 ? 847 U   A "O5'" 1 
ATOM   90   C  "C5'" . U   A 1 5  ? 6.184   -8.207  2.945   1.00 39.28 ? 847 U   A "C5'" 1 
ATOM   91   C  "C4'" . U   A 1 5  ? 5.102   -7.323  3.508   1.00 40.77 ? 847 U   A "C4'" 1 
ATOM   92   O  "O4'" . U   A 1 5  ? 4.767   -6.323  2.514   1.00 41.29 ? 847 U   A "O4'" 1 
ATOM   93   C  "C3'" . U   A 1 5  ? 3.808   -8.089  3.664   1.00 40.63 ? 847 U   A "C3'" 1 
ATOM   94   O  "O3'" . U   A 1 5  ? 3.705   -8.681  4.902   1.00 40.82 ? 847 U   A "O3'" 1 
ATOM   95   C  "C2'" . U   A 1 5  ? 2.769   -7.012  3.575   1.00 41.36 ? 847 U   A "C2'" 1 
ATOM   96   O  "O2'" . U   A 1 5  ? 2.623   -6.408  4.833   1.00 43.95 ? 847 U   A "O2'" 1 
ATOM   97   C  "C1'" . U   A 1 5  ? 3.384   -6.027  2.603   1.00 41.59 ? 847 U   A "C1'" 1 
ATOM   98   N  N1    . U   A 1 5  ? 2.686   -6.118  1.296   1.00 40.91 ? 847 U   A N1    1 
ATOM   99   C  C2    . U   A 1 5  ? 1.496   -5.437  1.117   1.00 40.02 ? 847 U   A C2    1 
ATOM   100  O  O2    . U   A 1 5  ? 1.000   -4.744  1.975   1.00 41.42 ? 847 U   A O2    1 
ATOM   101  N  N3    . U   A 1 5  ? 0.891   -5.573  -0.106  1.00 37.93 ? 847 U   A N3    1 
ATOM   102  C  C4    . U   A 1 5  ? 1.365   -6.319  -1.144  1.00 36.75 ? 847 U   A C4    1 
ATOM   103  O  O4    . U   A 1 5  ? 0.744   -6.351  -2.170  1.00 35.62 ? 847 U   A O4    1 
ATOM   104  C  C5    . U   A 1 5  ? 2.591   -7.021  -0.901  1.00 39.98 ? 847 U   A C5    1 
ATOM   105  C  C6    . U   A 1 5  ? 3.202   -6.901  0.290   1.00 41.83 ? 847 U   A C6    1 
ATOM   106  P  P     . C   A 1 6  ? 2.810   -10.009 4.919   1.00 47.00 ? 848 C   A P     1 
ATOM   107  O  OP1   . C   A 1 6  ? 3.297   -10.660 6.168   1.00 47.64 ? 848 C   A OP1   1 
ATOM   108  O  OP2   . C   A 1 6  ? 2.779   -10.788 3.647   1.00 46.58 ? 848 C   A OP2   1 
ATOM   109  O  "O5'" . C   A 1 6  ? 1.284   -9.533  4.983   1.00 45.21 ? 848 C   A "O5'" 1 
ATOM   110  C  "C5'" . C   A 1 6  ? 0.804   -8.796  6.072   1.00 44.63 ? 848 C   A "C5'" 1 
ATOM   111  C  "C4'" . C   A 1 6  ? -0.477  -8.257  5.558   1.00 43.31 ? 848 C   A "C4'" 1 
ATOM   112  O  "O4'" . C   A 1 6  ? -0.160  -7.541  4.356   1.00 41.70 ? 848 C   A "O4'" 1 
ATOM   113  C  "C3'" . C   A 1 6  ? -1.384  -9.344  5.044   1.00 44.40 ? 848 C   A "C3'" 1 
ATOM   114  O  "O3'" . C   A 1 6  ? -2.044  -9.981  6.117   1.00 45.57 ? 848 C   A "O3'" 1 
ATOM   115  C  "C2'" . C   A 1 6  ? -2.310  -8.428  4.258   1.00 44.87 ? 848 C   A "C2'" 1 
ATOM   116  O  "O2'" . C   A 1 6  ? -3.317  -7.872  5.089   1.00 46.73 ? 848 C   A "O2'" 1 
ATOM   117  C  "C1'" . C   A 1 6  ? -1.355  -7.383  3.641   1.00 42.44 ? 848 C   A "C1'" 1 
ATOM   118  N  N1    . C   A 1 6  ? -1.180  -7.715  2.189   1.00 40.30 ? 848 C   A N1    1 
ATOM   119  C  C2    . C   A 1 6  ? -2.138  -7.270  1.275   1.00 38.80 ? 848 C   A C2    1 
ATOM   120  O  O2    . C   A 1 6  ? -3.068  -6.573  1.663   1.00 37.17 ? 848 C   A O2    1 
ATOM   121  N  N3    . C   A 1 6  ? -2.018  -7.606  -0.032  1.00 39.43 ? 848 C   A N3    1 
ATOM   122  C  C4    . C   A 1 6  ? -1.013  -8.366  -0.453  1.00 37.91 ? 848 C   A C4    1 
ATOM   123  N  N4    . C   A 1 6  ? -0.972  -8.646  -1.756  1.00 36.60 ? 848 C   A N4    1 
ATOM   124  C  C5    . C   A 1 6  ? -0.018  -8.844  0.450   1.00 38.03 ? 848 C   A C5    1 
ATOM   125  C  C6    . C   A 1 6  ? -0.146  -8.500  1.744   1.00 39.60 ? 848 C   A C6    1 
ATOM   126  P  P     . A   A 1 7  ? -3.177  -11.091 5.885   1.00 49.41 ? 849 A   A P     1 
ATOM   127  O  OP1   . A   A 1 7  ? -3.231  -11.882 7.129   1.00 50.64 ? 849 A   A OP1   1 
ATOM   128  O  OP2   . A   A 1 7  ? -3.004  -11.782 4.595   1.00 51.35 ? 849 A   A OP2   1 
ATOM   129  O  "O5'" . A   A 1 7  ? -4.565  -10.321 5.771   1.00 50.90 ? 849 A   A "O5'" 1 
ATOM   130  C  "C5'" . A   A 1 7  ? -5.723  -11.075 5.494   1.00 50.42 ? 849 A   A "C5'" 1 
ATOM   131  C  "C4'" . A   A 1 7  ? -6.643  -10.118 4.793   1.00 53.02 ? 849 A   A "C4'" 1 
ATOM   132  O  "O4'" . A   A 1 7  ? -5.870  -9.097  4.078   1.00 52.25 ? 849 A   A "O4'" 1 
ATOM   133  C  "C3'" . A   A 1 7  ? -7.465  -10.820 3.735   1.00 55.40 ? 849 A   A "C3'" 1 
ATOM   134  O  "O3'" . A   A 1 7  ? -8.650  -11.365 4.301   1.00 57.70 ? 849 A   A "O3'" 1 
ATOM   135  C  "C2'" . A   A 1 7  ? -7.722  -9.713  2.711   1.00 54.85 ? 849 A   A "C2'" 1 
ATOM   136  O  "O2'" . A   A 1 7  ? -8.863  -8.943  3.033   1.00 56.95 ? 849 A   A "O2'" 1 
ATOM   137  C  "C1'" . A   A 1 7  ? -6.399  -8.919  2.758   1.00 53.00 ? 849 A   A "C1'" 1 
ATOM   138  N  N9    . A   A 1 7  ? -5.445  -9.392  1.730   1.00 51.24 ? 849 A   A N9    1 
ATOM   139  C  C8    . A   A 1 7  ? -4.201  -9.924  1.944   1.00 50.28 ? 849 A   A C8    1 
ATOM   140  N  N7    . A   A 1 7  ? -3.570  -10.291 0.858   1.00 49.65 ? 849 A   A N7    1 
ATOM   141  C  C5    . A   A 1 7  ? -4.463  -9.988  -0.160  1.00 50.37 ? 849 A   A C5    1 
ATOM   142  C  C6    . A   A 1 7  ? -4.407  -10.120 -1.572  1.00 50.50 ? 849 A   A C6    1 
ATOM   143  N  N6    . A   A 1 7  ? -3.342  -10.629 -2.193  1.00 51.40 ? 849 A   A N6    1 
ATOM   144  N  N1    . A   A 1 7  ? -5.463  -9.732  -2.328  1.00 48.56 ? 849 A   A N1    1 
ATOM   145  C  C2    . A   A 1 7  ? -6.517  -9.230  -1.695  1.00 49.13 ? 849 A   A C2    1 
ATOM   146  N  N3    . A   A 1 7  ? -6.680  -9.048  -0.380  1.00 50.46 ? 849 A   A N3    1 
ATOM   147  C  C4    . A   A 1 7  ? -5.619  -9.442  0.354   1.00 50.25 ? 849 A   A C4    1 
ATOM   148  P  P     . U   A 1 8  ? -8.810  -12.972 4.351   1.00 60.44 ? 850 U   A P     1 
ATOM   149  O  OP1   . U   A 1 8  ? -8.749  -13.354 5.780   1.00 61.23 ? 850 U   A OP1   1 
ATOM   150  O  OP2   . U   A 1 8  ? -7.863  -13.682 3.455   1.00 61.49 ? 850 U   A OP2   1 
ATOM   151  O  "O5'" . U   A 1 8  ? -10.293 -13.175 3.759   1.00 59.74 ? 850 U   A "O5'" 1 
ATOM   152  C  "C5'" . U   A 1 8  ? -11.013 -12.053 3.211   1.00 59.39 ? 850 U   A "C5'" 1 
ATOM   153  C  "C4'" . U   A 1 8  ? -11.202 -12.089 1.694   1.00 58.14 ? 850 U   A "C4'" 1 
ATOM   154  O  "O4'" . U   A 1 8  ? -10.136 -11.372 0.993   1.00 57.17 ? 850 U   A "O4'" 1 
ATOM   155  C  "C3'" . U   A 1 8  ? -11.198 -13.454 1.023   1.00 57.17 ? 850 U   A "C3'" 1 
ATOM   156  O  "O3'" . U   A 1 8  ? -12.384 -14.200 1.286   1.00 57.10 ? 850 U   A "O3'" 1 
ATOM   157  C  "C2'" . U   A 1 8  ? -11.015 -13.083 -0.452  1.00 56.45 ? 850 U   A "C2'" 1 
ATOM   158  O  "O2'" . U   A 1 8  ? -12.214 -12.763 -1.152  1.00 56.25 ? 850 U   A "O2'" 1 
ATOM   159  C  "C1'" . U   A 1 8  ? -10.044 -11.891 -0.338  1.00 56.23 ? 850 U   A "C1'" 1 
ATOM   160  N  N1    . U   A 1 8  ? -8.611  -12.287 -0.657  1.00 53.77 ? 850 U   A N1    1 
ATOM   161  C  C2    . U   A 1 8  ? -8.207  -12.627 -1.955  1.00 52.34 ? 850 U   A C2    1 
ATOM   162  O  O2    . U   A 1 8  ? -8.921  -12.641 -2.953  1.00 53.00 ? 850 U   A O2    1 
ATOM   163  N  N3    . U   A 1 8  ? -6.891  -12.974 -2.057  1.00 49.64 ? 850 U   A N3    1 
ATOM   164  C  C4    . U   A 1 8  ? -5.967  -13.012 -1.040  1.00 49.59 ? 850 U   A C4    1 
ATOM   165  O  O4    . U   A 1 8  ? -4.821  -13.333 -1.287  1.00 50.19 ? 850 U   A O4    1 
ATOM   166  C  C5    . U   A 1 8  ? -6.443  -12.650 0.261   1.00 50.24 ? 850 U   A C5    1 
ATOM   167  C  C6    . U   A 1 8  ? -7.721  -12.311 0.396   1.00 51.78 ? 850 U   A C6    1 
ATOM   168  P  P     . G   A 1 9  ? -12.269 -15.803 1.377   1.00 57.71 ? 851 G   A P     1 
ATOM   169  O  OP1   . G   A 1 9  ? -12.722 -16.204 2.727   1.00 57.93 ? 851 G   A OP1   1 
ATOM   170  O  OP2   . G   A 1 9  ? -10.924 -16.223 0.912   1.00 58.14 ? 851 G   A OP2   1 
ATOM   171  O  "O5'" . G   A 1 9  ? -13.349 -16.335 0.322   1.00 57.34 ? 851 G   A "O5'" 1 
ATOM   172  C  "C5'" . G   A 1 9  ? -13.053 -17.465 -0.479  1.00 56.46 ? 851 G   A "C5'" 1 
ATOM   173  C  "C4'" . G   A 1 9  ? -12.628 -17.044 -1.880  1.00 56.00 ? 851 G   A "C4'" 1 
ATOM   174  O  "O4'" . G   A 1 9  ? -11.687 -15.930 -1.896  1.00 54.97 ? 851 G   A "O4'" 1 
ATOM   175  C  "C3'" . G   A 1 9  ? -11.852 -18.083 -2.677  1.00 55.68 ? 851 G   A "C3'" 1 
ATOM   176  O  "O3'" . G   A 1 9  ? -12.646 -19.231 -3.020  1.00 54.46 ? 851 G   A "O3'" 1 
ATOM   177  C  "C2'" . G   A 1 9  ? -11.392 -17.228 -3.861  1.00 55.20 ? 851 G   A "C2'" 1 
ATOM   178  O  "O2'" . G   A 1 9  ? -12.398 -16.921 -4.814  1.00 56.03 ? 851 G   A "O2'" 1 
ATOM   179  C  "C1'" . G   A 1 9  ? -10.939 -15.972 -3.110  1.00 53.95 ? 851 G   A "C1'" 1 
ATOM   180  N  N9    . G   A 1 9  ? -9.496  -15.966 -2.820  1.00 51.95 ? 851 G   A N9    1 
ATOM   181  C  C8    . G   A 1 9  ? -8.919  -15.776 -1.581  1.00 51.79 ? 851 G   A C8    1 
ATOM   182  N  N7    . G   A 1 9  ? -7.611  -15.809 -1.595  1.00 50.99 ? 851 G   A N7    1 
ATOM   183  C  C5    . G   A 1 9  ? -7.285  -16.049 -2.931  1.00 49.54 ? 851 G   A C5    1 
ATOM   184  C  C6    . G   A 1 9  ? -6.010  -16.196 -3.555  1.00 47.97 ? 851 G   A C6    1 
ATOM   185  O  O6    . G   A 1 9  ? -4.884  -16.135 -3.022  1.00 46.77 ? 851 G   A O6    1 
ATOM   186  N  N1    . G   A 1 9  ? -6.121  -16.434 -4.931  1.00 46.16 ? 851 G   A N1    1 
ATOM   187  C  C2    . G   A 1 9  ? -7.305  -16.511 -5.621  1.00 45.96 ? 851 G   A C2    1 
ATOM   188  N  N2    . G   A 1 9  ? -7.214  -16.741 -6.940  1.00 44.95 ? 851 G   A N2    1 
ATOM   189  N  N3    . G   A 1 9  ? -8.498  -16.368 -5.049  1.00 47.54 ? 851 G   A N3    1 
ATOM   190  C  C4    . G   A 1 9  ? -8.432  -16.145 -3.705  1.00 49.79 ? 851 G   A C4    1 
ATOM   191  P  P     . C   A 1 10 ? -12.359 -20.630 -2.285  1.00 53.33 ? 852 C   A P     1 
ATOM   192  O  OP1   . C   A 1 10 ? -13.673 -21.173 -1.863  1.00 54.38 ? 852 C   A OP1   1 
ATOM   193  O  OP2   . C   A 1 10 ? -11.295 -20.428 -1.266  1.00 52.98 ? 852 C   A OP2   1 
ATOM   194  O  "O5'" . C   A 1 10 ? -11.846 -21.576 -3.483  0.67 51.45 ? 852 C   A "O5'" 1 
ATOM   195  C  "C5'" . C   A 1 10 ? -10.634 -22.343 -3.418  0.67 47.73 ? 852 C   A "C5'" 1 
ATOM   196  C  "C4'" . C   A 1 10 ? -10.843 -23.782 -2.961  0.67 45.22 ? 852 C   A "C4'" 1 
ATOM   197  O  "O4'" . C   A 1 10 ? -11.933 -23.912 -2.010  0.67 43.85 ? 852 C   A "O4'" 1 
ATOM   198  C  "C3'" . C   A 1 10 ? -11.244 -24.815 -4.006  0.67 44.20 ? 852 C   A "C3'" 1 
ATOM   199  O  "O3'" . C   A 1 10 ? -10.208 -25.119 -4.929  0.67 43.31 ? 852 C   A "O3'" 1 
ATOM   200  C  "C2'" . C   A 1 10 ? -11.497 -25.981 -3.056  0.67 43.93 ? 852 C   A "C2'" 1 
ATOM   201  O  "O2'" . C   A 1 10 ? -10.303 -26.577 -2.577  0.67 44.12 ? 852 C   A "O2'" 1 
ATOM   202  C  "C1'" . C   A 1 10 ? -12.264 -25.287 -1.921  0.67 43.23 ? 852 C   A "C1'" 1 
ATOM   203  N  N1    . C   A 1 10 ? -13.773 -25.483 -1.986  0.67 42.38 ? 852 C   A N1    1 
ATOM   204  C  C2    . C   A 1 10 ? -14.669 -24.651 -1.271  0.67 41.24 ? 852 C   A C2    1 
ATOM   205  O  O2    . C   A 1 10 ? -14.251 -23.723 -0.561  0.67 39.45 ? 852 C   A O2    1 
ATOM   206  N  N3    . C   A 1 10 ? -16.010 -24.901 -1.382  0.67 40.99 ? 852 C   A N3    1 
ATOM   207  C  C4    . C   A 1 10 ? -16.466 -25.907 -2.151  0.67 40.48 ? 852 C   A C4    1 
ATOM   208  N  N4    . C   A 1 10 ? -17.786 -26.098 -2.224  0.67 40.14 ? 852 C   A N4    1 
ATOM   209  C  C5    . C   A 1 10 ? -15.585 -26.761 -2.881  0.67 40.43 ? 852 C   A C5    1 
ATOM   210  C  C6    . C   A 1 10 ? -14.272 -26.515 -2.763  0.67 41.62 ? 852 C   A C6    1 
ATOM   211  P  P     . A   A 1 14 ? -1.128  -26.576 3.796   0.30 38.93 ? 856 A   A P     1 
ATOM   212  O  OP1   . A   A 1 14 ? -1.744  -27.251 2.633   0.30 38.91 ? 856 A   A OP1   1 
ATOM   213  O  OP2   . A   A 1 14 ? -1.618  -26.859 5.166   0.30 38.72 ? 856 A   A OP2   1 
ATOM   214  O  "O5'" . A   A 1 14 ? 0.456   -26.803 3.760   0.30 39.55 ? 856 A   A "O5'" 1 
ATOM   215  C  "C5'" . A   A 1 14 ? 1.320   -26.021 4.583   0.30 40.91 ? 856 A   A "C5'" 1 
ATOM   216  C  "C4'" . A   A 1 14 ? 2.011   -24.922 3.791   0.30 42.08 ? 856 A   A "C4'" 1 
ATOM   217  O  "O4'" . A   A 1 14 ? 2.447   -25.424 2.506   0.30 42.90 ? 856 A   A "O4'" 1 
ATOM   218  C  "C3'" . A   A 1 14 ? 1.146   -23.726 3.418   0.30 42.19 ? 856 A   A "C3'" 1 
ATOM   219  O  "O3'" . A   A 1 14 ? 1.054   -22.813 4.503   0.30 41.21 ? 856 A   A "O3'" 1 
ATOM   220  C  "C2'" . A   A 1 14 ? 1.890   -23.129 2.222   0.30 42.99 ? 856 A   A "C2'" 1 
ATOM   221  O  "O2'" . A   A 1 14 ? 2.821   -22.123 2.580   0.30 43.46 ? 856 A   A "O2'" 1 
ATOM   222  C  "C1'" . A   A 1 14 ? 2.635   -24.327 1.628   0.30 43.49 ? 856 A   A "C1'" 1 
ATOM   223  N  N9    . A   A 1 14 ? 2.216   -24.721 0.277   0.30 44.22 ? 856 A   A N9    1 
ATOM   224  C  C8    . A   A 1 14 ? 0.978   -24.579 -0.295  0.30 44.48 ? 856 A   A C8    1 
ATOM   225  N  N7    . A   A 1 14 ? 0.900   -25.031 -1.525  0.30 44.66 ? 856 A   A N7    1 
ATOM   226  C  C5    . A   A 1 14 ? 2.177   -25.504 -1.781  0.30 44.84 ? 856 A   A C5    1 
ATOM   227  C  C6    . A   A 1 14 ? 2.758   -26.115 -2.914  0.30 45.01 ? 856 A   A C6    1 
ATOM   228  N  N6    . A   A 1 14 ? 2.081   -26.350 -4.041  0.30 45.23 ? 856 A   A N6    1 
ATOM   229  N  N1    . A   A 1 14 ? 4.063   -26.475 -2.850  0.30 45.04 ? 856 A   A N1    1 
ATOM   230  C  C2    . A   A 1 14 ? 4.740   -26.237 -1.718  0.30 45.02 ? 856 A   A C2    1 
ATOM   231  N  N3    . A   A 1 14 ? 4.302   -25.671 -0.590  0.30 44.84 ? 856 A   A N3    1 
ATOM   232  C  C4    . A   A 1 14 ? 3.001   -25.324 -0.683  0.30 44.67 ? 856 A   A C4    1 
ATOM   233  P  P     . C   A 1 15 ? 0.191   -21.479 4.319   0.30 40.75 ? 857 C   A P     1 
ATOM   234  O  OP1   . C   A 1 15 ? -0.554  -21.252 5.579   0.30 40.30 ? 857 C   A OP1   1 
ATOM   235  O  OP2   . C   A 1 15 ? -0.554  -21.592 3.044   0.30 40.72 ? 857 C   A OP2   1 
ATOM   236  O  "O5'" . C   A 1 15 ? 1.302   -20.329 4.170   0.30 40.48 ? 857 C   A "O5'" 1 
ATOM   237  C  "C5'" . C   A 1 15 ? 2.349   -20.406 3.186   0.30 40.40 ? 857 C   A "C5'" 1 
ATOM   238  C  "C4'" . C   A 1 15 ? 3.406   -19.326 3.398   0.30 40.33 ? 857 C   A "C4'" 1 
ATOM   239  O  "O4'" . C   A 1 15 ? 3.192   -18.704 4.694   0.30 40.10 ? 857 C   A "O4'" 1 
ATOM   240  C  "C3'" . C   A 1 15 ? 4.863   -19.799 3.356   0.30 40.43 ? 857 C   A "C3'" 1 
ATOM   241  O  "O3'" . C   A 1 15 ? 5.585   -19.265 2.224   0.30 41.07 ? 857 C   A "O3'" 1 
ATOM   242  C  "C2'" . C   A 1 15 ? 5.494   -19.311 4.668   0.30 40.08 ? 857 C   A "C2'" 1 
ATOM   243  O  "O2'" . C   A 1 15 ? 6.407   -18.244 4.482   0.30 39.97 ? 857 C   A "O2'" 1 
ATOM   244  C  "C1'" . C   A 1 15 ? 4.326   -18.827 5.532   0.30 39.77 ? 857 C   A "C1'" 1 
ATOM   245  N  N1    . C   A 1 15 ? 3.980   -19.685 6.735   0.30 39.26 ? 857 C   A N1    1 
ATOM   246  C  C2    . C   A 1 15 ? 4.056   -19.144 8.035   0.30 38.58 ? 857 C   A C2    1 
ATOM   247  O  O2    . C   A 1 15 ? 4.413   -17.973 8.210   0.30 37.38 ? 857 C   A O2    1 
ATOM   248  N  N3    . C   A 1 15 ? 3.737   -19.937 9.093   0.30 38.62 ? 857 C   A N3    1 
ATOM   249  C  C4    . C   A 1 15 ? 3.354   -21.204 8.903   0.30 38.54 ? 857 C   A C4    1 
ATOM   250  N  N4    . C   A 1 15 ? 3.051   -21.932 9.983   0.30 38.51 ? 857 C   A N4    1 
ATOM   251  C  C5    . C   A 1 15 ? 3.264   -21.777 7.601   0.30 38.64 ? 857 C   A C5    1 
ATOM   252  C  C6    . C   A 1 15 ? 3.582   -20.990 6.565   0.30 39.20 ? 857 C   A C6    1 
ATOM   253  P  P     . U   A 1 16 ? 4.912   -18.961 0.799   0.30 41.33 ? 858 U   A P     1 
ATOM   254  O  OP1   . U   A 1 16 ? 5.872   -18.175 -0.011  0.30 40.20 ? 858 U   A OP1   1 
ATOM   255  O  OP2   . U   A 1 16 ? 3.562   -18.409 1.047   0.30 41.53 ? 858 U   A OP2   1 
ATOM   256  O  "O5'" . U   A 1 16 ? 4.766   -20.429 0.167   0.30 42.40 ? 858 U   A "O5'" 1 
ATOM   257  C  "C5'" . U   A 1 16 ? 5.753   -20.965 -0.722  0.30 43.86 ? 858 U   A "C5'" 1 
ATOM   258  C  "C4'" . U   A 1 16 ? 5.122   -21.557 -1.968  0.30 45.05 ? 858 U   A "C4'" 1 
ATOM   259  O  "O4'" . U   A 1 16 ? 3.935   -22.317 -1.632  0.30 44.42 ? 858 U   A "O4'" 1 
ATOM   260  C  "C3'" . U   A 1 16 ? 4.548   -20.551 -2.943  0.30 46.82 ? 858 U   A "C3'" 1 
ATOM   261  O  "O3'" . U   A 1 16 ? 5.555   -19.881 -3.696  0.30 51.70 ? 858 U   A "O3'" 1 
ATOM   262  C  "C2'" . U   A 1 16 ? 3.665   -21.441 -3.813  0.30 45.08 ? 858 U   A "C2'" 1 
ATOM   263  O  "O2'" . U   A 1 16 ? 4.373   -22.064 -4.868  0.30 44.60 ? 858 U   A "O2'" 1 
ATOM   264  C  "C1'" . U   A 1 16 ? 3.157   -22.475 -2.811  0.30 43.71 ? 858 U   A "C1'" 1 
ATOM   265  N  N1    . U   A 1 16 ? 1.670   -22.376 -2.530  0.30 41.94 ? 858 U   A N1    1 
ATOM   266  C  C2    . U   A 1 16 ? 0.771   -22.675 -3.548  0.30 41.09 ? 858 U   A C2    1 
ATOM   267  O  O2    . U   A 1 16 ? 1.100   -23.009 -4.674  0.30 40.67 ? 858 U   A O2    1 
ATOM   268  N  N3    . U   A 1 16 ? -0.559  -22.565 -3.209  0.30 40.39 ? 858 U   A N3    1 
ATOM   269  C  C4    . U   A 1 16 ? -1.078  -22.199 -1.982  0.30 40.20 ? 858 U   A C4    1 
ATOM   270  O  O4    . U   A 1 16 ? -2.297  -22.151 -1.841  0.30 39.57 ? 858 U   A O4    1 
ATOM   271  C  C5    . U   A 1 16 ? -0.090  -21.902 -0.969  0.30 40.50 ? 858 U   A C5    1 
ATOM   272  C  C6    . U   A 1 16 ? 1.215   -21.999 -1.274  0.30 41.14 ? 858 U   A C6    1 
ATOM   273  P  P     . G   A 1 17 ? 5.100   -18.649 -4.625  1.00 56.73 ? 859 G   A P     1 
ATOM   274  O  OP1   . G   A 1 17 ? 6.282   -18.153 -5.372  1.00 57.60 ? 859 G   A OP1   1 
ATOM   275  O  OP2   . G   A 1 17 ? 4.320   -17.670 -3.819  1.00 54.93 ? 859 G   A OP2   1 
ATOM   276  O  "O5'" . G   A 1 17 ? 4.142   -19.409 -5.669  1.00 57.36 ? 859 G   A "O5'" 1 
ATOM   277  C  "C5'" . G   A 1 17 ? 3.651   -18.742 -6.819  1.00 58.28 ? 859 G   A "C5'" 1 
ATOM   278  C  "C4'" . G   A 1 17 ? 2.502   -19.502 -7.445  1.00 58.71 ? 859 G   A "C4'" 1 
ATOM   279  O  "O4'" . G   A 1 17 ? 1.552   -19.956 -6.450  1.00 58.84 ? 859 G   A "O4'" 1 
ATOM   280  C  "C3'" . G   A 1 17 ? 1.571   -18.667 -8.304  1.00 59.20 ? 859 G   A "C3'" 1 
ATOM   281  O  "O3'" . G   A 1 17 ? 2.227   -18.072 -9.464  1.00 59.32 ? 859 G   A "O3'" 1 
ATOM   282  C  "C2'" . G   A 1 17 ? 0.464   -19.701 -8.549  1.00 58.77 ? 859 G   A "C2'" 1 
ATOM   283  O  "O2'" . G   A 1 17 ? 0.838   -20.753 -9.421  1.00 57.56 ? 859 G   A "O2'" 1 
ATOM   284  C  "C1'" . G   A 1 17 ? 0.334   -20.266 -7.131  1.00 58.71 ? 859 G   A "C1'" 1 
ATOM   285  N  N9    . G   A 1 17 ? -0.844  -19.926 -6.298  1.00 58.42 ? 859 G   A N9    1 
ATOM   286  C  C8    . G   A 1 17 ? -0.795  -19.467 -5.003  1.00 57.86 ? 859 G   A C8    1 
ATOM   287  N  N7    . G   A 1 17 ? -1.963  -19.277 -4.456  1.00 57.68 ? 859 G   A N7    1 
ATOM   288  C  C5    . G   A 1 17 ? -2.874  -19.640 -5.433  1.00 58.50 ? 859 G   A C5    1 
ATOM   289  C  C6    . G   A 1 17 ? -4.305  -19.647 -5.401  1.00 59.62 ? 859 G   A C6    1 
ATOM   290  O  O6    . G   A 1 17 ? -5.081  -19.320 -4.483  1.00 59.93 ? 859 G   A O6    1 
ATOM   291  N  N1    . G   A 1 17 ? -4.854  -20.099 -6.602  1.00 60.23 ? 859 G   A N1    1 
ATOM   292  C  C2    . G   A 1 17 ? -4.110  -20.493 -7.695  1.00 59.72 ? 859 G   A C2    1 
ATOM   293  N  N2    . G   A 1 17 ? -4.829  -20.895 -8.756  1.00 59.38 ? 859 G   A N2    1 
ATOM   294  N  N3    . G   A 1 17 ? -2.769  -20.491 -7.739  1.00 59.05 ? 859 G   A N3    1 
ATOM   295  C  C4    . G   A 1 17 ? -2.202  -20.055 -6.577  1.00 58.57 ? 859 G   A C4    1 
ATOM   296  P  P     . C   A 1 18 ? 2.175   -16.460 -9.643  1.00 60.00 ? 860 C   A P     1 
ATOM   297  O  OP1   . C   A 1 18 ? 3.096   -16.073 -10.743 1.00 60.44 ? 860 C   A OP1   1 
ATOM   298  O  OP2   . C   A 1 18 ? 2.321   -15.770 -8.326  1.00 58.90 ? 860 C   A OP2   1 
ATOM   299  O  "O5'" . C   A 1 18 ? 0.671   -16.226 -10.151 1.00 57.22 ? 860 C   A "O5'" 1 
ATOM   300  C  "C5'" . C   A 1 18 ? 0.224   -16.701 -11.416 1.00 53.68 ? 860 C   A "C5'" 1 
ATOM   301  C  "C4'" . C   A 1 18 ? -1.261  -16.978 -11.330 1.00 51.13 ? 860 C   A "C4'" 1 
ATOM   302  O  "O4'" . C   A 1 18 ? -1.520  -17.860 -10.207 1.00 49.80 ? 860 C   A "O4'" 1 
ATOM   303  C  "C3'" . C   A 1 18 ? -2.164  -15.796 -11.011 1.00 49.56 ? 860 C   A "C3'" 1 
ATOM   304  O  "O3'" . C   A 1 18 ? -2.359  -14.958 -12.137 1.00 49.42 ? 860 C   A "O3'" 1 
ATOM   305  C  "C2'" . C   A 1 18 ? -3.422  -16.576 -10.643 1.00 48.67 ? 860 C   A "C2'" 1 
ATOM   306  O  "O2'" . C   A 1 18 ? -4.057  -17.197 -11.749 1.00 47.28 ? 860 C   A "O2'" 1 
ATOM   307  C  "C1'" . C   A 1 18 ? -2.822  -17.624 -9.712  1.00 48.22 ? 860 C   A "C1'" 1 
ATOM   308  N  N1    . C   A 1 18 ? -2.735  -17.146 -8.305  1.00 46.92 ? 860 C   A N1    1 
ATOM   309  C  C2    . C   A 1 18 ? -3.896  -17.022 -7.523  1.00 46.75 ? 860 C   A C2    1 
ATOM   310  O  O2    . C   A 1 18 ? -5.005  -17.317 -7.988  1.00 46.44 ? 860 C   A O2    1 
ATOM   311  N  N3    . C   A 1 18 ? -3.772  -16.573 -6.249  1.00 46.99 ? 860 C   A N3    1 
ATOM   312  C  C4    . C   A 1 18 ? -2.573  -16.245 -5.753  1.00 47.45 ? 860 C   A C4    1 
ATOM   313  N  N4    . C   A 1 18 ? -2.507  -15.805 -4.491  1.00 47.31 ? 860 C   A N4    1 
ATOM   314  C  C5    . C   A 1 18 ? -1.381  -16.360 -6.532  1.00 47.54 ? 860 C   A C5    1 
ATOM   315  C  C6    . C   A 1 18 ? -1.516  -16.812 -7.785  1.00 46.92 ? 860 C   A C6    1 
ATOM   316  P  P     . A   A 1 19 ? -1.970  -13.398 -12.170 1.00 48.95 ? 861 A   A P     1 
ATOM   317  O  OP1   . A   A 1 19 ? -1.511  -13.136 -13.563 1.00 48.85 ? 861 A   A OP1   1 
ATOM   318  O  OP2   . A   A 1 19 ? -1.150  -13.017 -10.994 1.00 48.30 ? 861 A   A OP2   1 
ATOM   319  O  "O5'" . A   A 1 19 ? -3.350  -12.633 -12.042 1.00 47.08 ? 861 A   A "O5'" 1 
ATOM   320  C  "C5'" . A   A 1 19 ? -4.415  -13.114 -12.805 1.00 45.41 ? 861 A   A "C5'" 1 
ATOM   321  C  "C4'" . A   A 1 19 ? -5.577  -13.170 -11.862 1.00 44.82 ? 861 A   A "C4'" 1 
ATOM   322  O  "O4'" . A   A 1 19 ? -5.343  -14.085 -10.776 1.00 43.95 ? 861 A   A "O4'" 1 
ATOM   323  C  "C3'" . A   A 1 19 ? -5.804  -11.871 -11.133 1.00 45.18 ? 861 A   A "C3'" 1 
ATOM   324  O  "O3'" . A   A 1 19 ? -6.346  -10.918 -12.028 1.00 45.44 ? 861 A   A "O3'" 1 
ATOM   325  C  "C2'" . A   A 1 19 ? -6.751  -12.333 -10.036 1.00 44.28 ? 861 A   A "C2'" 1 
ATOM   326  O  "O2'" . A   A 1 19 ? -8.109  -12.300 -10.409 1.00 45.63 ? 861 A   A "O2'" 1 
ATOM   327  C  "C1'" . A   A 1 19 ? -6.250  -13.752 -9.742  1.00 43.31 ? 861 A   A "C1'" 1 
ATOM   328  N  N9    . A   A 1 19 ? -5.490  -13.691 -8.510  1.00 42.21 ? 861 A   A N9    1 
ATOM   329  C  C8    . A   A 1 19 ? -4.136  -13.877 -8.367  1.00 41.58 ? 861 A   A C8    1 
ATOM   330  N  N7    . A   A 1 19 ? -3.707  -13.722 -7.140  1.00 40.07 ? 861 A   A N7    1 
ATOM   331  C  C5    . A   A 1 19 ? -4.859  -13.400 -6.456  1.00 38.88 ? 861 A   A C5    1 
ATOM   332  C  C6    . A   A 1 19 ? -5.074  -13.122 -5.122  1.00 37.98 ? 861 A   A C6    1 
ATOM   333  N  N6    . A   A 1 19 ? -4.046  -13.139 -4.282  1.00 38.74 ? 861 A   A N6    1 
ATOM   334  N  N1    . A   A 1 19 ? -6.330  -12.832 -4.705  1.00 38.59 ? 861 A   A N1    1 
ATOM   335  C  C2    . A   A 1 19 ? -7.326  -12.835 -5.591  1.00 38.97 ? 861 A   A C2    1 
ATOM   336  N  N3    . A   A 1 19 ? -7.236  -13.087 -6.894  1.00 40.36 ? 861 A   A N3    1 
ATOM   337  C  C4    . A   A 1 19 ? -5.969  -13.367 -7.262  1.00 40.46 ? 861 A   A C4    1 
ATOM   338  P  P     . U   A 1 20 ? -5.772  -9.428  -12.003 1.00 45.21 ? 862 U   A P     1 
ATOM   339  O  OP1   . U   A 1 20 ? -6.157  -8.772  -13.265 1.00 46.47 ? 862 U   A OP1   1 
ATOM   340  O  OP2   . U   A 1 20 ? -4.343  -9.387  -11.587 1.00 45.23 ? 862 U   A OP2   1 
ATOM   341  O  "O5'" . U   A 1 20 ? -6.698  -8.879  -10.841 1.00 44.45 ? 862 U   A "O5'" 1 
ATOM   342  C  "C5'" . U   A 1 20 ? -8.070  -9.047  -10.991 1.00 44.78 ? 862 U   A "C5'" 1 
ATOM   343  C  "C4'" . U   A 1 20 ? -8.711  -8.805  -9.656  1.00 47.12 ? 862 U   A "C4'" 1 
ATOM   344  O  "O4'" . U   A 1 20 ? -8.420  -9.899  -8.750  1.00 47.86 ? 862 U   A "O4'" 1 
ATOM   345  C  "C3'" . U   A 1 20 ? -8.225  -7.585  -8.877  1.00 48.10 ? 862 U   A "C3'" 1 
ATOM   346  O  "O3'" . U   A 1 20 ? -8.573  -6.350  -9.552  1.00 48.70 ? 862 U   A "O3'" 1 
ATOM   347  C  "C2'" . U   A 1 20 ? -8.950  -7.931  -7.570  1.00 48.80 ? 862 U   A "C2'" 1 
ATOM   348  O  "O2'" . U   A 1 20 ? -10.368 -7.951  -7.667  1.00 47.82 ? 862 U   A "O2'" 1 
ATOM   349  C  "C1'" . U   A 1 20 ? -8.468  -9.376  -7.423  1.00 48.21 ? 862 U   A "C1'" 1 
ATOM   350  N  N1    . U   A 1 20 ? -7.134  -9.513  -6.725  1.00 46.37 ? 862 U   A N1    1 
ATOM   351  C  C2    . U   A 1 20 ? -7.103  -9.622  -5.349  1.00 46.09 ? 862 U   A C2    1 
ATOM   352  O  O2    . U   A 1 20 ? -8.080  -9.611  -4.636  1.00 45.58 ? 862 U   A O2    1 
ATOM   353  N  N3    . U   A 1 20 ? -5.856  -9.751  -4.806  1.00 47.46 ? 862 U   A N3    1 
ATOM   354  C  C4    . U   A 1 20 ? -4.652  -9.783  -5.492  1.00 48.11 ? 862 U   A C4    1 
ATOM   355  O  O4    . U   A 1 20 ? -3.602  -9.893  -4.864  1.00 48.20 ? 862 U   A O4    1 
ATOM   356  C  C5    . U   A 1 20 ? -4.761  -9.673  -6.928  1.00 47.38 ? 862 U   A C5    1 
ATOM   357  C  C6    . U   A 1 20 ? -5.971  -9.543  -7.475  1.00 46.21 ? 862 U   A C6    1 
ATOM   358  P  P     . G   A 1 21 ? -8.291  -4.877  -8.968  1.00 49.15 ? 863 G   A P     1 
ATOM   359  O  OP1   . G   A 1 21 ? -8.733  -3.836  -9.932  1.00 48.92 ? 863 G   A OP1   1 
ATOM   360  O  OP2   . G   A 1 21 ? -6.938  -4.765  -8.378  1.00 48.73 ? 863 G   A OP2   1 
ATOM   361  O  "O5'" . G   A 1 21 ? -9.372  -4.933  -7.813  1.00 47.92 ? 863 G   A "O5'" 1 
ATOM   362  C  "C5'" . G   A 1 21 ? -9.673  -3.774  -7.108  1.00 45.82 ? 863 G   A "C5'" 1 
ATOM   363  C  "C4'" . G   A 1 21 ? -9.358  -4.001  -5.653  1.00 42.64 ? 863 G   A "C4'" 1 
ATOM   364  O  "O4'" . G   A 1 21 ? -8.754  -5.288  -5.373  1.00 42.14 ? 863 G   A "O4'" 1 
ATOM   365  C  "C3'" . G   A 1 21 ? -8.284  -3.072  -5.166  1.00 40.32 ? 863 G   A "C3'" 1 
ATOM   366  O  "O3'" . G   A 1 21 ? -8.830  -1.805  -5.165  1.00 37.66 ? 863 G   A "O3'" 1 
ATOM   367  C  "C2'" . G   A 1 21 ? -8.146  -3.650  -3.773  1.00 39.63 ? 863 G   A "C2'" 1 
ATOM   368  O  "O2'" . G   A 1 21 ? -9.231  -3.234  -2.984  1.00 36.65 ? 863 G   A "O2'" 1 
ATOM   369  C  "C1'" . G   A 1 21 ? -8.182  -5.151  -4.087  1.00 40.86 ? 863 G   A "C1'" 1 
ATOM   370  N  N9    . G   A 1 21 ? -6.842  -5.707  -4.104  1.00 40.19 ? 863 G   A N9    1 
ATOM   371  C  C8    . G   A 1 21 ? -6.124  -6.000  -5.214  1.00 40.44 ? 863 G   A C8    1 
ATOM   372  N  N7    . G   A 1 21 ? -4.941  -6.464  -4.943  1.00 42.38 ? 863 G   A N7    1 
ATOM   373  C  C5    . G   A 1 21 ? -4.876  -6.485  -3.560  1.00 40.92 ? 863 G   A C5    1 
ATOM   374  C  C6    . G   A 1 21 ? -3.842  -6.888  -2.701  1.00 39.20 ? 863 G   A C6    1 
ATOM   375  O  O6    . G   A 1 21 ? -2.750  -7.337  -2.960  1.00 39.24 ? 863 G   A O6    1 
ATOM   376  N  N1    . G   A 1 21 ? -4.140  -6.755  -1.386  1.00 39.90 ? 863 G   A N1    1 
ATOM   377  C  C2    . G   A 1 21 ? -5.313  -6.286  -0.926  1.00 42.10 ? 863 G   A C2    1 
ATOM   378  N  N2    . G   A 1 21 ? -5.384  -6.250  0.408   1.00 44.86 ? 863 G   A N2    1 
ATOM   379  N  N3    . G   A 1 21 ? -6.320  -5.901  -1.703  1.00 42.93 ? 863 G   A N3    1 
ATOM   380  C  C4    . G   A 1 21 ? -6.036  -6.017  -3.025  1.00 41.51 ? 863 G   A C4    1 
ATOM   381  P  P     . A   A 1 22 ? -7.910  -0.513  -5.103  1.00 37.34 ? 864 A   A P     1 
ATOM   382  O  OP1   . A   A 1 22 ? -8.850  0.635   -5.224  1.00 37.35 ? 864 A   A OP1   1 
ATOM   383  O  OP2   . A   A 1 22 ? -6.758  -0.654  -6.010  1.00 37.45 ? 864 A   A OP2   1 
ATOM   384  O  "O5'" . A   A 1 22 ? -7.380  -0.524  -3.591  1.00 37.64 ? 864 A   A "O5'" 1 
ATOM   385  C  "C5'" . A   A 1 22 ? -8.285  -0.202  -2.549  1.00 35.70 ? 864 A   A "C5'" 1 
ATOM   386  C  "C4'" . A   A 1 22 ? -7.584  -0.238  -1.233  1.00 35.77 ? 864 A   A "C4'" 1 
ATOM   387  O  "O4'" . A   A 1 22 ? -7.180  -1.602  -1.025  1.00 39.71 ? 864 A   A "O4'" 1 
ATOM   388  C  "C3'" . A   A 1 22 ? -6.295  0.526   -1.209  1.00 36.15 ? 864 A   A "C3'" 1 
ATOM   389  O  "O3'" . A   A 1 22 ? -6.549  1.803   -0.792  1.00 37.40 ? 864 A   A "O3'" 1 
ATOM   390  C  "C2'" . A   A 1 22 ? -5.507  -0.198  -0.141  1.00 36.28 ? 864 A   A "C2'" 1 
ATOM   391  O  "O2'" . A   A 1 22 ? -5.847  0.268   1.139   1.00 32.90 ? 864 A   A "O2'" 1 
ATOM   392  C  "C1'" . A   A 1 22 ? -5.927  -1.650  -0.363  1.00 39.51 ? 864 A   A "C1'" 1 
ATOM   393  N  N9    . A   A 1 22 ? -4.968  -2.400  -1.187  1.00 40.77 ? 864 A   A N9    1 
ATOM   394  C  C8    . A   A 1 22 ? -5.044  -2.651  -2.523  1.00 42.31 ? 864 A   A C8    1 
ATOM   395  N  N7    . A   A 1 22 ? -4.026  -3.334  -2.979  1.00 44.89 ? 864 A   A N7    1 
ATOM   396  C  C5    . A   A 1 22 ? -3.233  -3.541  -1.867  1.00 42.65 ? 864 A   A C5    1 
ATOM   397  C  C6    . A   A 1 22 ? -2.007  -4.198  -1.672  1.00 42.05 ? 864 A   A C6    1 
ATOM   398  N  N6    . A   A 1 22 ? -1.318  -4.798  -2.626  1.00 41.09 ? 864 A   A N6    1 
ATOM   399  N  N1    . A   A 1 22 ? -1.487  -4.221  -0.442  1.00 41.94 ? 864 A   A N1    1 
ATOM   400  C  C2    . A   A 1 22 ? -2.163  -3.621  0.531   1.00 40.96 ? 864 A   A C2    1 
ATOM   401  N  N3    . A   A 1 22 ? -3.324  -2.986  0.471   1.00 41.32 ? 864 A   A N3    1 
ATOM   402  C  C4    . A   A 1 22 ? -3.806  -2.973  -0.763  1.00 40.91 ? 864 A   A C4    1 
ATOM   403  P  P     . A   A 1 23 ? -5.586  2.939   -1.354  1.00 39.19 ? 865 A   A P     1 
ATOM   404  O  OP1   . A   A 1 23 ? -6.172  4.266   -1.132  1.00 42.65 ? 865 A   A OP1   1 
ATOM   405  O  OP2   . A   A 1 23 ? -5.270  2.586   -2.758  1.00 38.37 ? 865 A   A OP2   1 
ATOM   406  O  "O5'" . A   A 1 23 ? -4.326  2.943   -0.390  1.00 36.89 ? 865 A   A "O5'" 1 
ATOM   407  C  "C5'" . A   A 1 23 ? -4.519  3.082   0.961   1.00 36.88 ? 865 A   A "C5'" 1 
ATOM   408  C  "C4'" . A   A 1 23 ? -3.295  3.741   1.540   1.00 38.62 ? 865 A   A "C4'" 1 
ATOM   409  O  "O4'" . A   A 1 23 ? -2.047  3.095   1.195   1.00 40.12 ? 865 A   A "O4'" 1 
ATOM   410  C  "C3'" . A   A 1 23 ? -3.127  5.181   1.143   1.00 38.82 ? 865 A   A "C3'" 1 
ATOM   411  O  "O3'" . A   A 1 23 ? -2.831  5.846   2.336   1.00 37.61 ? 865 A   A "O3'" 1 
ATOM   412  C  "C2'" . A   A 1 23 ? -1.921  5.197   0.212   1.00 40.69 ? 865 A   A "C2'" 1 
ATOM   413  O  "O2'" . A   A 1 23 ? -1.104  6.343   0.367   1.00 44.11 ? 865 A   A "O2'" 1 
ATOM   414  C  "C1'" . A   A 1 23 ? -1.100  4.036   0.719   1.00 40.66 ? 865 A   A "C1'" 1 
ATOM   415  N  N9    . A   A 1 23 ? -0.313  3.332   -0.290  1.00 41.48 ? 865 A   A N9    1 
ATOM   416  C  C8    . A   A 1 23 ? -0.555  3.202   -1.634  1.00 40.57 ? 865 A   A C8    1 
ATOM   417  N  N7    . A   A 1 23 ? 0.324   2.451   -2.248  1.00 41.27 ? 865 A   A N7    1 
ATOM   418  C  C5    . A   A 1 23 ? 1.198   2.061   -1.246  1.00 41.12 ? 865 A   A C5    1 
ATOM   419  C  C6    . A   A 1 23 ? 2.347   1.243   -1.236  1.00 40.28 ? 865 A   A C6    1 
ATOM   420  N  N6    . A   A 1 23 ? 2.851   0.637   -2.302  1.00 38.99 ? 865 A   A N6    1 
ATOM   421  N  N1    . A   A 1 23 ? 2.966   1.051   -0.065  1.00 41.14 ? 865 A   A N1    1 
ATOM   422  C  C2    . A   A 1 23 ? 2.464   1.656   1.024   1.00 41.46 ? 865 A   A C2    1 
ATOM   423  N  N3    . A   A 1 23 ? 1.388   2.430   1.152   1.00 40.35 ? 865 A   A N3    1 
ATOM   424  C  C4    . A   A 1 23 ? 0.804   2.593   -0.032  1.00 40.96 ? 865 A   A C4    1 
ATOM   425  P  P     . U   A 1 24 ? -3.939  6.405   3.317   1.00 36.05 ? 866 U   A P     1 
ATOM   426  O  OP1   . U   A 1 24 ? -5.091  6.920   2.548   1.00 33.94 ? 866 U   A OP1   1 
ATOM   427  O  OP2   . U   A 1 24 ? -3.115  7.167   4.283   1.00 37.94 ? 866 U   A OP2   1 
ATOM   428  O  "O5'" . U   A 1 24 ? -4.474  5.116   4.083   1.00 38.46 ? 866 U   A "O5'" 1 
ATOM   429  C  "C5'" . U   A 1 24 ? -3.761  4.680   5.228   1.00 37.40 ? 866 U   A "C5'" 1 
ATOM   430  C  "C4'" . U   A 1 24 ? -4.439  3.562   5.996   1.00 35.79 ? 866 U   A "C4'" 1 
ATOM   431  O  "O4'" . U   A 1 24 ? -5.137  4.144   7.099   1.00 35.93 ? 866 U   A "O4'" 1 
ATOM   432  C  "C3'" . U   A 1 24 ? -5.464  2.688   5.293   1.00 35.68 ? 866 U   A "C3'" 1 
ATOM   433  O  "O3'" . U   A 1 24 ? -5.284  1.300   5.704   1.00 35.52 ? 866 U   A "O3'" 1 
ATOM   434  C  "C2'" . U   A 1 24 ? -6.772  3.291   5.763   1.00 35.62 ? 866 U   A "C2'" 1 
ATOM   435  O  "O2'" . U   A 1 24 ? -7.855  2.396   5.683   1.00 35.71 ? 866 U   A "O2'" 1 
ATOM   436  C  "C1'" . U   A 1 24 ? -6.396  3.532   7.209   1.00 37.15 ? 866 U   A "C1'" 1 
ATOM   437  N  N1    . U   A 1 24 ? -7.264  4.452   8.003   1.00 38.21 ? 866 U   A N1    1 
ATOM   438  C  C2    . U   A 1 24 ? -7.777  4.024   9.190   1.00 38.58 ? 866 U   A C2    1 
ATOM   439  O  O2    . U   A 1 24 ? -7.570  2.918   9.634   1.00 39.99 ? 866 U   A O2    1 
ATOM   440  N  N3    . U   A 1 24 ? -8.532  4.945   9.853   1.00 39.63 ? 866 U   A N3    1 
ATOM   441  C  C4    . U   A 1 24 ? -8.836  6.232   9.472   1.00 39.79 ? 866 U   A C4    1 
ATOM   442  O  O4    . U   A 1 24 ? -9.550  6.953   10.170  1.00 39.73 ? 866 U   A O4    1 
ATOM   443  C  C5    . U   A 1 24 ? -8.256  6.601   8.221   1.00 39.69 ? 866 U   A C5    1 
ATOM   444  C  C6    . U   A 1 24 ? -7.507  5.725   7.559   1.00 38.69 ? 866 U   A C6    1 
ATOM   445  P  P     . G   A 1 25 ? -4.370  0.346   4.798   1.00 34.07 ? 867 G   A P     1 
ATOM   446  O  OP1   . G   A 1 25 ? -4.731  0.683   3.408   1.00 36.54 ? 867 G   A OP1   1 
ATOM   447  O  OP2   . G   A 1 25 ? -4.430  -1.085  5.109   1.00 35.33 ? 867 G   A OP2   1 
ATOM   448  O  "O5'" . G   A 1 25 ? -2.939  0.896   5.165   1.00 30.64 ? 867 G   A "O5'" 1 
ATOM   449  C  "C5'" . G   A 1 25 ? -2.446  0.552   6.362   1.00 33.14 ? 867 G   A "C5'" 1 
ATOM   450  C  "C4'" . G   A 1 25 ? -0.977  0.397   6.170   1.00 37.53 ? 867 G   A "C4'" 1 
ATOM   451  O  "O4'" . G   A 1 25 ? -0.783  -0.411  4.990   1.00 37.36 ? 867 G   A "O4'" 1 
ATOM   452  C  "C3'" . G   A 1 25 ? -0.278  1.725   5.909   1.00 38.91 ? 867 G   A "C3'" 1 
ATOM   453  O  "O3'" . G   A 1 25 ? 0.954   1.720   6.618   1.00 41.77 ? 867 G   A "O3'" 1 
ATOM   454  C  "C2'" . G   A 1 25 ? -0.102  1.666   4.400   1.00 38.19 ? 867 G   A "C2'" 1 
ATOM   455  O  "O2'" . G   A 1 25 ? 0.838   2.597   3.924   1.00 35.32 ? 867 G   A "O2'" 1 
ATOM   456  C  "C1'" . G   A 1 25 ? 0.274   0.180   4.282   1.00 36.49 ? 867 G   A "C1'" 1 
ATOM   457  N  N9    . G   A 1 25 ? 0.135   -0.288  2.932   1.00 34.38 ? 867 G   A N9    1 
ATOM   458  C  C8    . G   A 1 25 ? -0.960  -0.023  2.154   1.00 34.30 ? 867 G   A C8    1 
ATOM   459  N  N7    . G   A 1 25 ? -0.850  -0.530  0.979   1.00 34.72 ? 867 G   A N7    1 
ATOM   460  C  C5    . G   A 1 25 ? 0.381   -1.173  0.983   1.00 33.54 ? 867 G   A C5    1 
ATOM   461  C  C6    . G   A 1 25 ? 1.035   -1.901  -0.026  1.00 32.72 ? 867 G   A C6    1 
ATOM   462  O  O6    . G   A 1 25 ? 0.667   -2.142  -1.162  1.00 34.07 ? 867 G   A O6    1 
ATOM   463  N  N1    . G   A 1 25 ? 2.253   -2.399  0.362   1.00 33.56 ? 867 G   A N1    1 
ATOM   464  C  C2    . G   A 1 25 ? 2.799   -2.218  1.587   1.00 34.23 ? 867 G   A C2    1 
ATOM   465  N  N2    . G   A 1 25 ? 4.008   -2.777  1.751   1.00 34.64 ? 867 G   A N2    1 
ATOM   466  N  N3    . G   A 1 25 ? 2.193   -1.533  2.554   1.00 33.74 ? 867 G   A N3    1 
ATOM   467  C  C4    . G   A 1 25 ? 1.002   -1.035  2.185   1.00 32.68 ? 867 G   A C4    1 
ATOM   468  P  P     . C   A 1 26 ? 1.008   2.550   7.972   1.00 41.24 ? 868 C   A P     1 
ATOM   469  O  OP1   . C   A 1 26 ? 2.428   2.606   8.367   1.00 41.39 ? 868 C   A OP1   1 
ATOM   470  O  OP2   . C   A 1 26 ? 0.035   1.915   8.900   1.00 44.99 ? 868 C   A OP2   1 
ATOM   471  O  "O5'" . C   A 1 26 ? 0.448   3.919   7.431   1.00 39.01 ? 868 C   A "O5'" 1 
ATOM   472  C  "C5'" . C   A 1 26 ? 0.655   5.054   8.153   1.00 41.46 ? 868 C   A "C5'" 1 
ATOM   473  C  "C4'" . C   A 1 26 ? -0.603  5.877   8.039   1.00 43.17 ? 868 C   A "C4'" 1 
ATOM   474  O  "O4'" . C   A 1 26 ? -1.788  5.070   7.794   1.00 42.98 ? 868 C   A "O4'" 1 
ATOM   475  C  "C3'" . C   A 1 26 ? -0.898  6.575   9.337   1.00 42.50 ? 868 C   A "C3'" 1 
ATOM   476  O  "O3'" . C   A 1 26 ? -0.008  7.659   9.393   1.00 40.88 ? 868 C   A "O3'" 1 
ATOM   477  C  "C2'" . C   A 1 26 ? -2.371  6.926   9.138   1.00 43.79 ? 868 C   A "C2'" 1 
ATOM   478  O  "O2'" . C   A 1 26 ? -2.628  7.984   8.239   1.00 45.71 ? 868 C   A "O2'" 1 
ATOM   479  C  "C1'" . C   A 1 26 ? -2.886  5.665   8.455   1.00 43.11 ? 868 C   A "C1'" 1 
ATOM   480  N  N1    . C   A 1 26 ? -3.475  4.673   9.359   1.00 42.34 ? 868 C   A N1    1 
ATOM   481  C  C2    . C   A 1 26 ? -4.704  4.872   10.018  1.00 42.35 ? 868 C   A C2    1 
ATOM   482  O  O2    . C   A 1 26 ? -5.367  5.907   9.872   1.00 42.02 ? 868 C   A O2    1 
ATOM   483  N  N3    . C   A 1 26 ? -5.164  3.887   10.813  1.00 41.87 ? 868 C   A N3    1 
ATOM   484  C  C4    . C   A 1 26 ? -4.463  2.772   10.956  1.00 43.21 ? 868 C   A C4    1 
ATOM   485  N  N4    . C   A 1 26 ? -4.931  1.823   11.757  1.00 45.82 ? 868 C   A N4    1 
ATOM   486  C  C5    . C   A 1 26 ? -3.221  2.549   10.307  1.00 44.51 ? 868 C   A C5    1 
ATOM   487  C  C6    . C   A 1 26 ? -2.775  3.525   9.519   1.00 43.80 ? 868 C   A C6    1 
ATOM   488  P  P     . C   A 1 27 ? 1.078   7.711   10.556  1.00 41.16 ? 869 C   A P     1 
ATOM   489  O  OP1   . C   A 1 27 ? 1.996   8.835   10.264  1.00 41.55 ? 869 C   A OP1   1 
ATOM   490  O  OP2   . C   A 1 27 ? 1.608   6.367   10.872  1.00 39.27 ? 869 C   A OP2   1 
ATOM   491  O  "O5'" . C   A 1 27 ? 0.141   8.202   11.755  1.00 43.09 ? 869 C   A "O5'" 1 
ATOM   492  C  "C5'" . C   A 1 27 ? -0.684  9.364   11.587  1.00 43.33 ? 869 C   A "C5'" 1 
ATOM   493  C  "C4'" . C   A 1 27 ? -1.808  9.333   12.589  1.00 44.44 ? 869 C   A "C4'" 1 
ATOM   494  O  "O4'" . C   A 1 27 ? -2.765  8.308   12.225  1.00 45.23 ? 869 C   A "O4'" 1 
ATOM   495  C  "C3'" . C   A 1 27 ? -1.375  8.892   13.979  1.00 45.63 ? 869 C   A "C3'" 1 
ATOM   496  O  "O3'" . C   A 1 27 ? -0.722  9.937   14.722  1.00 45.96 ? 869 C   A "O3'" 1 
ATOM   497  C  "C2'" . C   A 1 27 ? -2.686  8.378   14.599  1.00 45.00 ? 869 C   A "C2'" 1 
ATOM   498  O  "O2'" . C   A 1 27 ? -3.491  9.380   15.192  1.00 44.41 ? 869 C   A "O2'" 1 
ATOM   499  C  "C1'" . C   A 1 27 ? -3.383  7.759   13.390  1.00 44.73 ? 869 C   A "C1'" 1 
ATOM   500  N  N1    . C   A 1 27 ? -3.183  6.302   13.419  1.00 44.58 ? 869 C   A N1    1 
ATOM   501  C  C2    . C   A 1 27 ? -3.932  5.463   14.260  1.00 45.85 ? 869 C   A C2    1 
ATOM   502  O  O2    . C   A 1 27 ? -4.814  5.913   14.993  1.00 46.66 ? 869 C   A O2    1 
ATOM   503  N  N3    . C   A 1 27 ? -3.676  4.133   14.241  1.00 46.43 ? 869 C   A N3    1 
ATOM   504  C  C4    . C   A 1 27 ? -2.714  3.641   13.449  1.00 45.67 ? 869 C   A C4    1 
ATOM   505  N  N4    . C   A 1 27 ? -2.484  2.330   13.446  1.00 45.41 ? 869 C   A N4    1 
ATOM   506  C  C5    . C   A 1 27 ? -1.943  4.470   12.601  1.00 45.91 ? 869 C   A C5    1 
ATOM   507  C  C6    . C   A 1 27 ? -2.218  5.774   12.624  1.00 45.36 ? 869 C   A C6    1 
ATOM   508  P  P     . C   A 1 28 ? 0.245   9.517   15.925  1.00 45.63 ? 870 C   A P     1 
ATOM   509  O  OP1   . C   A 1 28 ? 0.824   10.767  16.453  1.00 45.73 ? 870 C   A OP1   1 
ATOM   510  O  OP2   . C   A 1 28 ? 1.182   8.490   15.418  1.00 46.15 ? 870 C   A OP2   1 
ATOM   511  O  "O5'" . C   A 1 28 ? -0.767  8.847   16.994  1.00 45.13 ? 870 C   A "O5'" 1 
ATOM   512  C  "C5'" . C   A 1 28 ? -1.073  9.490   18.232  1.00 46.68 ? 870 C   A "C5'" 1 
ATOM   513  C  "C4'" . C   A 1 28 ? -2.053  8.739   19.122  1.00 47.96 ? 870 C   A "C4'" 1 
ATOM   514  O  "O4'" . C   A 1 28 ? -2.994  7.955   18.355  1.00 50.17 ? 870 C   A "O4'" 1 
ATOM   515  C  "C3'" . C   A 1 28 ? -1.464  7.706   20.056  1.00 48.54 ? 870 C   A "C3'" 1 
ATOM   516  O  "O3'" . C   A 1 28 ? -0.961  8.350   21.188  1.00 48.90 ? 870 C   A "O3'" 1 
ATOM   517  C  "C2'" . C   A 1 28 ? -2.681  6.841   20.364  1.00 49.63 ? 870 C   A "C2'" 1 
ATOM   518  O  "O2'" . C   A 1 28 ? -3.656  7.478   21.158  1.00 50.06 ? 870 C   A "O2'" 1 
ATOM   519  C  "C1'" . C   A 1 28 ? -3.226  6.691   18.959  1.00 51.61 ? 870 C   A "C1'" 1 
ATOM   520  N  N1    . C   A 1 28 ? -2.546  5.587   18.159  1.00 55.63 ? 870 C   A N1    1 
ATOM   521  C  C2    . C   A 1 28 ? -2.698  4.223   18.509  1.00 56.70 ? 870 C   A C2    1 
ATOM   522  O  O2    . C   A 1 28 ? -3.405  3.910   19.479  1.00 57.83 ? 870 C   A O2    1 
ATOM   523  N  N3    . C   A 1 28 ? -2.060  3.266   17.770  1.00 56.89 ? 870 C   A N3    1 
ATOM   524  C  C4    . C   A 1 28 ? -1.306  3.634   16.724  1.00 57.67 ? 870 C   A C4    1 
ATOM   525  N  N4    . C   A 1 28 ? -0.691  2.687   16.006  1.00 57.49 ? 870 C   A N4    1 
ATOM   526  C  C5    . C   A 1 28 ? -1.135  5.004   16.347  1.00 57.83 ? 870 C   A C5    1 
ATOM   527  C  C6    . C   A 1 28 ? -1.762  5.930   17.082  1.00 56.65 ? 870 C   A C6    1 
ATOM   528  P  P     . C   A 1 29 ? 0.615   8.301   21.476  1.00 49.88 ? 871 C   A P     1 
ATOM   529  O  OP1   . C   A 1 29 ? 0.894   9.374   22.464  1.00 50.11 ? 871 C   A OP1   1 
ATOM   530  O  OP2   . C   A 1 29 ? 1.314   8.291   20.164  1.00 49.14 ? 871 C   A OP2   1 
ATOM   531  O  "O5'" . C   A 1 29 ? 0.859   6.905   22.235  1.00 49.86 ? 871 C   A "O5'" 1 
ATOM   532  C  "C5'" . C   A 1 29 ? 0.194   6.700   23.477  1.00 50.69 ? 871 C   A "C5'" 1 
ATOM   533  C  "C4'" . C   A 1 29 ? -0.430  5.323   23.609  1.00 51.62 ? 871 C   A "C4'" 1 
ATOM   534  O  "O4'" . C   A 1 29 ? -1.029  4.840   22.382  1.00 52.30 ? 871 C   A "O4'" 1 
ATOM   535  C  "C3'" . C   A 1 29 ? 0.571   4.224   23.890  1.00 52.41 ? 871 C   A "C3'" 1 
ATOM   536  O  "O3'" . C   A 1 29 ? 1.053   4.363   25.198  1.00 53.93 ? 871 C   A "O3'" 1 
ATOM   537  C  "C2'" . C   A 1 29 ? -0.319  3.002   23.658  1.00 51.85 ? 871 C   A "C2'" 1 
ATOM   538  O  "O2'" . C   A 1 29 ? -1.427  2.852   24.533  1.00 49.64 ? 871 C   A "O2'" 1 
ATOM   539  C  "C1'" . C   A 1 29 ? -0.854  3.426   22.307  1.00 52.62 ? 871 C   A "C1'" 1 
ATOM   540  N  N1    . C   A 1 29 ? -0.010  3.014   21.108  1.00 53.68 ? 871 C   A N1    1 
ATOM   541  C  C2    . C   A 1 29 ? -0.165  1.702   20.611  1.00 54.22 ? 871 C   A C2    1 
ATOM   542  O  O2    . C   A 1 29 ? -0.938  0.909   21.165  1.00 54.82 ? 871 C   A O2    1 
ATOM   543  N  N3    . C   A 1 29 ? 0.544   1.315   19.524  1.00 54.04 ? 871 C   A N3    1 
ATOM   544  C  C4    . C   A 1 29 ? 1.385   2.178   18.947  1.00 53.66 ? 871 C   A C4    1 
ATOM   545  N  N4    . C   A 1 29 ? 2.064   1.719   17.889  1.00 53.12 ? 871 C   A N4    1 
ATOM   546  C  C5    . C   A 1 29 ? 1.553   3.527   19.423  1.00 52.83 ? 871 C   A C5    1 
ATOM   547  C  C6    . C   A 1 29 ? 0.843   3.901   20.493  1.00 52.42 ? 871 C   A C6    1 
ATOM   548  P  P     . U   A 1 30 ? 2.542   3.925   25.580  1.00 54.86 ? 872 U   A P     1 
ATOM   549  O  OP1   . U   A 1 30 ? 3.292   5.172   25.859  1.00 53.59 ? 872 U   A OP1   1 
ATOM   550  O  OP2   . U   A 1 30 ? 3.082   2.949   24.605  1.00 54.26 ? 872 U   A OP2   1 
ATOM   551  O  "O5'" . U   A 1 30 ? 2.211   3.130   26.946  1.00 56.09 ? 872 U   A "O5'" 1 
ATOM   552  C  "C5'" . U   A 1 30 ? 1.071   2.216   27.026  1.00 56.94 ? 872 U   A "C5'" 1 
ATOM   553  C  "C4'" . U   A 1 30 ? 1.318   0.759   26.583  1.00 57.55 ? 872 U   A "C4'" 1 
ATOM   554  O  "O4'" . U   A 1 30 ? 1.201   0.535   25.147  1.00 57.14 ? 872 U   A "O4'" 1 
ATOM   555  C  "C3'" . U   A 1 30 ? 2.690   0.172   26.878  1.00 57.79 ? 872 U   A "C3'" 1 
ATOM   556  O  "O3'" . U   A 1 30 ? 2.806   -0.225  28.261  1.00 58.25 ? 872 U   A "O3'" 1 
ATOM   557  C  "C2'" . U   A 1 30 ? 2.767   -1.029  25.937  1.00 56.76 ? 872 U   A "C2'" 1 
ATOM   558  O  "O2'" . U   A 1 30 ? 2.290   -2.219  26.538  1.00 57.68 ? 872 U   A "O2'" 1 
ATOM   559  C  "C1'" . U   A 1 30 ? 1.851   -0.677  24.778  1.00 55.49 ? 872 U   A "C1'" 1 
ATOM   560  N  N1    . U   A 1 30 ? 2.520   -0.567  23.411  1.00 53.75 ? 872 U   A N1    1 
ATOM   561  C  C2    . U   A 1 30 ? 3.198   -1.630  22.803  1.00 52.66 ? 872 U   A C2    1 
ATOM   562  O  O2    . U   A 1 30 ? 3.347   -2.731  23.286  1.00 52.95 ? 872 U   A O2    1 
ATOM   563  N  N3    . U   A 1 30 ? 3.726   -1.380  21.555  1.00 51.03 ? 872 U   A N3    1 
ATOM   564  C  C4    . U   A 1 30 ? 3.648   -0.200  20.848  1.00 49.41 ? 872 U   A C4    1 
ATOM   565  O  O4    . U   A 1 30 ? 4.163   -0.099  19.748  1.00 45.76 ? 872 U   A O4    1 
ATOM   566  C  C5    . U   A 1 30 ? 2.933   0.843   21.527  1.00 50.92 ? 872 U   A C5    1 
ATOM   567  C  C6    . U   A 1 30 ? 2.404   0.630   22.738  1.00 52.67 ? 872 U   A C6    1 
ATOM   568  P  P     . A   B 2 1  ? 10.757  -7.140  10.437  1.00 56.89 ? 873 A   B P     1 
ATOM   569  O  OP1   . A   B 2 1  ? 11.427  -6.976  9.125   1.00 55.62 ? 873 A   B OP1   1 
ATOM   570  O  OP2   . A   B 2 1  ? 9.265   -7.108  10.496  1.00 56.72 ? 873 A   B OP2   1 
ATOM   571  O  "O5'" . A   B 2 1  ? 11.402  -8.430  11.170  1.00 54.91 ? 873 A   B "O5'" 1 
ATOM   572  C  "C5'" . A   B 2 1  ? 10.614  -9.372  11.883  1.00 55.65 ? 873 A   B "C5'" 1 
ATOM   573  C  "C4'" . A   B 2 1  ? 10.373  -8.951  13.327  1.00 56.74 ? 873 A   B "C4'" 1 
ATOM   574  O  "O4'" . A   B 2 1  ? 11.129  -7.772  13.717  1.00 56.10 ? 873 A   B "O4'" 1 
ATOM   575  C  "C3'" . A   B 2 1  ? 8.973   -8.493  13.720  1.00 57.20 ? 873 A   B "C3'" 1 
ATOM   576  O  "O3'" . A   B 2 1  ? 7.998   -9.511  13.674  1.00 58.91 ? 873 A   B "O3'" 1 
ATOM   577  C  "C2'" . A   B 2 1  ? 9.292   -8.068  15.148  1.00 56.59 ? 873 A   B "C2'" 1 
ATOM   578  O  "O2'" . A   B 2 1  ? 9.671   -9.144  15.997  1.00 57.07 ? 873 A   B "O2'" 1 
ATOM   579  C  "C1'" . A   B 2 1  ? 10.497  -7.179  14.850  1.00 55.05 ? 873 A   B "C1'" 1 
ATOM   580  N  N9    . A   B 2 1  ? 10.071  -5.800  14.581  1.00 52.76 ? 873 A   B N9    1 
ATOM   581  C  C8    . A   B 2 1  ? 10.019  -5.149  13.377  1.00 52.73 ? 873 A   B C8    1 
ATOM   582  N  N7    . A   B 2 1  ? 9.568   -3.917  13.446  1.00 51.42 ? 873 A   B N7    1 
ATOM   583  C  C5    . A   B 2 1  ? 9.298   -3.751  14.787  1.00 49.33 ? 873 A   B C5    1 
ATOM   584  C  C6    . A   B 2 1  ? 8.791   -2.664  15.509  1.00 48.01 ? 873 A   B C6    1 
ATOM   585  N  N6    . A   B 2 1  ? 8.464   -1.500  14.952  1.00 47.47 ? 873 A   B N6    1 
ATOM   586  N  N1    . A   B 2 1  ? 8.637   -2.815  16.837  1.00 48.24 ? 873 A   B N1    1 
ATOM   587  C  C2    . A   B 2 1  ? 8.967   -3.986  17.405  1.00 48.98 ? 873 A   B C2    1 
ATOM   588  N  N3    . A   B 2 1  ? 9.452   -5.084  16.825  1.00 49.62 ? 873 A   B N3    1 
ATOM   589  C  C4    . A   B 2 1  ? 9.595   -4.897  15.500  1.00 50.42 ? 873 A   B C4    1 
ATOM   590  P  P     . A   B 2 2  ? 6.473   -9.137  13.350  1.00 60.86 ? 874 A   B P     1 
ATOM   591  O  OP1   . A   B 2 2  ? 5.967   -10.251 12.510  1.00 60.64 ? 874 A   B OP1   1 
ATOM   592  O  OP2   . A   B 2 2  ? 6.381   -7.746  12.823  1.00 60.66 ? 874 A   B OP2   1 
ATOM   593  O  "O5'" . A   B 2 2  ? 5.765   -9.227  14.786  1.00 58.13 ? 874 A   B "O5'" 1 
ATOM   594  C  "C5'" . A   B 2 2  ? 6.053   -10.347 15.598  1.00 57.01 ? 874 A   B "C5'" 1 
ATOM   595  C  "C4'" . A   B 2 2  ? 5.531   -10.130 17.002  1.00 56.71 ? 874 A   B "C4'" 1 
ATOM   596  O  "O4'" . A   B 2 2  ? 6.385   -9.204  17.724  1.00 56.46 ? 874 A   B "O4'" 1 
ATOM   597  C  "C3'" . A   B 2 2  ? 4.159   -9.481  17.085  1.00 56.24 ? 874 A   B "C3'" 1 
ATOM   598  O  "O3'" . A   B 2 2  ? 3.181   -10.445 16.917  1.00 55.81 ? 874 A   B "O3'" 1 
ATOM   599  C  "C2'" . A   B 2 2  ? 4.172   -8.968  18.524  1.00 55.35 ? 874 A   B "C2'" 1 
ATOM   600  O  "O2'" . A   B 2 2  ? 3.872   -9.964  19.478  1.00 53.95 ? 874 A   B "O2'" 1 
ATOM   601  C  "C1'" . A   B 2 2  ? 5.595   -8.408  18.600  1.00 54.82 ? 874 A   B "C1'" 1 
ATOM   602  N  N9    . A   B 2 2  ? 5.510   -7.003  18.164  1.00 52.61 ? 874 A   B N9    1 
ATOM   603  C  C8    . A   B 2 2  ? 5.749   -6.467  16.909  1.00 51.05 ? 874 A   B C8    1 
ATOM   604  N  N7    . A   B 2 2  ? 5.543   -5.165  16.832  1.00 49.57 ? 874 A   B N7    1 
ATOM   605  C  C5    . A   B 2 2  ? 5.118   -4.840  18.122  1.00 49.65 ? 874 A   B C5    1 
ATOM   606  C  C6    . A   B 2 2  ? 4.733   -3.623  18.716  1.00 48.38 ? 874 A   B C6    1 
ATOM   607  N  N6    . A   B 2 2  ? 4.735   -2.488  18.012  1.00 48.11 ? 874 A   B N6    1 
ATOM   608  N  N1    . A   B 2 2  ? 4.366   -3.626  20.031  1.00 47.53 ? 874 A   B N1    1 
ATOM   609  C  C2    . A   B 2 2  ? 4.379   -4.778  20.724  1.00 46.88 ? 874 A   B C2    1 
ATOM   610  N  N3    . A   B 2 2  ? 4.724   -5.987  20.276  1.00 48.30 ? 874 A   B N3    1 
ATOM   611  C  C4    . A   B 2 2  ? 5.086   -5.951  18.963  1.00 50.48 ? 874 A   B C4    1 
ATOM   612  P  P     . G   B 2 3  ? 1.659   -10.035 16.725  1.00 55.31 ? 875 G   B P     1 
ATOM   613  O  OP1   . G   B 2 3  ? 1.028   -11.366 16.856  1.00 56.56 ? 875 G   B OP1   1 
ATOM   614  O  OP2   . G   B 2 3  ? 1.496   -9.224  15.493  1.00 51.99 ? 875 G   B OP2   1 
ATOM   615  O  "O5'" . G   B 2 3  ? 1.257   -9.219  18.049  1.00 54.20 ? 875 G   B "O5'" 1 
ATOM   616  C  "C5'" . G   B 2 3  ? 0.493   -9.853  19.090  1.00 51.88 ? 875 G   B "C5'" 1 
ATOM   617  C  "C4'" . G   B 2 3  ? 0.126   -8.864  20.176  1.00 50.81 ? 875 G   B "C4'" 1 
ATOM   618  O  "O4'" . G   B 2 3  ? 1.243   -7.949  20.346  1.00 51.04 ? 875 G   B "O4'" 1 
ATOM   619  C  "C3'" . G   B 2 3  ? -1.025  -7.902  19.904  1.00 49.89 ? 875 G   B "C3'" 1 
ATOM   620  O  "O3'" . G   B 2 3  ? -2.344  -8.477  19.988  1.00 50.32 ? 875 G   B "O3'" 1 
ATOM   621  C  "C2'" . G   B 2 3  ? -0.727  -6.857  20.985  1.00 48.92 ? 875 G   B "C2'" 1 
ATOM   622  O  "O2'" . G   B 2 3  ? -0.945  -7.296  22.309  1.00 45.94 ? 875 G   B "O2'" 1 
ATOM   623  C  "C1'" . G   B 2 3  ? 0.773   -6.660  20.740  1.00 49.80 ? 875 G   B "C1'" 1 
ATOM   624  N  N9    . G   B 2 3  ? 1.072   -5.600  19.742  1.00 49.53 ? 875 G   B N9    1 
ATOM   625  C  C8    . G   B 2 3  ? 1.515   -5.728  18.438  1.00 48.86 ? 875 G   B C8    1 
ATOM   626  N  N7    . G   B 2 3  ? 1.672   -4.588  17.809  1.00 48.89 ? 875 G   B N7    1 
ATOM   627  C  C5    . G   B 2 3  ? 1.300   -3.624  18.751  1.00 49.79 ? 875 G   B C5    1 
ATOM   628  C  C6    . G   B 2 3  ? 1.250   -2.192  18.677  1.00 49.94 ? 875 G   B C6    1 
ATOM   629  O  O6    . G   B 2 3  ? 1.527   -1.439  17.728  1.00 50.90 ? 875 G   B O6    1 
ATOM   630  N  N1    . G   B 2 3  ? 0.820   -1.607  19.870  1.00 49.15 ? 875 G   B N1    1 
ATOM   631  C  C2    . G   B 2 3  ? 0.480   -2.294  21.006  1.00 48.58 ? 875 G   B C2    1 
ATOM   632  N  N2    . G   B 2 3  ? 0.091   -1.553  22.050  1.00 48.13 ? 875 G   B N2    1 
ATOM   633  N  N3    . G   B 2 3  ? 0.519   -3.621  21.098  1.00 49.33 ? 875 G   B N3    1 
ATOM   634  C  C4    . G   B 2 3  ? 0.935   -4.231  19.943  1.00 49.71 ? 875 G   B C4    1 
ATOM   635  P  P     . G   B 2 4  ? -3.525  -8.062  18.950  1.00 50.98 ? 876 G   B P     1 
ATOM   636  O  OP1   . G   B 2 4  ? -4.431  -9.223  18.892  1.00 51.16 ? 876 G   B OP1   1 
ATOM   637  O  OP2   . G   B 2 4  ? -2.979  -7.533  17.678  1.00 51.08 ? 876 G   B OP2   1 
ATOM   638  O  "O5'" . G   B 2 4  ? -4.337  -6.884  19.660  1.00 50.06 ? 876 G   B "O5'" 1 
ATOM   639  C  "C5'" . G   B 2 4  ? -4.531  -6.975  21.070  1.00 51.00 ? 876 G   B "C5'" 1 
ATOM   640  C  "C4'" . G   B 2 4  ? -4.689  -5.593  21.661  1.00 50.84 ? 876 G   B "C4'" 1 
ATOM   641  O  "O4'" . G   B 2 4  ? -3.409  -4.900  21.661  1.00 49.86 ? 876 G   B "O4'" 1 
ATOM   642  C  "C3'" . G   B 2 4  ? -5.627  -4.693  20.863  1.00 49.81 ? 876 G   B "C3'" 1 
ATOM   643  O  "O3'" . G   B 2 4  ? -7.023  -4.906  21.124  1.00 49.18 ? 876 G   B "O3'" 1 
ATOM   644  C  "C2'" . G   B 2 4  ? -5.183  -3.317  21.328  1.00 50.31 ? 876 G   B "C2'" 1 
ATOM   645  O  "O2'" . G   B 2 4  ? -5.867  -2.908  22.507  1.00 51.32 ? 876 G   B "O2'" 1 
ATOM   646  C  "C1'" . G   B 2 4  ? -3.665  -3.519  21.502  1.00 50.03 ? 876 G   B "C1'" 1 
ATOM   647  N  N9    . G   B 2 4  ? -2.997  -3.014  20.306  1.00 49.57 ? 876 G   B N9    1 
ATOM   648  C  C8    . G   B 2 4  ? -2.356  -3.707  19.302  1.00 48.49 ? 876 G   B C8    1 
ATOM   649  N  N7    . G   B 2 4  ? -1.885  -2.926  18.366  1.00 48.20 ? 876 G   B N7    1 
ATOM   650  C  C5    . G   B 2 4  ? -2.256  -1.634  18.757  1.00 49.21 ? 876 G   B C5    1 
ATOM   651  C  C6    . G   B 2 4  ? -2.040  -0.355  18.156  1.00 49.16 ? 876 G   B C6    1 
ATOM   652  O  O6    . G   B 2 4  ? -1.462  -0.071  17.095  1.00 49.18 ? 876 G   B O6    1 
ATOM   653  N  N1    . G   B 2 4  ? -2.585  0.678   18.916  1.00 49.07 ? 876 G   B N1    1 
ATOM   654  C  C2    . G   B 2 4  ? -3.265  0.507   20.106  1.00 48.51 ? 876 G   B C2    1 
ATOM   655  N  N2    . G   B 2 4  ? -3.724  1.606   20.712  1.00 48.28 ? 876 G   B N2    1 
ATOM   656  N  N3    . G   B 2 4  ? -3.471  -0.663  20.679  1.00 48.05 ? 876 G   B N3    1 
ATOM   657  C  C4    . G   B 2 4  ? -2.943  -1.683  19.953  1.00 49.17 ? 876 G   B C4    1 
ATOM   658  P  P     . G   B 2 5  ? -7.981  -4.598  19.874  1.00 50.23 ? 877 G   B P     1 
ATOM   659  O  OP1   . G   B 2 5  ? -9.386  -5.051  20.016  1.00 50.63 ? 877 G   B OP1   1 
ATOM   660  O  OP2   . G   B 2 5  ? -7.207  -5.069  18.698  1.00 51.12 ? 877 G   B OP2   1 
ATOM   661  O  "O5'" . G   B 2 5  ? -8.108  -3.014  19.954  1.00 47.94 ? 877 G   B "O5'" 1 
ATOM   662  C  "C5'" . G   B 2 5  ? -8.676  -2.506  21.127  1.00 46.12 ? 877 G   B "C5'" 1 
ATOM   663  C  "C4'" . G   B 2 5  ? -8.620  -1.006  21.104  1.00 45.38 ? 877 G   B "C4'" 1 
ATOM   664  O  "O4'" . G   B 2 5  ? -7.261  -0.529  20.990  1.00 45.86 ? 877 G   B "O4'" 1 
ATOM   665  C  "C3'" . G   B 2 5  ? -9.317  -0.443  19.899  1.00 44.86 ? 877 G   B "C3'" 1 
ATOM   666  O  "O3'" . G   B 2 5  ? -10.709 -0.626  20.118  1.00 44.94 ? 877 G   B "O3'" 1 
ATOM   667  C  "C2'" . G   B 2 5  ? -8.708  0.969   19.916  1.00 45.28 ? 877 G   B "C2'" 1 
ATOM   668  O  "O2'" . G   B 2 5  ? -9.259  1.893   20.822  1.00 43.33 ? 877 G   B "O2'" 1 
ATOM   669  C  "C1'" . G   B 2 5  ? -7.246  0.683   20.276  1.00 46.15 ? 877 G   B "C1'" 1 
ATOM   670  N  N9    . G   B 2 5  ? -6.438  0.491   19.063  1.00 48.51 ? 877 G   B N9    1 
ATOM   671  C  C8    . G   B 2 5  ? -6.003  -0.707  18.521  1.00 49.08 ? 877 G   B C8    1 
ATOM   672  N  N7    . G   B 2 5  ? -5.322  -0.582  17.421  1.00 48.86 ? 877 G   B N7    1 
ATOM   673  C  C5    . G   B 2 5  ? -5.320  0.795   17.211  1.00 50.00 ? 877 G   B C5    1 
ATOM   674  C  C6    . G   B 2 5  ? -4.732  1.552   16.170  1.00 51.42 ? 877 G   B C6    1 
ATOM   675  O  O6    . G   B 2 5  ? -4.091  1.128   15.203  1.00 53.08 ? 877 G   B O6    1 
ATOM   676  N  N1    . G   B 2 5  ? -4.937  2.926   16.312  1.00 51.60 ? 877 G   B N1    1 
ATOM   677  C  C2    . G   B 2 5  ? -5.636  3.492   17.349  1.00 51.27 ? 877 G   B C2    1 
ATOM   678  N  N2    . G   B 2 5  ? -5.730  4.823   17.309  1.00 52.65 ? 877 G   B N2    1 
ATOM   679  N  N3    . G   B 2 5  ? -6.196  2.805   18.339  1.00 49.52 ? 877 G   B N3    1 
ATOM   680  C  C4    . G   B 2 5  ? -5.999  1.470   18.205  1.00 49.01 ? 877 G   B C4    1 
ATOM   681  P  P     . A   B 2 6  ? -11.775 -0.202  19.023  1.00 46.92 ? 878 A   B P     1 
ATOM   682  O  OP1   . A   B 2 6  ? -13.108 -0.766  19.286  1.00 47.52 ? 878 A   B OP1   1 
ATOM   683  O  OP2   . A   B 2 6  ? -11.254 -0.464  17.676  1.00 48.82 ? 878 A   B OP2   1 
ATOM   684  O  "O5'" . A   B 2 6  ? -11.812 1.358   19.357  1.00 48.11 ? 878 A   B "O5'" 1 
ATOM   685  C  "C5'" . A   B 2 6  ? -11.458 2.351   18.424  1.00 48.88 ? 878 A   B "C5'" 1 
ATOM   686  C  "C4'" . A   B 2 6  ? -12.624 3.268   18.109  1.00 49.43 ? 878 A   B "C4'" 1 
ATOM   687  O  "O4'" . A   B 2 6  ? -12.457 3.740   16.756  1.00 49.90 ? 878 A   B "O4'" 1 
ATOM   688  C  "C3'" . A   B 2 6  ? -14.025 2.676   18.109  1.00 50.21 ? 878 A   B "C3'" 1 
ATOM   689  O  "O3'" . A   B 2 6  ? -15.010 3.761   18.074  1.00 53.71 ? 878 A   B "O3'" 1 
ATOM   690  C  "C2'" . A   B 2 6  ? -13.976 1.910   16.795  1.00 49.79 ? 878 A   B "C2'" 1 
ATOM   691  O  "O2'" . A   B 2 6  ? -15.256 1.639   16.245  1.00 50.01 ? 878 A   B "O2'" 1 
ATOM   692  C  "C1'" . A   B 2 6  ? -13.231 2.918   15.912  1.00 50.24 ? 878 A   B "C1'" 1 
ATOM   693  N  N9    . A   B 2 6  ? -12.361 2.330   14.893  1.00 50.56 ? 878 A   B N9    1 
ATOM   694  C  C8    . A   B 2 6  ? -12.201 1.002   14.619  1.00 51.50 ? 878 A   B C8    1 
ATOM   695  N  N7    . A   B 2 6  ? -11.374 0.753   13.632  1.00 52.29 ? 878 A   B N7    1 
ATOM   696  C  C5    . A   B 2 6  ? -10.959 2.008   13.222  1.00 50.51 ? 878 A   B C5    1 
ATOM   697  C  C6    . A   B 2 6  ? -10.071 2.419   12.208  1.00 48.70 ? 878 A   B C6    1 
ATOM   698  N  N6    . A   B 2 6  ? -9.409  1.581   11.393  1.00 46.77 ? 878 A   B N6    1 
ATOM   699  N  N1    . A   B 2 6  ? -9.886  3.736   12.079  1.00 47.84 ? 878 A   B N1    1 
ATOM   700  C  C2    . A   B 2 6  ? -10.541 4.562   12.893  1.00 48.55 ? 878 A   B C2    1 
ATOM   701  N  N3    . A   B 2 6  ? -11.386 4.302   13.882  1.00 48.89 ? 878 A   B N3    1 
ATOM   702  C  C4    . A   B 2 6  ? -11.562 2.988   13.992  1.00 50.01 ? 878 A   B C4    1 
ATOM   703  P  P     . U   B 2 7  ? -16.202 4.048   19.148  1.00 53.64 ? 879 U   B P     1 
ATOM   704  O  OP1   . U   B 2 7  ? -16.028 3.158   20.339  1.00 51.66 ? 879 U   B OP1   1 
ATOM   705  O  OP2   . U   B 2 7  ? -17.441 4.088   18.323  1.00 50.40 ? 879 U   B OP2   1 
ATOM   706  O  "O5'" . U   B 2 7  ? -15.927 5.520   19.718  1.00 53.56 ? 879 U   B "O5'" 1 
ATOM   707  C  "C5'" . U   B 2 7  ? -14.724 6.206   19.396  1.00 55.48 ? 879 U   B "C5'" 1 
ATOM   708  C  "C4'" . U   B 2 7  ? -13.664 6.158   20.495  1.00 56.45 ? 879 U   B "C4'" 1 
ATOM   709  O  "O4'" . U   B 2 7  ? -13.912 7.180   21.489  1.00 58.18 ? 879 U   B "O4'" 1 
ATOM   710  C  "C3'" . U   B 2 7  ? -13.407 4.886   21.309  1.00 57.25 ? 879 U   B "C3'" 1 
ATOM   711  O  "O3'" . U   B 2 7  ? -11.973 4.679   21.558  1.00 58.63 ? 879 U   B "O3'" 1 
ATOM   712  C  "C2'" . U   B 2 7  ? -14.192 5.083   22.612  1.00 57.64 ? 879 U   B "C2'" 1 
ATOM   713  O  "O2'" . U   B 2 7  ? -13.477 4.612   23.744  1.00 57.16 ? 879 U   B "O2'" 1 
ATOM   714  C  "C1'" . U   B 2 7  ? -14.341 6.605   22.713  1.00 58.29 ? 879 U   B "C1'" 1 
ATOM   715  N  N1    . U   B 2 7  ? -15.717 7.177   23.044  1.00 59.58 ? 879 U   B N1    1 
ATOM   716  C  C2    . U   B 2 7  ? -16.142 7.203   24.366  1.00 59.80 ? 879 U   B C2    1 
ATOM   717  O  O2    . U   B 2 7  ? -15.490 6.770   25.304  1.00 60.09 ? 879 U   B O2    1 
ATOM   718  N  N3    . U   B 2 7  ? -17.386 7.770   24.548  1.00 60.12 ? 879 U   B N3    1 
ATOM   719  C  C4    . U   B 2 7  ? -18.231 8.294   23.569  1.00 60.78 ? 879 U   B C4    1 
ATOM   720  O  O4    . U   B 2 7  ? -19.319 8.755   23.905  1.00 62.40 ? 879 U   B O4    1 
ATOM   721  C  C5    . U   B 2 7  ? -17.736 8.241   22.214  1.00 59.76 ? 879 U   B C5    1 
ATOM   722  C  C6    . U   B 2 7  ? -16.521 7.704   22.024  1.00 59.84 ? 879 U   B C6    1 
ATOM   723  P  P     . G   B 2 8  ? -10.732 5.676   21.219  1.00 59.68 ? 880 G   B P     1 
ATOM   724  O  OP1   . G   B 2 8  ? -9.545  4.821   20.905  1.00 59.43 ? 880 G   B OP1   1 
ATOM   725  O  OP2   . G   B 2 8  ? -10.660 6.629   22.357  1.00 58.67 ? 880 G   B OP2   1 
ATOM   726  O  "O5'" . G   B 2 8  ? -11.049 6.461   19.822  1.00 58.18 ? 880 G   B "O5'" 1 
ATOM   727  C  "C5'" . G   B 2 8  ? -10.848 7.899   19.626  1.00 54.68 ? 880 G   B "C5'" 1 
ATOM   728  C  "C4'" . G   B 2 8  ? -10.503 8.275   18.189  1.00 52.30 ? 880 G   B "C4'" 1 
ATOM   729  O  "O4'" . G   B 2 8  ? -9.425  7.422   17.709  1.00 51.61 ? 880 G   B "O4'" 1 
ATOM   730  C  "C3'" . G   B 2 8  ? -11.666 8.126   17.198  1.00 51.43 ? 880 G   B "C3'" 1 
ATOM   731  O  "O3'" . G   B 2 8  ? -12.088 9.388   16.626  1.00 48.08 ? 880 G   B "O3'" 1 
ATOM   732  C  "C2'" . G   B 2 8  ? -11.191 7.121   16.137  1.00 51.36 ? 880 G   B "C2'" 1 
ATOM   733  O  "O2'" . G   B 2 8  ? -11.437 7.520   14.801  1.00 51.44 ? 880 G   B "O2'" 1 
ATOM   734  C  "C1'" . G   B 2 8  ? -9.685  7.057   16.358  1.00 50.80 ? 880 G   B "C1'" 1 
ATOM   735  N  N9    . G   B 2 8  ? -9.130  5.738   16.030  1.00 48.87 ? 880 G   B N9    1 
ATOM   736  C  C8    . G   B 2 8  ? -9.233  4.555   16.720  1.00 48.49 ? 880 G   B C8    1 
ATOM   737  N  N7    . G   B 2 8  ? -8.614  3.550   16.164  1.00 46.66 ? 880 G   B N7    1 
ATOM   738  C  C5    . G   B 2 8  ? -8.080  4.105   15.025  1.00 45.53 ? 880 G   B C5    1 
ATOM   739  C  C6    . G   B 2 8  ? -7.289  3.511   14.039  1.00 44.46 ? 880 G   B C6    1 
ATOM   740  O  O6    . G   B 2 8  ? -6.889  2.355   13.901  1.00 43.96 ? 880 G   B O6    1 
ATOM   741  N  N1    . G   B 2 8  ? -6.973  4.428   13.067  1.00 44.80 ? 880 G   B N1    1 
ATOM   742  C  C2    . G   B 2 8  ? -7.322  5.751   13.051  1.00 44.51 ? 880 G   B C2    1 
ATOM   743  N  N2    . G   B 2 8  ? -6.889  6.484   12.019  1.00 44.82 ? 880 G   B N2    1 
ATOM   744  N  N3    . G   B 2 8  ? -8.046  6.322   13.980  1.00 45.43 ? 880 G   B N3    1 
ATOM   745  C  C4    . G   B 2 8  ? -8.379  5.439   14.934  1.00 46.55 ? 880 G   B C4    1 
ATOM   746  P  P     . C   B 2 9  ? -13.516 9.976   17.037  0.51 44.91 ? 881 C   B P     1 
ATOM   747  O  OP1   . C   B 2 9  ? -14.561 8.936   16.872  0.51 42.92 ? 881 C   B OP1   1 
ATOM   748  O  OP2   . C   B 2 9  ? -13.640 11.276  16.347  0.51 44.11 ? 881 C   B OP2   1 
ATOM   749  O  "O5'" . C   B 2 9  ? -13.301 10.196  18.609  0.51 44.72 ? 881 C   B "O5'" 1 
ATOM   750  C  "C5'" . C   B 2 9  ? -12.379 11.164  19.134  0.51 44.83 ? 881 C   B "C5'" 1 
ATOM   751  C  "C4'" . C   B 2 9  ? -12.667 11.469  20.602  0.51 45.32 ? 881 C   B "C4'" 1 
ATOM   752  O  "O4'" . C   B 2 9  ? -13.041 12.867  20.761  0.51 45.47 ? 881 C   B "O4'" 1 
ATOM   753  C  "C3'" . C   B 2 9  ? -13.798 10.664  21.244  0.51 45.04 ? 881 C   B "C3'" 1 
ATOM   754  O  "O3'" . C   B 2 9  ? -13.480 10.347  22.598  0.51 44.22 ? 881 C   B "O3'" 1 
ATOM   755  C  "C2'" . C   B 2 9  ? -15.007 11.592  21.115  0.51 45.06 ? 881 C   B "C2'" 1 
ATOM   756  O  "O2'" . C   B 2 9  ? -15.961 11.369  22.135  0.51 45.46 ? 881 C   B "O2'" 1 
ATOM   757  C  "C1'" . C   B 2 9  ? -14.376 12.987  21.220  0.51 45.17 ? 881 C   B "C1'" 1 
ATOM   758  N  N1    . C   B 2 9  ? -15.079 14.064  20.420  0.51 45.00 ? 881 C   B N1    1 
ATOM   759  C  C2    . C   B 2 9  ? -15.821 15.094  21.062  0.51 45.24 ? 881 C   B C2    1 
ATOM   760  O  O2    . C   B 2 9  ? -15.917 15.151  22.302  0.51 44.67 ? 881 C   B O2    1 
ATOM   761  N  N3    . C   B 2 9  ? -16.439 16.036  20.293  0.51 44.91 ? 881 C   B N3    1 
ATOM   762  C  C4    . C   B 2 9  ? -16.340 15.985  18.960  0.51 44.47 ? 881 C   B C4    1 
ATOM   763  N  N4    . C   B 2 9  ? -16.965 16.931  18.256  0.51 43.86 ? 881 C   B N4    1 
ATOM   764  C  C5    . C   B 2 9  ? -15.598 14.957  18.296  0.51 44.33 ? 881 C   B C5    1 
ATOM   765  C  C6    . C   B 2 9  ? -14.991 14.031  19.051  0.51 44.19 ? 881 C   B C6    1 
ATOM   766  N  N     . GLY C 3 12 ? 7.502   -10.539 -5.237  1.00 56.50 ? 12  GLY C N     1 
ATOM   767  C  CA    . GLY C 3 12 ? 7.876   -11.260 -6.492  1.00 55.58 ? 12  GLY C CA    1 
ATOM   768  C  C     . GLY C 3 12 ? 8.207   -10.317 -7.642  1.00 54.58 ? 12  GLY C C     1 
ATOM   769  O  O     . GLY C 3 12 ? 9.347   -9.862  -7.783  1.00 55.09 ? 12  GLY C O     1 
ATOM   770  N  N     . LYS C 3 13 ? 7.205   -10.017 -8.463  1.00 52.77 ? 13  LYS C N     1 
ATOM   771  C  CA    . LYS C 3 13 ? 7.393   -9.124  -9.604  1.00 51.21 ? 13  LYS C CA    1 
ATOM   772  C  C     . LYS C 3 13 ? 6.852   -7.713  -9.333  1.00 49.82 ? 13  LYS C C     1 
ATOM   773  O  O     . LYS C 3 13 ? 5.965   -7.548  -8.498  1.00 50.11 ? 13  LYS C O     1 
ATOM   774  C  CB    . LYS C 3 13 ? 6.736   -9.726  -10.863 1.00 50.98 ? 13  LYS C CB    1 
ATOM   775  N  N     . PRO C 3 14 ? 7.394   -6.695  -10.010 1.00 48.14 ? 14  PRO C N     1 
ATOM   776  C  CA    . PRO C 3 14 ? 6.935   -5.325  -9.808  1.00 46.65 ? 14  PRO C CA    1 
ATOM   777  C  C     . PRO C 3 14 ? 5.472   -5.262  -10.184 1.00 45.98 ? 14  PRO C C     1 
ATOM   778  O  O     . PRO C 3 14 ? 4.999   -6.074  -10.984 1.00 45.68 ? 14  PRO C O     1 
ATOM   779  C  CB    . PRO C 3 14 ? 7.720   -4.537  -10.854 1.00 46.32 ? 14  PRO C CB    1 
ATOM   780  C  CG    . PRO C 3 14 ? 8.880   -5.337  -11.154 1.00 46.38 ? 14  PRO C CG    1 
ATOM   781  C  CD    . PRO C 3 14 ? 8.476   -6.757  -11.011 1.00 47.85 ? 14  PRO C CD    1 
ATOM   782  N  N     . THR C 3 15 ? 4.748   -4.333  -9.580  1.00 45.97 ? 15  THR C N     1 
ATOM   783  C  CA    . THR C 3 15 ? 3.316   -4.160  -9.848  1.00 45.27 ? 15  THR C CA    1 
ATOM   784  C  C     . THR C 3 15 ? 3.087   -2.662  -9.974  1.00 45.96 ? 15  THR C C     1 
ATOM   785  O  O     . THR C 3 15 ? 3.945   -1.849  -9.584  1.00 45.34 ? 15  THR C O     1 
ATOM   786  C  CB    . THR C 3 15 ? 2.411   -4.751  -8.738  1.00 43.69 ? 15  THR C CB    1 
ATOM   787  O  OG1   . THR C 3 15 ? 2.770   -4.159  -7.493  1.00 41.89 ? 15  THR C OG1   1 
ATOM   788  C  CG2   . THR C 3 15 ? 2.663   -6.256  -8.523  1.00 42.01 ? 15  THR C CG2   1 
ATOM   789  N  N     . LYS C 3 16 ? 1.948   -2.291  -10.545 1.00 46.70 ? 16  LYS C N     1 
ATOM   790  C  CA    . LYS C 3 16 ? 1.622   -0.875  -10.720 1.00 47.57 ? 16  LYS C CA    1 
ATOM   791  C  C     . LYS C 3 16 ? 1.842   -0.169  -9.371  1.00 46.82 ? 16  LYS C C     1 
ATOM   792  O  O     . LYS C 3 16 ? 2.590   0.808   -9.280  1.00 46.51 ? 16  LYS C O     1 
ATOM   793  C  CB    . LYS C 3 16 ? 0.176   -0.708  -11.226 1.00 48.29 ? 16  LYS C CB    1 
ATOM   794  C  CG    . LYS C 3 16 ? -0.483  -2.020  -11.759 1.00 52.17 ? 16  LYS C CG    1 
ATOM   795  C  CD    . LYS C 3 16 ? -1.035  -2.996  -10.624 1.00 53.50 ? 16  LYS C CD    1 
ATOM   796  C  CE    . LYS C 3 16 ? -0.625  -4.505  -10.810 1.00 52.07 ? 16  LYS C CE    1 
ATOM   797  N  NZ    . LYS C 3 16 ? -0.067  -4.941  -12.144 1.00 48.72 ? 16  LYS C NZ    1 
ATOM   798  N  N     . ARG C 3 17 ? 1.224   -0.732  -8.329  1.00 45.93 ? 17  ARG C N     1 
ATOM   799  C  CA    . ARG C 3 17 ? 1.296   -0.231  -6.971  1.00 44.88 ? 17  ARG C CA    1 
ATOM   800  C  C     . ARG C 3 17 ? 2.708   -0.102  -6.423  1.00 43.89 ? 17  ARG C C     1 
ATOM   801  O  O     . ARG C 3 17 ? 3.078   0.948   -5.947  1.00 43.99 ? 17  ARG C O     1 
ATOM   802  C  CB    . ARG C 3 17 ? 0.465   -1.119  -6.052  1.00 45.39 ? 17  ARG C CB    1 
ATOM   803  C  CG    . ARG C 3 17 ? -0.367  -0.328  -5.055  1.00 47.84 ? 17  ARG C CG    1 
ATOM   804  C  CD    . ARG C 3 17 ? -1.140  -1.172  -4.039  1.00 47.83 ? 17  ARG C CD    1 
ATOM   805  N  NE    . ARG C 3 17 ? -1.097  -0.536  -2.726  1.00 48.53 ? 17  ARG C NE    1 
ATOM   806  C  CZ    . ARG C 3 17 ? -2.120  0.066   -2.135  1.00 48.42 ? 17  ARG C CZ    1 
ATOM   807  N  NH1   . ARG C 3 17 ? -3.305  0.119   -2.709  1.00 48.36 ? 17  ARG C NH1   1 
ATOM   808  N  NH2   . ARG C 3 17 ? -1.961  0.603   -0.940  1.00 49.87 ? 17  ARG C NH2   1 
ATOM   809  N  N     . SER C 3 18 ? 3.499   -1.165  -6.497  1.00 43.29 ? 18  SER C N     1 
ATOM   810  C  CA    . SER C 3 18 ? 4.862   -1.125  -5.996  1.00 42.53 ? 18  SER C CA    1 
ATOM   811  C  C     . SER C 3 18 ? 5.705   -0.202  -6.834  1.00 42.60 ? 18  SER C C     1 
ATOM   812  O  O     . SER C 3 18 ? 6.545   0.532   -6.317  1.00 42.24 ? 18  SER C O     1 
ATOM   813  C  CB    . SER C 3 18 ? 5.466   -2.526  -5.948  1.00 42.24 ? 18  SER C CB    1 
ATOM   814  O  OG    . SER C 3 18 ? 5.641   -3.061  -7.240  1.00 43.85 ? 18  SER C OG    1 
ATOM   815  N  N     . GLN C 3 19 ? 5.462   -0.249  -8.139  1.00 43.15 ? 19  GLN C N     1 
ATOM   816  C  CA    . GLN C 3 19 ? 6.187   0.576   -9.085  1.00 43.72 ? 19  GLN C CA    1 
ATOM   817  C  C     . GLN C 3 19 ? 5.876   2.037   -8.785  1.00 43.11 ? 19  GLN C C     1 
ATOM   818  O  O     . GLN C 3 19 ? 6.772   2.885   -8.667  1.00 42.21 ? 19  GLN C O     1 
ATOM   819  C  CB    . GLN C 3 19 ? 5.788   0.209   -10.525 1.00 44.63 ? 19  GLN C CB    1 
ATOM   820  C  CG    . GLN C 3 19 ? 6.648   -0.883  -11.191 1.00 46.80 ? 19  GLN C CG    1 
ATOM   821  C  CD    . GLN C 3 19 ? 8.151   -0.726  -10.922 1.00 48.66 ? 19  GLN C CD    1 
ATOM   822  O  OE1   . GLN C 3 19 ? 8.711   0.368   -11.084 1.00 52.21 ? 19  GLN C OE1   1 
ATOM   823  N  NE2   . GLN C 3 19 ? 8.798   -1.808  -10.506 1.00 47.78 ? 19  GLN C NE2   1 
ATOM   824  N  N     . ASN C 3 20 ? 4.584   2.303   -8.633  1.00 43.18 ? 20  ASN C N     1 
ATOM   825  C  CA    . ASN C 3 20 ? 4.105   3.637   -8.345  1.00 43.09 ? 20  ASN C CA    1 
ATOM   826  C  C     . ASN C 3 20 ? 4.720   4.153   -7.069  1.00 41.81 ? 20  ASN C C     1 
ATOM   827  O  O     . ASN C 3 20 ? 5.103   5.320   -6.967  1.00 41.88 ? 20  ASN C O     1 
ATOM   828  C  CB    . ASN C 3 20 ? 2.582   3.669   -8.247  1.00 43.63 ? 20  ASN C CB    1 
ATOM   829  C  CG    . ASN C 3 20 ? 2.020   5.027   -8.610  1.00 46.43 ? 20  ASN C CG    1 
ATOM   830  O  OD1   . ASN C 3 20 ? 0.993   5.470   -8.062  1.00 47.83 ? 20  ASN C OD1   1 
ATOM   831  N  ND2   . ASN C 3 20 ? 2.706   5.722   -9.532  1.00 47.85 ? 20  ASN C ND2   1 
ATOM   832  N  N     . TYR C 3 21 ? 4.816   3.259   -6.103  1.00 40.60 ? 21  TYR C N     1 
ATOM   833  C  CA    . TYR C 3 21 ? 5.378   3.589   -4.829  1.00 39.97 ? 21  TYR C CA    1 
ATOM   834  C  C     . TYR C 3 21 ? 6.810   3.977   -5.038  1.00 39.92 ? 21  TYR C C     1 
ATOM   835  O  O     . TYR C 3 21 ? 7.219   5.018   -4.568  1.00 39.19 ? 21  TYR C O     1 
ATOM   836  C  CB    . TYR C 3 21 ? 5.304   2.395   -3.890  1.00 39.91 ? 21  TYR C CB    1 
ATOM   837  C  CG    . TYR C 3 21 ? 5.905   2.652   -2.537  1.00 39.22 ? 21  TYR C CG    1 
ATOM   838  C  CD1   . TYR C 3 21 ? 5.121   3.107   -1.481  1.00 36.96 ? 21  TYR C CD1   1 
ATOM   839  C  CD2   . TYR C 3 21 ? 7.262   2.452   -2.315  1.00 41.07 ? 21  TYR C CD2   1 
ATOM   840  C  CE1   . TYR C 3 21 ? 5.662   3.361   -0.246  1.00 35.75 ? 21  TYR C CE1   1 
ATOM   841  C  CE2   . TYR C 3 21 ? 7.808   2.698   -1.071  1.00 41.84 ? 21  TYR C CE2   1 
ATOM   842  C  CZ    . TYR C 3 21 ? 6.993   3.151   -0.051  1.00 38.61 ? 21  TYR C CZ    1 
ATOM   843  O  OH    . TYR C 3 21 ? 7.533   3.392   1.163   1.00 40.61 ? 21  TYR C OH    1 
ATOM   844  N  N     . ALA C 3 22 ? 7.554   3.136   -5.759  1.00 41.04 ? 22  ALA C N     1 
ATOM   845  C  CA    . ALA C 3 22 ? 8.974   3.369   -6.055  1.00 41.71 ? 22  ALA C CA    1 
ATOM   846  C  C     . ALA C 3 22 ? 9.229   4.730   -6.674  1.00 42.31 ? 22  ALA C C     1 
ATOM   847  O  O     . ALA C 3 22 ? 10.235  5.375   -6.371  1.00 41.63 ? 22  ALA C O     1 
ATOM   848  C  CB    . ALA C 3 22 ? 9.490   2.306   -6.952  1.00 41.61 ? 22  ALA C CB    1 
ATOM   849  N  N     . ALA C 3 23 ? 8.305   5.151   -7.537  1.00 43.62 ? 23  ALA C N     1 
ATOM   850  C  CA    . ALA C 3 23 ? 8.383   6.432   -8.227  1.00 44.97 ? 23  ALA C CA    1 
ATOM   851  C  C     . ALA C 3 23 ? 8.278   7.577   -7.227  1.00 45.76 ? 23  ALA C C     1 
ATOM   852  O  O     . ALA C 3 23 ? 9.263   8.270   -6.985  1.00 46.36 ? 23  ALA C O     1 
ATOM   853  C  CB    . ALA C 3 23 ? 7.284   6.541   -9.276  1.00 45.46 ? 23  ALA C CB    1 
ATOM   854  N  N     . LEU C 3 24 ? 7.090   7.769   -6.649  1.00 45.91 ? 24  LEU C N     1 
ATOM   855  C  CA    . LEU C 3 24 ? 6.875   8.834   -5.677  1.00 46.34 ? 24  LEU C CA    1 
ATOM   856  C  C     . LEU C 3 24 ? 7.960   8.746   -4.610  1.00 47.06 ? 24  LEU C C     1 
ATOM   857  O  O     . LEU C 3 24 ? 8.423   9.760   -4.093  1.00 47.24 ? 24  LEU C O     1 
ATOM   858  C  CB    . LEU C 3 24 ? 5.495   8.696   -5.014  1.00 45.85 ? 24  LEU C CB    1 
ATOM   859  C  CG    . LEU C 3 24 ? 4.207   8.705   -5.849  1.00 44.52 ? 24  LEU C CG    1 
ATOM   860  C  CD1   . LEU C 3 24 ? 3.060   8.344   -4.968  1.00 44.15 ? 24  LEU C CD1   1 
ATOM   861  C  CD2   . LEU C 3 24 ? 3.935   10.050  -6.488  1.00 45.04 ? 24  LEU C CD2   1 
ATOM   862  N  N     . ARG C 3 25 ? 8.360   7.507   -4.329  1.00 47.94 ? 25  ARG C N     1 
ATOM   863  C  CA    . ARG C 3 25 ? 9.382   7.142   -3.350  1.00 49.14 ? 25  ARG C CA    1 
ATOM   864  C  C     . ARG C 3 25 ? 10.792  7.504   -3.803  1.00 48.76 ? 25  ARG C C     1 
ATOM   865  O  O     . ARG C 3 25 ? 11.657  7.745   -2.965  1.00 48.24 ? 25  ARG C O     1 
ATOM   866  C  CB    . ARG C 3 25 ? 9.248   5.628   -3.029  1.00 50.37 ? 25  ARG C CB    1 
ATOM   867  C  CG    . ARG C 3 25 ? 10.205  4.979   -1.998  1.00 53.44 ? 25  ARG C CG    1 
ATOM   868  C  CD    . ARG C 3 25 ? 9.962   5.326   -0.513  1.00 54.81 ? 25  ARG C CD    1 
ATOM   869  N  NE    . ARG C 3 25 ? 11.139  6.019   0.028   1.00 56.93 ? 25  ARG C NE    1 
ATOM   870  C  CZ    . ARG C 3 25 ? 11.131  6.871   1.053   1.00 57.26 ? 25  ARG C CZ    1 
ATOM   871  N  NH1   . ARG C 3 25 ? 9.995   7.140   1.689   1.00 57.00 ? 25  ARG C NH1   1 
ATOM   872  N  NH2   . ARG C 3 25 ? 12.267  7.453   1.447   1.00 57.37 ? 25  ARG C NH2   1 
ATOM   873  N  N     . LYS C 3 26 ? 11.015  7.541   -5.117  1.00 49.49 ? 26  LYS C N     1 
ATOM   874  C  CA    . LYS C 3 26 ? 12.329  7.878   -5.693  1.00 50.42 ? 26  LYS C CA    1 
ATOM   875  C  C     . LYS C 3 26 ? 12.616  9.382   -5.619  1.00 50.49 ? 26  LYS C C     1 
ATOM   876  O  O     . LYS C 3 26 ? 11.745  10.199  -5.328  1.00 50.44 ? 26  LYS C O     1 
ATOM   877  C  CB    . LYS C 3 26 ? 12.426  7.412   -7.154  1.00 50.87 ? 26  LYS C CB    1 
ATOM   878  C  CG    . LYS C 3 26 ? 13.780  6.802   -7.555  1.00 52.46 ? 26  LYS C CG    1 
ATOM   879  C  CD    . LYS C 3 26 ? 14.020  6.874   -9.068  1.00 54.08 ? 26  LYS C CD    1 
ATOM   880  C  CE    . LYS C 3 26 ? 13.406  5.680   -9.821  1.00 55.23 ? 26  LYS C CE    1 
ATOM   881  N  NZ    . LYS C 3 26 ? 13.893  5.581   -11.239 1.00 55.70 ? 26  LYS C NZ    1 
ATOM   882  O  OXT   . LYS C 3 26 ? 13.721  9.885   -5.851  1.00 50.65 ? 26  LYS C OXT   1 
ATOM   883  N  N     . GLY D 3 9  ? 11.296  6.217   4.318   0.60 57.40 ? 9   GLY D N     1 
ATOM   884  C  CA    . GLY D 3 9  ? 12.156  5.034   4.630   0.60 57.27 ? 9   GLY D CA    1 
ATOM   885  C  C     . GLY D 3 9  ? 11.496  4.047   5.584   0.60 57.32 ? 9   GLY D C     1 
ATOM   886  O  O     . GLY D 3 9  ? 12.203  3.347   6.314   0.60 57.89 ? 9   GLY D O     1 
ATOM   887  N  N     . LYS D 3 10 ? 10.162  3.988   5.584   0.60 56.46 ? 10  LYS D N     1 
ATOM   888  C  CA    . LYS D 3 10 ? 9.417   3.079   6.458   0.60 56.00 ? 10  LYS D CA    1 
ATOM   889  C  C     . LYS D 3 10 ? 8.318   2.347   5.682   0.60 55.99 ? 10  LYS D C     1 
ATOM   890  O  O     . LYS D 3 10 ? 7.899   2.806   4.621   0.60 56.17 ? 10  LYS D O     1 
ATOM   891  C  CB    . LYS D 3 10 ? 8.813   3.860   7.629   0.60 56.11 ? 10  LYS D CB    1 
ATOM   892  N  N     . ALA D 3 11 ? 7.814   1.240   6.226   0.31 55.44 ? 11  ALA D N     1 
ATOM   893  C  CA    . ALA D 3 11 ? 6.758   0.486   5.541   0.31 54.94 ? 11  ALA D CA    1 
ATOM   894  C  C     . ALA D 3 11 ? 5.301   0.542   6.074   0.31 54.81 ? 11  ALA D C     1 
ATOM   895  O  O     . ALA D 3 11 ? 4.431   1.096   5.403   0.31 54.49 ? 11  ALA D O     1 
ATOM   896  C  CB    . ALA D 3 11 ? 7.207   -0.960  5.339   0.31 54.75 ? 11  ALA D CB    1 
ATOM   897  N  N     . GLY D 3 12 ? 5.042   -0.031  7.254   1.00 55.20 ? 12  GLY D N     1 
ATOM   898  C  CA    . GLY D 3 12 ? 3.700   -0.049  7.875   1.00 55.34 ? 12  GLY D CA    1 
ATOM   899  C  C     . GLY D 3 12 ? 2.885   -1.267  7.398   1.00 55.07 ? 12  GLY D C     1 
ATOM   900  O  O     . GLY D 3 12 ? 2.592   -1.372  6.202   1.00 56.63 ? 12  GLY D O     1 
ATOM   901  N  N     . LYS D 3 13 ? 2.524   -2.197  8.284   1.00 52.66 ? 13  LYS D N     1 
ATOM   902  C  CA    . LYS D 3 13 ? 1.745   -3.362  7.834   1.00 51.33 ? 13  LYS D CA    1 
ATOM   903  C  C     . LYS D 3 13 ? 0.241   -3.189  7.911   1.00 49.26 ? 13  LYS D C     1 
ATOM   904  O  O     . LYS D 3 13 ? -0.283  -2.843  8.957   1.00 50.39 ? 13  LYS D O     1 
ATOM   905  C  CB    . LYS D 3 13 ? 2.085   -4.615  8.650   1.00 52.63 ? 13  LYS D CB    1 
ATOM   906  C  CG    . LYS D 3 13 ? 3.424   -5.287  8.340   1.00 56.13 ? 13  LYS D CG    1 
ATOM   907  C  CD    . LYS D 3 13 ? 3.394   -6.787  8.650   1.00 57.81 ? 13  LYS D CD    1 
ATOM   908  C  CE    . LYS D 3 13 ? 4.793   -7.290  9.043   1.00 61.11 ? 13  LYS D CE    1 
ATOM   909  N  NZ    . LYS D 3 13 ? 5.710   -7.594  7.889   1.00 61.18 ? 13  LYS D NZ    1 
ATOM   910  N  N     . PRO D 3 14 ? -0.479  -3.425  6.828   1.00 46.51 ? 14  PRO D N     1 
ATOM   911  C  CA    . PRO D 3 14 ? -1.929  -3.262  6.885   1.00 44.41 ? 14  PRO D CA    1 
ATOM   912  C  C     . PRO D 3 14 ? -2.422  -4.342  7.840   1.00 42.80 ? 14  PRO D C     1 
ATOM   913  O  O     . PRO D 3 14 ? -1.984  -5.480  7.736   1.00 42.02 ? 14  PRO D O     1 
ATOM   914  C  CB    . PRO D 3 14 ? -2.396  -3.553  5.461   1.00 44.38 ? 14  PRO D CB    1 
ATOM   915  C  CG    . PRO D 3 14 ? -1.209  -3.840  4.648   1.00 43.42 ? 14  PRO D CG    1 
ATOM   916  C  CD    . PRO D 3 14 ? -0.005  -3.857  5.506   1.00 46.01 ? 14  PRO D CD    1 
ATOM   917  N  N     . THR D 3 15 ? -3.300  -3.956  8.759   1.00 41.94 ? 15  THR D N     1 
ATOM   918  C  CA    . THR D 3 15 ? -3.909  -4.808  9.776   1.00 40.40 ? 15  THR D CA    1 
ATOM   919  C  C     . THR D 3 15 ? -5.382  -5.065  9.460   1.00 40.05 ? 15  THR D C     1 
ATOM   920  O  O     . THR D 3 15 ? -5.871  -4.697  8.405   1.00 39.62 ? 15  THR D O     1 
ATOM   921  C  CB    . THR D 3 15 ? -3.889  -4.063  11.089  1.00 40.03 ? 15  THR D CB    1 
ATOM   922  O  OG1   . THR D 3 15 ? -4.903  -3.048  11.035  1.00 41.43 ? 15  THR D OG1   1 
ATOM   923  C  CG2   . THR D 3 15 ? -2.617  -3.272  11.263  1.00 39.22 ? 15  THR D CG2   1 
ATOM   924  N  N     . LYS D 3 16 ? -6.098  -5.669  10.401  1.00 40.35 ? 16  LYS D N     1 
ATOM   925  C  CA    . LYS D 3 16 ? -7.506  -5.959  10.203  1.00 40.27 ? 16  LYS D CA    1 
ATOM   926  C  C     . LYS D 3 16 ? -8.307  -4.679  10.225  1.00 40.51 ? 16  LYS D C     1 
ATOM   927  O  O     . LYS D 3 16 ? -9.274  -4.554  9.466   1.00 40.80 ? 16  LYS D O     1 
ATOM   928  C  CB    . LYS D 3 16 ? -8.026  -6.907  11.267  1.00 40.16 ? 16  LYS D CB    1 
ATOM   929  N  N     . ARG D 3 17 ? -7.904  -3.724  11.073  1.00 40.46 ? 17  ARG D N     1 
ATOM   930  C  CA    . ARG D 3 17 ? -8.629  -2.448  11.157  1.00 40.68 ? 17  ARG D CA    1 
ATOM   931  C  C     . ARG D 3 17 ? -8.346  -1.590  9.956   1.00 40.21 ? 17  ARG D C     1 
ATOM   932  O  O     . ARG D 3 17 ? -9.270  -1.132  9.283   1.00 40.28 ? 17  ARG D O     1 
ATOM   933  C  CB    . ARG D 3 17 ? -8.364  -1.643  12.430  1.00 40.73 ? 17  ARG D CB    1 
ATOM   934  C  CG    . ARG D 3 17 ? -7.093  -1.931  13.131  1.00 41.73 ? 17  ARG D CG    1 
ATOM   935  C  CD    . ARG D 3 17 ? -6.696  -0.867  14.142  1.00 43.43 ? 17  ARG D CD    1 
ATOM   936  N  NE    . ARG D 3 17 ? -7.785  0.017   14.572  1.00 45.10 ? 17  ARG D NE    1 
ATOM   937  C  CZ    . ARG D 3 17 ? -8.567  -0.173  15.633  1.00 44.46 ? 17  ARG D CZ    1 
ATOM   938  N  NH1   . ARG D 3 17 ? -8.422  -1.253  16.399  1.00 44.97 ? 17  ARG D NH1   1 
ATOM   939  N  NH2   . ARG D 3 17 ? -9.502  0.724   15.923  1.00 42.26 ? 17  ARG D NH2   1 
ATOM   940  N  N     . SER D 3 18 ? -7.070  -1.378  9.679   1.00 39.55 ? 18  SER D N     1 
ATOM   941  C  CA    . SER D 3 18 ? -6.706  -0.563  8.541   1.00 39.06 ? 18  SER D CA    1 
ATOM   942  C  C     . SER D 3 18 ? -7.458  -1.052  7.305   1.00 39.31 ? 18  SER D C     1 
ATOM   943  O  O     . SER D 3 18 ? -8.164  -0.287  6.660   1.00 38.82 ? 18  SER D O     1 
ATOM   944  C  CB    . SER D 3 18 ? -5.206  -0.603  8.348   1.00 38.79 ? 18  SER D CB    1 
ATOM   945  O  OG    . SER D 3 18 ? -4.793  -1.690  7.542   1.00 39.43 ? 18  SER D OG    1 
ATOM   946  N  N     . GLN D 3 19 ? -7.345  -2.344  7.012   1.00 40.49 ? 19  GLN D N     1 
ATOM   947  C  CA    . GLN D 3 19 ? -8.010  -2.934  5.861   1.00 42.00 ? 19  GLN D CA    1 
ATOM   948  C  C     . GLN D 3 19 ? -9.522  -2.779  5.951   1.00 42.64 ? 19  GLN D C     1 
ATOM   949  O  O     . GLN D 3 19 ? -10.166 -2.391  4.958   1.00 43.39 ? 19  GLN D O     1 
ATOM   950  C  CB    . GLN D 3 19 ? -7.581  -4.380  5.676   1.00 43.12 ? 19  GLN D CB    1 
ATOM   951  C  CG    . GLN D 3 19 ? -6.154  -4.482  5.129   1.00 48.07 ? 19  GLN D CG    1 
ATOM   952  C  CD    . GLN D 3 19 ? -5.611  -5.917  4.967   1.00 51.02 ? 19  GLN D CD    1 
ATOM   953  O  OE1   . GLN D 3 19 ? -4.553  -6.093  4.366   1.00 53.27 ? 19  GLN D OE1   1 
ATOM   954  N  NE2   . GLN D 3 19 ? -6.310  -6.917  5.504   1.00 50.90 ? 19  GLN D NE2   1 
ATOM   955  N  N     . ASN D 3 20 ? -10.088 -3.052  7.134   1.00 41.72 ? 20  ASN D N     1 
ATOM   956  C  CA    . ASN D 3 20 ? -11.521 -2.932  7.307   1.00 40.48 ? 20  ASN D CA    1 
ATOM   957  C  C     . ASN D 3 20 ? -11.957 -1.507  6.981   1.00 39.34 ? 20  ASN D C     1 
ATOM   958  O  O     . ASN D 3 20 ? -12.934 -1.306  6.283   1.00 39.70 ? 20  ASN D O     1 
ATOM   959  C  CB    . ASN D 3 20 ? -11.946 -3.296  8.709   1.00 40.93 ? 20  ASN D CB    1 
ATOM   960  C  CG    . ASN D 3 20 ? -13.351 -2.819  9.019   1.00 44.03 ? 20  ASN D CG    1 
ATOM   961  O  OD1   . ASN D 3 20 ? -14.359 -3.353  8.513   1.00 43.19 ? 20  ASN D OD1   1 
ATOM   962  N  ND2   . ASN D 3 20 ? -13.431 -1.786  9.840   1.00 46.81 ? 20  ASN D ND2   1 
ATOM   963  N  N     . TYR D 3 21 ? -11.224 -0.522  7.483   1.00 38.01 ? 21  TYR D N     1 
ATOM   964  C  CA    . TYR D 3 21 ? -11.548 0.868   7.238   1.00 36.76 ? 21  TYR D CA    1 
ATOM   965  C  C     . TYR D 3 21 ? -11.580 1.092   5.732   1.00 37.02 ? 21  TYR D C     1 
ATOM   966  O  O     . TYR D 3 21 ? -12.572 1.543   5.171   1.00 36.53 ? 21  TYR D O     1 
ATOM   967  C  CB    . TYR D 3 21 ? -10.503 1.766   7.888   1.00 36.30 ? 21  TYR D CB    1 
ATOM   968  C  CG    . TYR D 3 21 ? -10.862 3.220   7.842   1.00 37.65 ? 21  TYR D CG    1 
ATOM   969  C  CD1   . TYR D 3 21 ? -11.464 3.846   8.936   1.00 38.57 ? 21  TYR D CD1   1 
ATOM   970  C  CD2   . TYR D 3 21 ? -10.620 3.980   6.707   1.00 38.35 ? 21  TYR D CD2   1 
ATOM   971  C  CE1   . TYR D 3 21 ? -11.819 5.188   8.898   1.00 37.33 ? 21  TYR D CE1   1 
ATOM   972  C  CE2   . TYR D 3 21 ? -10.971 5.323   6.662   1.00 37.81 ? 21  TYR D CE2   1 
ATOM   973  C  CZ    . TYR D 3 21 ? -11.567 5.913   7.758   1.00 37.98 ? 21  TYR D CZ    1 
ATOM   974  O  OH    . TYR D 3 21 ? -11.903 7.238   7.712   1.00 40.33 ? 21  TYR D OH    1 
ATOM   975  N  N     . ALA D 3 22 ? -10.493 0.721   5.073   1.00 38.25 ? 22  ALA D N     1 
ATOM   976  C  CA    . ALA D 3 22 ? -10.384 0.878   3.624   1.00 39.25 ? 22  ALA D CA    1 
ATOM   977  C  C     . ALA D 3 22 ? -11.459 0.175   2.850   1.00 39.60 ? 22  ALA D C     1 
ATOM   978  O  O     . ALA D 3 22 ? -11.909 0.684   1.832   1.00 39.68 ? 22  ALA D O     1 
ATOM   979  C  CB    . ALA D 3 22 ? -9.037  0.406   3.129   1.00 39.23 ? 22  ALA D CB    1 
ATOM   980  N  N     . ALA D 3 23 ? -11.842 -1.015  3.309   1.00 40.09 ? 23  ALA D N     1 
ATOM   981  C  CA    . ALA D 3 23 ? -12.878 -1.774  2.627   1.00 40.40 ? 23  ALA D CA    1 
ATOM   982  C  C     . ALA D 3 23 ? -14.181 -0.959  2.565   1.00 41.31 ? 23  ALA D C     1 
ATOM   983  O  O     . ALA D 3 23 ? -14.820 -0.874  1.509   1.00 41.62 ? 23  ALA D O     1 
ATOM   984  C  CB    . ALA D 3 23 ? -13.076 -3.118  3.295   1.00 39.92 ? 23  ALA D CB    1 
ATOM   985  N  N     . LEU D 3 24 ? -14.518 -0.323  3.689   1.00 41.35 ? 24  LEU D N     1 
ATOM   986  C  CA    . LEU D 3 24 ? -15.706 0.496   3.833   1.00 40.97 ? 24  LEU D CA    1 
ATOM   987  C  C     . LEU D 3 24 ? -15.562 1.830   3.146   1.00 42.54 ? 24  LEU D C     1 
ATOM   988  O  O     . LEU D 3 24 ? -16.555 2.476   2.837   1.00 42.43 ? 24  LEU D O     1 
ATOM   989  C  CB    . LEU D 3 24 ? -15.988 0.693   5.298   1.00 40.08 ? 24  LEU D CB    1 
ATOM   990  C  CG    . LEU D 3 24 ? -16.346 -0.622  5.985   1.00 38.91 ? 24  LEU D CG    1 
ATOM   991  C  CD1   . LEU D 3 24 ? -16.778 -0.347  7.378   1.00 37.41 ? 24  LEU D CD1   1 
ATOM   992  C  CD2   . LEU D 3 24 ? -17.452 -1.348  5.263   1.00 38.40 ? 24  LEU D CD2   1 
ATOM   993  N  N     . ARG D 3 25 ? -14.316 2.235   2.905   1.00 44.81 ? 25  ARG D N     1 
ATOM   994  C  CA    . ARG D 3 25 ? -13.997 3.511   2.243   1.00 46.34 ? 25  ARG D CA    1 
ATOM   995  C  C     . ARG D 3 25 ? -14.485 3.489   0.766   1.00 45.84 ? 25  ARG D C     1 
ATOM   996  O  O     . ARG D 3 25 ? -14.006 2.690   -0.051  1.00 45.60 ? 25  ARG D O     1 
ATOM   997  C  CB    . ARG D 3 25 ? -12.473 3.787   2.321   1.00 47.24 ? 25  ARG D CB    1 
ATOM   998  C  CG    . ARG D 3 25 ? -11.999 5.274   2.221   1.00 50.51 ? 25  ARG D CG    1 
ATOM   999  C  CD    . ARG D 3 25 ? -12.957 6.344   2.843   1.00 52.75 ? 25  ARG D CD    1 
ATOM   1000 N  NE    . ARG D 3 25 ? -12.543 7.739   2.622   1.00 53.30 ? 25  ARG D NE    1 
ATOM   1001 C  CZ    . ARG D 3 25 ? -12.517 8.689   3.564   1.00 53.27 ? 25  ARG D CZ    1 
ATOM   1002 N  NH1   . ARG D 3 25 ? -12.869 8.427   4.821   1.00 52.21 ? 25  ARG D NH1   1 
ATOM   1003 N  NH2   . ARG D 3 25 ? -12.128 9.916   3.247   1.00 54.30 ? 25  ARG D NH2   1 
ATOM   1004 N  N     . LYS D 3 26 ? -15.456 4.339   0.436   0.51 45.25 ? 26  LYS D N     1 
ATOM   1005 C  CA    . LYS D 3 26 ? -15.968 4.380   -0.930  0.51 44.87 ? 26  LYS D CA    1 
ATOM   1006 C  C     . LYS D 3 26 ? -15.055 5.250   -1.793  0.51 44.62 ? 26  LYS D C     1 
ATOM   1007 O  O     . LYS D 3 26 ? -14.166 4.751   -2.493  0.51 44.15 ? 26  LYS D O     1 
ATOM   1008 C  CB    . LYS D 3 26 ? -17.413 4.886   -0.964  0.51 44.94 ? 26  LYS D CB    1 
ATOM   1009 O  OXT   . LYS D 3 26 ? -15.165 6.477   -1.803  0.51 44.58 ? 26  LYS D OXT   1 
HETATM 1010 BR BR    . BR  E 4 .  ? 3.650   2.745   21.742  0.50 13.67 ? 1   BR  A BR    1 
HETATM 1011 O  O     . HOH F 5 .  ? -2.083  -23.901 6.561   1.00 13.22 ? 2   HOH A O     1 
HETATM 1012 O  O     . HOH F 5 .  ? 6.240   -13.663 1.483   1.00 28.36 ? 3   HOH A O     1 
HETATM 1013 O  O     . HOH F 5 .  ? 1.689   -22.150 12.289  1.00 29.11 ? 4   HOH A O     1 
HETATM 1014 O  O     . HOH F 5 .  ? 8.172   -19.230 0.884   1.00 62.34 ? 5   HOH A O     1 
HETATM 1015 O  O     . HOH G 5 .  ? -1.140  -4.443  24.026  1.00 30.91 ? 8   HOH B O     1 
HETATM 1016 O  O     . HOH H 5 .  ? -10.627 9.161   5.325   1.00 18.97 ? 27  HOH D O     1 
HETATM 1017 O  O     . HOH H 5 .  ? -15.374 5.277   4.928   1.00 30.03 ? 28  HOH D O     1 
# 
